data_6FGW
# 
_entry.id   6FGW 
# 
_audit_conform.dict_name       mmcif_pdbx.dic 
_audit_conform.dict_version    5.383 
_audit_conform.dict_location   http://mmcif.pdb.org/dictionaries/ascii/mmcif_pdbx.dic 
# 
loop_
_database_2.database_id 
_database_2.database_code 
_database_2.pdbx_database_accession 
_database_2.pdbx_DOI 
PDB   6FGW         pdb_00006fgw 10.2210/pdb6fgw/pdb 
WWPDB D_1200008214 ?            ?                   
# 
loop_
_pdbx_audit_revision_history.ordinal 
_pdbx_audit_revision_history.data_content_type 
_pdbx_audit_revision_history.major_revision 
_pdbx_audit_revision_history.minor_revision 
_pdbx_audit_revision_history.revision_date 
1 'Structure model' 1 0 2018-05-30 
2 'Structure model' 1 1 2018-08-29 
3 'Structure model' 1 2 2024-01-17 
# 
_pdbx_audit_revision_details.ordinal             1 
_pdbx_audit_revision_details.revision_ordinal    1 
_pdbx_audit_revision_details.data_content_type   'Structure model' 
_pdbx_audit_revision_details.provider            repository 
_pdbx_audit_revision_details.type                'Initial release' 
_pdbx_audit_revision_details.description         ? 
_pdbx_audit_revision_details.details             ? 
# 
loop_
_pdbx_audit_revision_group.ordinal 
_pdbx_audit_revision_group.revision_ordinal 
_pdbx_audit_revision_group.data_content_type 
_pdbx_audit_revision_group.group 
1 2 'Structure model' 'Data collection'        
2 2 'Structure model' 'Database references'    
3 3 'Structure model' 'Data collection'        
4 3 'Structure model' 'Database references'    
5 3 'Structure model' 'Refinement description' 
# 
loop_
_pdbx_audit_revision_category.ordinal 
_pdbx_audit_revision_category.revision_ordinal 
_pdbx_audit_revision_category.data_content_type 
_pdbx_audit_revision_category.category 
1 2 'Structure model' citation                      
2 2 'Structure model' citation_author               
3 3 'Structure model' chem_comp_atom                
4 3 'Structure model' chem_comp_bond                
5 3 'Structure model' database_2                    
6 3 'Structure model' pdbx_initial_refinement_model 
# 
loop_
_pdbx_audit_revision_item.ordinal 
_pdbx_audit_revision_item.revision_ordinal 
_pdbx_audit_revision_item.data_content_type 
_pdbx_audit_revision_item.item 
1 2 'Structure model' '_citation.journal_volume'            
2 2 'Structure model' '_citation.page_first'                
3 2 'Structure model' '_citation.page_last'                 
4 2 'Structure model' '_citation.title'                     
5 2 'Structure model' '_citation_author.identifier_ORCID'   
6 3 'Structure model' '_database_2.pdbx_DOI'                
7 3 'Structure model' '_database_2.pdbx_database_accession' 
# 
_pdbx_database_status.status_code                     REL 
_pdbx_database_status.status_code_sf                  REL 
_pdbx_database_status.status_code_mr                  ? 
_pdbx_database_status.entry_id                        6FGW 
_pdbx_database_status.recvd_initial_deposition_date   2018-01-11 
_pdbx_database_status.SG_entry                        N 
_pdbx_database_status.deposit_site                    PDBE 
_pdbx_database_status.process_site                    PDBE 
_pdbx_database_status.status_code_cs                  ? 
_pdbx_database_status.methods_development_category    ? 
_pdbx_database_status.pdb_format_compatible           Y 
_pdbx_database_status.status_code_nmr_data            ? 
# 
loop_
_pdbx_database_related.db_name 
_pdbx_database_related.details 
_pdbx_database_related.db_id 
_pdbx_database_related.content_type 
PDB . 6FG6 unspecified 
PDB . 6FGF unspecified 
PDB . 6FGG unspecified 
PDB . 6FGH unspecified 
PDB . 6FGI unspecified 
PDB . 6FGT unspecified 
PDB . 6FGU unspecified 
PDB . 6FGV unspecified 
# 
loop_
_audit_author.name 
_audit_author.pdbx_ordinal 
_audit_author.identifier_ORCID 
'Dalle Vedove, A.'   1 0000-0001-5127-7737 
'Spiliotopoulos, D.' 2 ?                   
'Lolli, G.'          3 ?                   
'Caflisch, A.'       4 ?                   
# 
_citation.abstract                  ? 
_citation.abstract_id_CAS           ? 
_citation.book_id_ISBN              ? 
_citation.book_publisher            ? 
_citation.book_publisher_city       ? 
_citation.book_title                ? 
_citation.coordinate_linkage        ? 
_citation.country                   DE 
_citation.database_id_Medline       ? 
_citation.details                   ? 
_citation.id                        primary 
_citation.journal_abbrev            ChemMedChem 
_citation.journal_id_ASTM           ? 
_citation.journal_id_CSD            ? 
_citation.journal_id_ISSN           1860-7187 
_citation.journal_full              ? 
_citation.journal_issue             ? 
_citation.journal_volume            13 
_citation.language                  ? 
_citation.page_first                1479 
_citation.page_last                 1487 
_citation.title                     'Structural Analysis of Small-Molecule Binding to the BAZ2A and BAZ2B Bromodomains.' 
_citation.year                      2018 
_citation.database_id_CSD           ? 
_citation.pdbx_database_id_DOI      10.1002/cmdc.201800234 
_citation.pdbx_database_id_PubMed   29770599 
_citation.unpublished_flag          ? 
# 
loop_
_citation_author.citation_id 
_citation_author.name 
_citation_author.ordinal 
_citation_author.identifier_ORCID 
primary 'Dalle Vedove, A.'   1 ?                   
primary 'Spiliotopoulos, D.' 2 ?                   
primary 
;D'Agostino, V.G.
;
3 ?                   
primary 'Marchand, J.R.'     4 ?                   
primary 'Unzue, A.'          5 ?                   
primary 'Nevado, C.'         6 ?                   
primary 'Lolli, G.'          7 0000-0002-8536-5599 
primary 'Caflisch, A.'       8 ?                   
# 
loop_
_entity.id 
_entity.type 
_entity.src_method 
_entity.pdbx_description 
_entity.formula_weight 
_entity.pdbx_number_of_molecules 
_entity.pdbx_ec 
_entity.pdbx_mutation 
_entity.pdbx_fragment 
_entity.details 
1 polymer     man 'Bromodomain adjacent to zinc finger domain protein 2A'                        12509.048 1  ? ? ? ? 
2 non-polymer syn '1-methyl-6-oxidanylidene-~{N}-(2-pyrrolidin-1-ylethyl)pyridine-3-carboxamide' 249.309   1  ? ? ? ? 
3 water       nat water                                                                          18.015    13 ? ? ? ? 
# 
_entity_name_com.entity_id   1 
_entity_name_com.name        'Transcription termination factor I-interacting protein 5,Tip5,hWALp3' 
# 
_entity_poly.entity_id                      1 
_entity_poly.type                           'polypeptide(L)' 
_entity_poly.nstd_linkage                   no 
_entity_poly.nstd_monomer                   no 
_entity_poly.pdbx_seq_one_letter_code       
;SMHSDLTFCEIILMEMESHDAAWPFLEPVNPRLVSGYRRIIKNPMDFSTMRERLLRGGYTSSEEFAADALLVFDNCQTFN
EDDSEVGKAGHIMRRFFESRWEEFYQ
;
_entity_poly.pdbx_seq_one_letter_code_can   
;SMHSDLTFCEIILMEMESHDAAWPFLEPVNPRLVSGYRRIIKNPMDFSTMRERLLRGGYTSSEEFAADALLVFDNCQTFN
EDDSEVGKAGHIMRRFFESRWEEFYQ
;
_entity_poly.pdbx_strand_id                 A 
_entity_poly.pdbx_target_identifier         ? 
# 
loop_
_pdbx_entity_nonpoly.entity_id 
_pdbx_entity_nonpoly.name 
_pdbx_entity_nonpoly.comp_id 
2 '1-methyl-6-oxidanylidene-~{N}-(2-pyrrolidin-1-ylethyl)pyridine-3-carboxamide' D9Q 
3 water                                                                          HOH 
# 
loop_
_entity_poly_seq.entity_id 
_entity_poly_seq.num 
_entity_poly_seq.mon_id 
_entity_poly_seq.hetero 
1 1   SER n 
1 2   MET n 
1 3   HIS n 
1 4   SER n 
1 5   ASP n 
1 6   LEU n 
1 7   THR n 
1 8   PHE n 
1 9   CYS n 
1 10  GLU n 
1 11  ILE n 
1 12  ILE n 
1 13  LEU n 
1 14  MET n 
1 15  GLU n 
1 16  MET n 
1 17  GLU n 
1 18  SER n 
1 19  HIS n 
1 20  ASP n 
1 21  ALA n 
1 22  ALA n 
1 23  TRP n 
1 24  PRO n 
1 25  PHE n 
1 26  LEU n 
1 27  GLU n 
1 28  PRO n 
1 29  VAL n 
1 30  ASN n 
1 31  PRO n 
1 32  ARG n 
1 33  LEU n 
1 34  VAL n 
1 35  SER n 
1 36  GLY n 
1 37  TYR n 
1 38  ARG n 
1 39  ARG n 
1 40  ILE n 
1 41  ILE n 
1 42  LYS n 
1 43  ASN n 
1 44  PRO n 
1 45  MET n 
1 46  ASP n 
1 47  PHE n 
1 48  SER n 
1 49  THR n 
1 50  MET n 
1 51  ARG n 
1 52  GLU n 
1 53  ARG n 
1 54  LEU n 
1 55  LEU n 
1 56  ARG n 
1 57  GLY n 
1 58  GLY n 
1 59  TYR n 
1 60  THR n 
1 61  SER n 
1 62  SER n 
1 63  GLU n 
1 64  GLU n 
1 65  PHE n 
1 66  ALA n 
1 67  ALA n 
1 68  ASP n 
1 69  ALA n 
1 70  LEU n 
1 71  LEU n 
1 72  VAL n 
1 73  PHE n 
1 74  ASP n 
1 75  ASN n 
1 76  CYS n 
1 77  GLN n 
1 78  THR n 
1 79  PHE n 
1 80  ASN n 
1 81  GLU n 
1 82  ASP n 
1 83  ASP n 
1 84  SER n 
1 85  GLU n 
1 86  VAL n 
1 87  GLY n 
1 88  LYS n 
1 89  ALA n 
1 90  GLY n 
1 91  HIS n 
1 92  ILE n 
1 93  MET n 
1 94  ARG n 
1 95  ARG n 
1 96  PHE n 
1 97  PHE n 
1 98  GLU n 
1 99  SER n 
1 100 ARG n 
1 101 TRP n 
1 102 GLU n 
1 103 GLU n 
1 104 PHE n 
1 105 TYR n 
1 106 GLN n 
# 
_entity_src_gen.entity_id                          1 
_entity_src_gen.pdbx_src_id                        1 
_entity_src_gen.pdbx_alt_source_flag               sample 
_entity_src_gen.pdbx_seq_type                      'Biological sequence' 
_entity_src_gen.pdbx_beg_seq_num                   1 
_entity_src_gen.pdbx_end_seq_num                   106 
_entity_src_gen.gene_src_common_name               Human 
_entity_src_gen.gene_src_genus                     ? 
_entity_src_gen.pdbx_gene_src_gene                 'BAZ2A, KIAA0314, TIP5' 
_entity_src_gen.gene_src_species                   ? 
_entity_src_gen.gene_src_strain                    ? 
_entity_src_gen.gene_src_tissue                    ? 
_entity_src_gen.gene_src_tissue_fraction           ? 
_entity_src_gen.gene_src_details                   ? 
_entity_src_gen.pdbx_gene_src_fragment             ? 
_entity_src_gen.pdbx_gene_src_scientific_name      'Homo sapiens' 
_entity_src_gen.pdbx_gene_src_ncbi_taxonomy_id     9606 
_entity_src_gen.pdbx_gene_src_variant              ? 
_entity_src_gen.pdbx_gene_src_cell_line            ? 
_entity_src_gen.pdbx_gene_src_atcc                 ? 
_entity_src_gen.pdbx_gene_src_organ                ? 
_entity_src_gen.pdbx_gene_src_organelle            ? 
_entity_src_gen.pdbx_gene_src_cell                 ? 
_entity_src_gen.pdbx_gene_src_cellular_location    ? 
_entity_src_gen.host_org_common_name               ? 
_entity_src_gen.pdbx_host_org_scientific_name      'Escherichia coli' 
_entity_src_gen.pdbx_host_org_ncbi_taxonomy_id     562 
_entity_src_gen.host_org_genus                     ? 
_entity_src_gen.pdbx_host_org_gene                 ? 
_entity_src_gen.pdbx_host_org_organ                ? 
_entity_src_gen.host_org_species                   ? 
_entity_src_gen.pdbx_host_org_tissue               ? 
_entity_src_gen.pdbx_host_org_tissue_fraction      ? 
_entity_src_gen.pdbx_host_org_strain               ? 
_entity_src_gen.pdbx_host_org_variant              ? 
_entity_src_gen.pdbx_host_org_cell_line            ? 
_entity_src_gen.pdbx_host_org_atcc                 ? 
_entity_src_gen.pdbx_host_org_culture_collection   ? 
_entity_src_gen.pdbx_host_org_cell                 ? 
_entity_src_gen.pdbx_host_org_organelle            ? 
_entity_src_gen.pdbx_host_org_cellular_location    ? 
_entity_src_gen.pdbx_host_org_vector_type          ? 
_entity_src_gen.pdbx_host_org_vector               ? 
_entity_src_gen.host_org_details                   ? 
_entity_src_gen.expression_system_id               ? 
_entity_src_gen.plasmid_name                       ? 
_entity_src_gen.plasmid_details                    ? 
_entity_src_gen.pdbx_description                   ? 
# 
loop_
_chem_comp.id 
_chem_comp.type 
_chem_comp.mon_nstd_flag 
_chem_comp.name 
_chem_comp.pdbx_synonyms 
_chem_comp.formula 
_chem_comp.formula_weight 
ALA 'L-peptide linking' y ALANINE                                                                        ? 'C3 H7 N O2'     89.093 
ARG 'L-peptide linking' y ARGININE                                                                       ? 'C6 H15 N4 O2 1' 
175.209 
ASN 'L-peptide linking' y ASPARAGINE                                                                     ? 'C4 H8 N2 O3'    
132.118 
ASP 'L-peptide linking' y 'ASPARTIC ACID'                                                                ? 'C4 H7 N O4'     
133.103 
CYS 'L-peptide linking' y CYSTEINE                                                                       ? 'C3 H7 N O2 S'   
121.158 
D9Q non-polymer         . '1-methyl-6-oxidanylidene-~{N}-(2-pyrrolidin-1-ylethyl)pyridine-3-carboxamide' ? 'C13 H19 N3 O2'  
249.309 
GLN 'L-peptide linking' y GLUTAMINE                                                                      ? 'C5 H10 N2 O3'   
146.144 
GLU 'L-peptide linking' y 'GLUTAMIC ACID'                                                                ? 'C5 H9 N O4'     
147.129 
GLY 'peptide linking'   y GLYCINE                                                                        ? 'C2 H5 N O2'     75.067 
HIS 'L-peptide linking' y HISTIDINE                                                                      ? 'C6 H10 N3 O2 1' 
156.162 
HOH non-polymer         . WATER                                                                          ? 'H2 O'           18.015 
ILE 'L-peptide linking' y ISOLEUCINE                                                                     ? 'C6 H13 N O2'    
131.173 
LEU 'L-peptide linking' y LEUCINE                                                                        ? 'C6 H13 N O2'    
131.173 
LYS 'L-peptide linking' y LYSINE                                                                         ? 'C6 H15 N2 O2 1' 
147.195 
MET 'L-peptide linking' y METHIONINE                                                                     ? 'C5 H11 N O2 S'  
149.211 
PHE 'L-peptide linking' y PHENYLALANINE                                                                  ? 'C9 H11 N O2'    
165.189 
PRO 'L-peptide linking' y PROLINE                                                                        ? 'C5 H9 N O2'     
115.130 
SER 'L-peptide linking' y SERINE                                                                         ? 'C3 H7 N O3'     
105.093 
THR 'L-peptide linking' y THREONINE                                                                      ? 'C4 H9 N O3'     
119.119 
TRP 'L-peptide linking' y TRYPTOPHAN                                                                     ? 'C11 H12 N2 O2'  
204.225 
TYR 'L-peptide linking' y TYROSINE                                                                       ? 'C9 H11 N O3'    
181.189 
VAL 'L-peptide linking' y VALINE                                                                         ? 'C5 H11 N O2'    
117.146 
# 
loop_
_pdbx_poly_seq_scheme.asym_id 
_pdbx_poly_seq_scheme.entity_id 
_pdbx_poly_seq_scheme.seq_id 
_pdbx_poly_seq_scheme.mon_id 
_pdbx_poly_seq_scheme.ndb_seq_num 
_pdbx_poly_seq_scheme.pdb_seq_num 
_pdbx_poly_seq_scheme.auth_seq_num 
_pdbx_poly_seq_scheme.pdb_mon_id 
_pdbx_poly_seq_scheme.auth_mon_id 
_pdbx_poly_seq_scheme.pdb_strand_id 
_pdbx_poly_seq_scheme.pdb_ins_code 
_pdbx_poly_seq_scheme.hetero 
A 1 1   SER 1   1794 ?    ?   ?   A . n 
A 1 2   MET 2   1795 ?    ?   ?   A . n 
A 1 3   HIS 3   1796 1796 HIS HIS A . n 
A 1 4   SER 4   1797 1797 SER SER A . n 
A 1 5   ASP 5   1798 1798 ASP ASP A . n 
A 1 6   LEU 6   1799 1799 LEU LEU A . n 
A 1 7   THR 7   1800 1800 THR THR A . n 
A 1 8   PHE 8   1801 1801 PHE PHE A . n 
A 1 9   CYS 9   1802 1802 CYS CYS A . n 
A 1 10  GLU 10  1803 1803 GLU GLU A . n 
A 1 11  ILE 11  1804 1804 ILE ILE A . n 
A 1 12  ILE 12  1805 1805 ILE ILE A . n 
A 1 13  LEU 13  1806 1806 LEU LEU A . n 
A 1 14  MET 14  1807 1807 MET MET A . n 
A 1 15  GLU 15  1808 1808 GLU GLU A . n 
A 1 16  MET 16  1809 1809 MET MET A . n 
A 1 17  GLU 17  1810 1810 GLU GLU A . n 
A 1 18  SER 18  1811 1811 SER SER A . n 
A 1 19  HIS 19  1812 1812 HIS HIS A . n 
A 1 20  ASP 20  1813 1813 ASP ASP A . n 
A 1 21  ALA 21  1814 1814 ALA ALA A . n 
A 1 22  ALA 22  1815 1815 ALA ALA A . n 
A 1 23  TRP 23  1816 1816 TRP TRP A . n 
A 1 24  PRO 24  1817 1817 PRO PRO A . n 
A 1 25  PHE 25  1818 1818 PHE PHE A . n 
A 1 26  LEU 26  1819 1819 LEU LEU A . n 
A 1 27  GLU 27  1820 1820 GLU GLU A . n 
A 1 28  PRO 28  1821 1821 PRO PRO A . n 
A 1 29  VAL 29  1822 1822 VAL VAL A . n 
A 1 30  ASN 30  1823 1823 ASN ASN A . n 
A 1 31  PRO 31  1824 1824 PRO PRO A . n 
A 1 32  ARG 32  1825 1825 ARG ARG A . n 
A 1 33  LEU 33  1826 1826 LEU LEU A . n 
A 1 34  VAL 34  1827 1827 VAL VAL A . n 
A 1 35  SER 35  1828 1828 SER SER A . n 
A 1 36  GLY 36  1829 1829 GLY GLY A . n 
A 1 37  TYR 37  1830 1830 TYR TYR A . n 
A 1 38  ARG 38  1831 1831 ARG ARG A . n 
A 1 39  ARG 39  1832 1832 ARG ARG A . n 
A 1 40  ILE 40  1833 1833 ILE ILE A . n 
A 1 41  ILE 41  1834 1834 ILE ILE A . n 
A 1 42  LYS 42  1835 1835 LYS LYS A . n 
A 1 43  ASN 43  1836 1836 ASN ASN A . n 
A 1 44  PRO 44  1837 1837 PRO PRO A . n 
A 1 45  MET 45  1838 1838 MET MET A . n 
A 1 46  ASP 46  1839 1839 ASP ASP A . n 
A 1 47  PHE 47  1840 1840 PHE PHE A . n 
A 1 48  SER 48  1841 1841 SER SER A . n 
A 1 49  THR 49  1842 1842 THR THR A . n 
A 1 50  MET 50  1843 1843 MET MET A . n 
A 1 51  ARG 51  1844 1844 ARG ARG A . n 
A 1 52  GLU 52  1845 1845 GLU GLU A . n 
A 1 53  ARG 53  1846 1846 ARG ARG A . n 
A 1 54  LEU 54  1847 1847 LEU LEU A . n 
A 1 55  LEU 55  1848 1848 LEU LEU A . n 
A 1 56  ARG 56  1849 1849 ARG ARG A . n 
A 1 57  GLY 57  1850 1850 GLY GLY A . n 
A 1 58  GLY 58  1851 1851 GLY GLY A . n 
A 1 59  TYR 59  1852 1852 TYR TYR A . n 
A 1 60  THR 60  1853 1853 THR THR A . n 
A 1 61  SER 61  1854 1854 SER SER A . n 
A 1 62  SER 62  1855 1855 SER SER A . n 
A 1 63  GLU 63  1856 1856 GLU GLU A . n 
A 1 64  GLU 64  1857 1857 GLU GLU A . n 
A 1 65  PHE 65  1858 1858 PHE PHE A . n 
A 1 66  ALA 66  1859 1859 ALA ALA A . n 
A 1 67  ALA 67  1860 1860 ALA ALA A . n 
A 1 68  ASP 68  1861 1861 ASP ASP A . n 
A 1 69  ALA 69  1862 1862 ALA ALA A . n 
A 1 70  LEU 70  1863 1863 LEU LEU A . n 
A 1 71  LEU 71  1864 1864 LEU LEU A . n 
A 1 72  VAL 72  1865 1865 VAL VAL A . n 
A 1 73  PHE 73  1866 1866 PHE PHE A . n 
A 1 74  ASP 74  1867 1867 ASP ASP A . n 
A 1 75  ASN 75  1868 1868 ASN ASN A . n 
A 1 76  CYS 76  1869 1869 CYS CYS A . n 
A 1 77  GLN 77  1870 1870 GLN GLN A . n 
A 1 78  THR 78  1871 1871 THR THR A . n 
A 1 79  PHE 79  1872 1872 PHE PHE A . n 
A 1 80  ASN 80  1873 1873 ASN ASN A . n 
A 1 81  GLU 81  1874 1874 GLU GLU A . n 
A 1 82  ASP 82  1875 1875 ASP ASP A . n 
A 1 83  ASP 83  1876 1876 ASP ASP A . n 
A 1 84  SER 84  1877 1877 SER SER A . n 
A 1 85  GLU 85  1878 1878 GLU GLU A . n 
A 1 86  VAL 86  1879 1879 VAL VAL A . n 
A 1 87  GLY 87  1880 1880 GLY GLY A . n 
A 1 88  LYS 88  1881 1881 LYS LYS A . n 
A 1 89  ALA 89  1882 1882 ALA ALA A . n 
A 1 90  GLY 90  1883 1883 GLY GLY A . n 
A 1 91  HIS 91  1884 1884 HIS HIS A . n 
A 1 92  ILE 92  1885 1885 ILE ILE A . n 
A 1 93  MET 93  1886 1886 MET MET A . n 
A 1 94  ARG 94  1887 1887 ARG ARG A . n 
A 1 95  ARG 95  1888 1888 ARG ARG A . n 
A 1 96  PHE 96  1889 1889 PHE PHE A . n 
A 1 97  PHE 97  1890 1890 PHE PHE A . n 
A 1 98  GLU 98  1891 1891 GLU GLU A . n 
A 1 99  SER 99  1892 1892 SER SER A . n 
A 1 100 ARG 100 1893 1893 ARG ARG A . n 
A 1 101 TRP 101 1894 1894 TRP TRP A . n 
A 1 102 GLU 102 1895 1895 GLU GLU A . n 
A 1 103 GLU 103 1896 1896 GLU GLU A . n 
A 1 104 PHE 104 1897 1897 PHE PHE A . n 
A 1 105 TYR 105 1898 1898 TYR TYR A . n 
A 1 106 GLN 106 1899 ?    ?   ?   A . n 
# 
loop_
_pdbx_nonpoly_scheme.asym_id 
_pdbx_nonpoly_scheme.entity_id 
_pdbx_nonpoly_scheme.mon_id 
_pdbx_nonpoly_scheme.ndb_seq_num 
_pdbx_nonpoly_scheme.pdb_seq_num 
_pdbx_nonpoly_scheme.auth_seq_num 
_pdbx_nonpoly_scheme.pdb_mon_id 
_pdbx_nonpoly_scheme.auth_mon_id 
_pdbx_nonpoly_scheme.pdb_strand_id 
_pdbx_nonpoly_scheme.pdb_ins_code 
B 2 D9Q 1  1901 1  D9Q LIG A . 
C 3 HOH 1  2001 8  HOH HOH A . 
C 3 HOH 2  2002 1  HOH HOH A . 
C 3 HOH 3  2003 10 HOH HOH A . 
C 3 HOH 4  2004 4  HOH HOH A . 
C 3 HOH 5  2005 13 HOH HOH A . 
C 3 HOH 6  2006 2  HOH HOH A . 
C 3 HOH 7  2007 5  HOH HOH A . 
C 3 HOH 8  2008 9  HOH HOH A . 
C 3 HOH 9  2009 12 HOH HOH A . 
C 3 HOH 10 2010 7  HOH HOH A . 
C 3 HOH 11 2011 6  HOH HOH A . 
C 3 HOH 12 2012 14 HOH HOH A . 
C 3 HOH 13 2013 11 HOH HOH A . 
# 
loop_
_software.citation_id 
_software.classification 
_software.compiler_name 
_software.compiler_version 
_software.contact_author 
_software.contact_author_email 
_software.date 
_software.description 
_software.dependencies 
_software.hardware 
_software.language 
_software.location 
_software.mods 
_software.name 
_software.os 
_software.os_version 
_software.type 
_software.version 
_software.pdbx_ordinal 
? refinement       ? ? ? ? ? ? ? ? ? ? ? PHENIX  ? ? ? '(1.12_2829: ???)' 1 
? 'data reduction' ? ? ? ? ? ? ? ? ? ? ? XDS     ? ? ? .                  2 
? 'data scaling'   ? ? ? ? ? ? ? ? ? ? ? Aimless ? ? ? .                  3 
? phasing          ? ? ? ? ? ? ? ? ? ? ? PHASER  ? ? ? .                  4 
# 
_cell.angle_alpha                  90.00 
_cell.angle_alpha_esd              ? 
_cell.angle_beta                   90.00 
_cell.angle_beta_esd               ? 
_cell.angle_gamma                  120.00 
_cell.angle_gamma_esd              ? 
_cell.entry_id                     6FGW 
_cell.details                      ? 
_cell.formula_units_Z              ? 
_cell.length_a                     94.829 
_cell.length_a_esd                 ? 
_cell.length_b                     94.829 
_cell.length_b_esd                 ? 
_cell.length_c                     32.738 
_cell.length_c_esd                 ? 
_cell.volume                       ? 
_cell.volume_esd                   ? 
_cell.Z_PDB                        6 
_cell.reciprocal_angle_alpha       ? 
_cell.reciprocal_angle_beta        ? 
_cell.reciprocal_angle_gamma       ? 
_cell.reciprocal_angle_alpha_esd   ? 
_cell.reciprocal_angle_beta_esd    ? 
_cell.reciprocal_angle_gamma_esd   ? 
_cell.reciprocal_length_a          ? 
_cell.reciprocal_length_b          ? 
_cell.reciprocal_length_c          ? 
_cell.reciprocal_length_a_esd      ? 
_cell.reciprocal_length_b_esd      ? 
_cell.reciprocal_length_c_esd      ? 
_cell.pdbx_unique_axis             ? 
# 
_symmetry.entry_id                         6FGW 
_symmetry.cell_setting                     ? 
_symmetry.Int_Tables_number                152 
_symmetry.space_group_name_Hall            ? 
_symmetry.space_group_name_H-M             'P 31 2 1' 
_symmetry.pdbx_full_space_group_name_H-M   ? 
# 
_exptl.absorpt_coefficient_mu     ? 
_exptl.absorpt_correction_T_max   ? 
_exptl.absorpt_correction_T_min   ? 
_exptl.absorpt_correction_type    ? 
_exptl.absorpt_process_details    ? 
_exptl.entry_id                   6FGW 
_exptl.crystals_number            1 
_exptl.details                    ? 
_exptl.method                     'X-RAY DIFFRACTION' 
_exptl.method_details             ? 
# 
_exptl_crystal.colour                      ? 
_exptl_crystal.density_diffrn              ? 
_exptl_crystal.density_Matthews            3.40 
_exptl_crystal.density_method              ? 
_exptl_crystal.density_percent_sol         63.79 
_exptl_crystal.description                 ? 
_exptl_crystal.F_000                       ? 
_exptl_crystal.id                          1 
_exptl_crystal.preparation                 ? 
_exptl_crystal.size_max                    ? 
_exptl_crystal.size_mid                    ? 
_exptl_crystal.size_min                    ? 
_exptl_crystal.size_rad                    ? 
_exptl_crystal.colour_lustre               ? 
_exptl_crystal.colour_modifier             ? 
_exptl_crystal.colour_primary              ? 
_exptl_crystal.density_meas                ? 
_exptl_crystal.density_meas_esd            ? 
_exptl_crystal.density_meas_gt             ? 
_exptl_crystal.density_meas_lt             ? 
_exptl_crystal.density_meas_temp           ? 
_exptl_crystal.density_meas_temp_esd       ? 
_exptl_crystal.density_meas_temp_gt        ? 
_exptl_crystal.density_meas_temp_lt        ? 
_exptl_crystal.pdbx_crystal_image_url      ? 
_exptl_crystal.pdbx_crystal_image_format   ? 
_exptl_crystal.pdbx_mosaicity              ? 
_exptl_crystal.pdbx_mosaicity_esd          ? 
# 
_exptl_crystal_grow.apparatus       ? 
_exptl_crystal_grow.atmosphere      ? 
_exptl_crystal_grow.crystal_id      1 
_exptl_crystal_grow.details         ? 
_exptl_crystal_grow.method          'VAPOR DIFFUSION, SITTING DROP' 
_exptl_crystal_grow.method_ref      ? 
_exptl_crystal_grow.pH              ? 
_exptl_crystal_grow.pressure        ? 
_exptl_crystal_grow.pressure_esd    ? 
_exptl_crystal_grow.seeding         ? 
_exptl_crystal_grow.seeding_ref     ? 
_exptl_crystal_grow.temp            277 
_exptl_crystal_grow.temp_details    ? 
_exptl_crystal_grow.temp_esd        ? 
_exptl_crystal_grow.time            ? 
_exptl_crystal_grow.pdbx_details    '20% PEG3350, 0.2 M MgCl2' 
_exptl_crystal_grow.pdbx_pH_range   ? 
# 
_diffrn.ambient_environment    ? 
_diffrn.ambient_temp           100 
_diffrn.ambient_temp_details   ? 
_diffrn.ambient_temp_esd       ? 
_diffrn.crystal_id             1 
_diffrn.crystal_support        ? 
_diffrn.crystal_treatment      ? 
_diffrn.details                ? 
_diffrn.id                     1 
_diffrn.ambient_pressure       ? 
_diffrn.ambient_pressure_esd   ? 
_diffrn.ambient_pressure_gt    ? 
_diffrn.ambient_pressure_lt    ? 
_diffrn.ambient_temp_gt        ? 
_diffrn.ambient_temp_lt        ? 
# 
_diffrn_detector.details                      ? 
_diffrn_detector.detector                     PIXEL 
_diffrn_detector.diffrn_id                    1 
_diffrn_detector.type                         'DECTRIS PILATUS 2M' 
_diffrn_detector.area_resol_mean              ? 
_diffrn_detector.dtime                        ? 
_diffrn_detector.pdbx_frames_total            ? 
_diffrn_detector.pdbx_collection_time_total   ? 
_diffrn_detector.pdbx_collection_date         2017-07-05 
# 
_diffrn_radiation.collimation                      ? 
_diffrn_radiation.diffrn_id                        1 
_diffrn_radiation.filter_edge                      ? 
_diffrn_radiation.inhomogeneity                    ? 
_diffrn_radiation.monochromator                    ? 
_diffrn_radiation.polarisn_norm                    ? 
_diffrn_radiation.polarisn_ratio                   ? 
_diffrn_radiation.probe                            ? 
_diffrn_radiation.type                             ? 
_diffrn_radiation.xray_symbol                      ? 
_diffrn_radiation.wavelength_id                    1 
_diffrn_radiation.pdbx_monochromatic_or_laue_m_l   M 
_diffrn_radiation.pdbx_wavelength_list             ? 
_diffrn_radiation.pdbx_wavelength                  ? 
_diffrn_radiation.pdbx_diffrn_protocol             'SINGLE WAVELENGTH' 
_diffrn_radiation.pdbx_analyzer                    ? 
_diffrn_radiation.pdbx_scattering_type             x-ray 
# 
_diffrn_radiation_wavelength.id           1 
_diffrn_radiation_wavelength.wavelength   1.0 
_diffrn_radiation_wavelength.wt           1.0 
# 
_diffrn_source.current                     ? 
_diffrn_source.details                     ? 
_diffrn_source.diffrn_id                   1 
_diffrn_source.power                       ? 
_diffrn_source.size                        ? 
_diffrn_source.source                      SYNCHROTRON 
_diffrn_source.target                      ? 
_diffrn_source.type                        'ELETTRA BEAMLINE 5.2R' 
_diffrn_source.voltage                     ? 
_diffrn_source.take-off_angle              ? 
_diffrn_source.pdbx_wavelength_list        1.0 
_diffrn_source.pdbx_wavelength             ? 
_diffrn_source.pdbx_synchrotron_beamline   5.2R 
_diffrn_source.pdbx_synchrotron_site       ELETTRA 
# 
_reflns.B_iso_Wilson_estimate            ? 
_reflns.entry_id                         6FGW 
_reflns.data_reduction_details           ? 
_reflns.data_reduction_method            ? 
_reflns.d_resolution_high                2.72 
_reflns.d_resolution_low                 47.41 
_reflns.details                          ? 
_reflns.limit_h_max                      ? 
_reflns.limit_h_min                      ? 
_reflns.limit_k_max                      ? 
_reflns.limit_k_min                      ? 
_reflns.limit_l_max                      ? 
_reflns.limit_l_min                      ? 
_reflns.number_all                       ? 
_reflns.number_obs                       4682 
_reflns.observed_criterion               ? 
_reflns.observed_criterion_F_max         ? 
_reflns.observed_criterion_F_min         ? 
_reflns.observed_criterion_I_max         ? 
_reflns.observed_criterion_I_min         ? 
_reflns.observed_criterion_sigma_F       ? 
_reflns.observed_criterion_sigma_I       ? 
_reflns.percent_possible_obs             100 
_reflns.R_free_details                   ? 
_reflns.Rmerge_F_all                     ? 
_reflns.Rmerge_F_obs                     ? 
_reflns.Friedel_coverage                 ? 
_reflns.number_gt                        ? 
_reflns.threshold_expression             ? 
_reflns.pdbx_redundancy                  11.1 
_reflns.pdbx_Rmerge_I_obs                0.176 
_reflns.pdbx_Rmerge_I_all                ? 
_reflns.pdbx_Rsym_value                  ? 
_reflns.pdbx_netI_over_av_sigmaI         ? 
_reflns.pdbx_netI_over_sigmaI            11.4 
_reflns.pdbx_res_netI_over_av_sigmaI_2   ? 
_reflns.pdbx_res_netI_over_sigmaI_2      ? 
_reflns.pdbx_chi_squared                 ? 
_reflns.pdbx_scaling_rejects             ? 
_reflns.pdbx_d_res_high_opt              ? 
_reflns.pdbx_d_res_low_opt               ? 
_reflns.pdbx_d_res_opt_method            ? 
_reflns.phase_calculation_details        ? 
_reflns.pdbx_Rrim_I_all                  0.184 
_reflns.pdbx_Rpim_I_all                  0.055 
_reflns.pdbx_d_opt                       ? 
_reflns.pdbx_number_measured_all         ? 
_reflns.pdbx_diffrn_id                   1 
_reflns.pdbx_ordinal                     1 
_reflns.pdbx_CC_half                     0.998 
_reflns.pdbx_R_split                     ? 
# 
_reflns_shell.d_res_high                  2.72 
_reflns_shell.d_res_low                   2.86 
_reflns_shell.meanI_over_sigI_all         ? 
_reflns_shell.meanI_over_sigI_obs         1.9 
_reflns_shell.number_measured_all         ? 
_reflns_shell.number_measured_obs         ? 
_reflns_shell.number_possible             ? 
_reflns_shell.number_unique_all           ? 
_reflns_shell.number_unique_obs           589 
_reflns_shell.percent_possible_all        100 
_reflns_shell.percent_possible_obs        ? 
_reflns_shell.Rmerge_F_all                ? 
_reflns_shell.Rmerge_F_obs                ? 
_reflns_shell.Rmerge_I_all                ? 
_reflns_shell.Rmerge_I_obs                1.394 
_reflns_shell.meanI_over_sigI_gt          ? 
_reflns_shell.meanI_over_uI_all           ? 
_reflns_shell.meanI_over_uI_gt            ? 
_reflns_shell.number_measured_gt          ? 
_reflns_shell.number_unique_gt            ? 
_reflns_shell.percent_possible_gt         ? 
_reflns_shell.Rmerge_F_gt                 ? 
_reflns_shell.Rmerge_I_gt                 ? 
_reflns_shell.pdbx_redundancy             10.9 
_reflns_shell.pdbx_Rsym_value             ? 
_reflns_shell.pdbx_chi_squared            ? 
_reflns_shell.pdbx_netI_over_sigmaI_all   ? 
_reflns_shell.pdbx_netI_over_sigmaI_obs   ? 
_reflns_shell.pdbx_Rrim_I_all             1.462 
_reflns_shell.pdbx_Rpim_I_all             0.436 
_reflns_shell.pdbx_rejects                ? 
_reflns_shell.pdbx_ordinal                1 
_reflns_shell.pdbx_diffrn_id              1 
_reflns_shell.pdbx_CC_half                0.853 
_reflns_shell.pdbx_R_split                ? 
# 
_refine.aniso_B[1][1]                            ? 
_refine.aniso_B[1][2]                            ? 
_refine.aniso_B[1][3]                            ? 
_refine.aniso_B[2][2]                            ? 
_refine.aniso_B[2][3]                            ? 
_refine.aniso_B[3][3]                            ? 
_refine.B_iso_max                                ? 
_refine.B_iso_mean                               ? 
_refine.B_iso_min                                ? 
_refine.correlation_coeff_Fo_to_Fc               ? 
_refine.correlation_coeff_Fo_to_Fc_free          ? 
_refine.details                                  ? 
_refine.diff_density_max                         ? 
_refine.diff_density_max_esd                     ? 
_refine.diff_density_min                         ? 
_refine.diff_density_min_esd                     ? 
_refine.diff_density_rms                         ? 
_refine.diff_density_rms_esd                     ? 
_refine.entry_id                                 6FGW 
_refine.pdbx_refine_id                           'X-RAY DIFFRACTION' 
_refine.ls_abs_structure_details                 ? 
_refine.ls_abs_structure_Flack                   ? 
_refine.ls_abs_structure_Flack_esd               ? 
_refine.ls_abs_structure_Rogers                  ? 
_refine.ls_abs_structure_Rogers_esd              ? 
_refine.ls_d_res_high                            2.725 
_refine.ls_d_res_low                             47.41 
_refine.ls_extinction_coef                       ? 
_refine.ls_extinction_coef_esd                   ? 
_refine.ls_extinction_expression                 ? 
_refine.ls_extinction_method                     ? 
_refine.ls_goodness_of_fit_all                   ? 
_refine.ls_goodness_of_fit_all_esd               ? 
_refine.ls_goodness_of_fit_obs                   ? 
_refine.ls_goodness_of_fit_obs_esd               ? 
_refine.ls_hydrogen_treatment                    ? 
_refine.ls_matrix_type                           ? 
_refine.ls_number_constraints                    ? 
_refine.ls_number_parameters                     ? 
_refine.ls_number_reflns_all                     ? 
_refine.ls_number_reflns_obs                     4653 
_refine.ls_number_reflns_R_free                  216 
_refine.ls_number_reflns_R_work                  ? 
_refine.ls_number_restraints                     ? 
_refine.ls_percent_reflns_obs                    99.55 
_refine.ls_percent_reflns_R_free                 4.64 
_refine.ls_R_factor_all                          ? 
_refine.ls_R_factor_obs                          0.2234 
_refine.ls_R_factor_R_free                       0.2535 
_refine.ls_R_factor_R_free_error                 ? 
_refine.ls_R_factor_R_free_error_details         ? 
_refine.ls_R_factor_R_work                       0.2219 
_refine.ls_R_Fsqd_factor_obs                     ? 
_refine.ls_R_I_factor_obs                        ? 
_refine.ls_redundancy_reflns_all                 ? 
_refine.ls_redundancy_reflns_obs                 ? 
_refine.ls_restrained_S_all                      ? 
_refine.ls_restrained_S_obs                      ? 
_refine.ls_shift_over_esd_max                    ? 
_refine.ls_shift_over_esd_mean                   ? 
_refine.ls_structure_factor_coef                 ? 
_refine.ls_weighting_details                     ? 
_refine.ls_weighting_scheme                      ? 
_refine.ls_wR_factor_all                         ? 
_refine.ls_wR_factor_obs                         ? 
_refine.ls_wR_factor_R_free                      ? 
_refine.ls_wR_factor_R_work                      ? 
_refine.occupancy_max                            ? 
_refine.occupancy_min                            ? 
_refine.solvent_model_details                    ? 
_refine.solvent_model_param_bsol                 ? 
_refine.solvent_model_param_ksol                 ? 
_refine.ls_R_factor_gt                           ? 
_refine.ls_goodness_of_fit_gt                    ? 
_refine.ls_goodness_of_fit_ref                   ? 
_refine.ls_shift_over_su_max                     ? 
_refine.ls_shift_over_su_max_lt                  ? 
_refine.ls_shift_over_su_mean                    ? 
_refine.ls_shift_over_su_mean_lt                 ? 
_refine.pdbx_ls_sigma_I                          ? 
_refine.pdbx_ls_sigma_F                          1.34 
_refine.pdbx_ls_sigma_Fsqd                       ? 
_refine.pdbx_data_cutoff_high_absF               ? 
_refine.pdbx_data_cutoff_high_rms_absF           ? 
_refine.pdbx_data_cutoff_low_absF                ? 
_refine.pdbx_isotropic_thermal_model             ? 
_refine.pdbx_ls_cross_valid_method               NONE 
_refine.pdbx_method_to_determine_struct          'MOLECULAR REPLACEMENT' 
_refine.pdbx_starting_model                      5MGJ 
_refine.pdbx_stereochemistry_target_values       ? 
_refine.pdbx_R_Free_selection_details            ? 
_refine.pdbx_stereochem_target_val_spec_case     ? 
_refine.pdbx_overall_ESU_R                       ? 
_refine.pdbx_overall_ESU_R_Free                  ? 
_refine.pdbx_solvent_vdw_probe_radii             1.11 
_refine.pdbx_solvent_ion_probe_radii             ? 
_refine.pdbx_solvent_shrinkage_radii             0.90 
_refine.pdbx_real_space_R                        ? 
_refine.pdbx_density_correlation                 ? 
_refine.pdbx_pd_number_of_powder_patterns        ? 
_refine.pdbx_pd_number_of_points                 ? 
_refine.pdbx_pd_meas_number_of_points            ? 
_refine.pdbx_pd_proc_ls_prof_R_factor            ? 
_refine.pdbx_pd_proc_ls_prof_wR_factor           ? 
_refine.pdbx_pd_Marquardt_correlation_coeff      ? 
_refine.pdbx_pd_Fsqrd_R_factor                   ? 
_refine.pdbx_pd_ls_matrix_band_width             ? 
_refine.pdbx_overall_phase_error                 24.14 
_refine.pdbx_overall_SU_R_free_Cruickshank_DPI   ? 
_refine.pdbx_overall_SU_R_free_Blow_DPI          ? 
_refine.pdbx_overall_SU_R_Blow_DPI               ? 
_refine.pdbx_TLS_residual_ADP_flag               ? 
_refine.pdbx_diffrn_id                           1 
_refine.overall_SU_B                             ? 
_refine.overall_SU_ML                            0.42 
_refine.overall_SU_R_Cruickshank_DPI             ? 
_refine.overall_SU_R_free                        ? 
_refine.overall_FOM_free_R_set                   ? 
_refine.overall_FOM_work_R_set                   ? 
_refine.pdbx_average_fsc_overall                 ? 
_refine.pdbx_average_fsc_work                    ? 
_refine.pdbx_average_fsc_free                    ? 
# 
_refine_hist.pdbx_refine_id                   'X-RAY DIFFRACTION' 
_refine_hist.cycle_id                         LAST 
_refine_hist.pdbx_number_atoms_protein        853 
_refine_hist.pdbx_number_atoms_nucleic_acid   0 
_refine_hist.pdbx_number_atoms_ligand         18 
_refine_hist.number_atoms_solvent             13 
_refine_hist.number_atoms_total               884 
_refine_hist.d_res_high                       2.725 
_refine_hist.d_res_low                        47.41 
# 
loop_
_refine_ls_restr.pdbx_refine_id 
_refine_ls_restr.criterion 
_refine_ls_restr.dev_ideal 
_refine_ls_restr.dev_ideal_target 
_refine_ls_restr.number 
_refine_ls_restr.rejects 
_refine_ls_restr.type 
_refine_ls_restr.weight 
_refine_ls_restr.pdbx_restraint_function 
'X-RAY DIFFRACTION' ? 0.002  ? 894  ? f_bond_d           ? ? 
'X-RAY DIFFRACTION' ? 0.403  ? 1204 ? f_angle_d          ? ? 
'X-RAY DIFFRACTION' ? 15.507 ? 528  ? f_dihedral_angle_d ? ? 
'X-RAY DIFFRACTION' ? 0.035  ? 119  ? f_chiral_restr     ? ? 
'X-RAY DIFFRACTION' ? 0.002  ? 158  ? f_plane_restr      ? ? 
# 
loop_
_refine_ls_shell.pdbx_refine_id 
_refine_ls_shell.d_res_high 
_refine_ls_shell.d_res_low 
_refine_ls_shell.number_reflns_all 
_refine_ls_shell.number_reflns_obs 
_refine_ls_shell.number_reflns_R_free 
_refine_ls_shell.number_reflns_R_work 
_refine_ls_shell.percent_reflns_obs 
_refine_ls_shell.percent_reflns_R_free 
_refine_ls_shell.R_factor_all 
_refine_ls_shell.R_factor_obs 
_refine_ls_shell.R_factor_R_free 
_refine_ls_shell.R_factor_R_free_error 
_refine_ls_shell.R_factor_R_work 
_refine_ls_shell.redundancy_reflns_all 
_refine_ls_shell.redundancy_reflns_obs 
_refine_ls_shell.wR_factor_all 
_refine_ls_shell.wR_factor_obs 
_refine_ls_shell.wR_factor_R_free 
_refine_ls_shell.wR_factor_R_work 
_refine_ls_shell.pdbx_total_number_of_bins_used 
_refine_ls_shell.pdbx_phase_error 
_refine_ls_shell.pdbx_fsc_work 
_refine_ls_shell.pdbx_fsc_free 
'X-RAY DIFFRACTION' 2.7248 3.4328  . . 95  2178 99.00  . . . 0.3490 . 0.2820 . . . . . . . . . . 
'X-RAY DIFFRACTION' 3.4328 47.4217 . . 121 2259 100.00 . . . 0.2271 . 0.1997 . . . . . . . . . . 
# 
_struct.entry_id                     6FGW 
_struct.title                        'Crystal Structure of BAZ2A bromodomain in complex with 1-methylpyridinone compound 4' 
_struct.pdbx_model_details           ? 
_struct.pdbx_formula_weight          ? 
_struct.pdbx_formula_weight_method   ? 
_struct.pdbx_model_type_details      ? 
_struct.pdbx_CASP_flag               N 
# 
_struct_keywords.entry_id        6FGW 
_struct_keywords.text            'four helical bundle, transcription' 
_struct_keywords.pdbx_keywords   TRANSCRIPTION 
# 
loop_
_struct_asym.id 
_struct_asym.pdbx_blank_PDB_chainid_flag 
_struct_asym.pdbx_modified 
_struct_asym.entity_id 
_struct_asym.details 
A N N 1 ? 
B N N 2 ? 
C N N 3 ? 
# 
_struct_ref.id                         1 
_struct_ref.db_name                    UNP 
_struct_ref.db_code                    BAZ2A_HUMAN 
_struct_ref.pdbx_db_accession          Q9UIF9 
_struct_ref.pdbx_db_isoform            ? 
_struct_ref.entity_id                  1 
_struct_ref.pdbx_seq_one_letter_code   
;HSDLTFCEIILMEMESHDAAWPFLEPVNPRLVSGYRRIIKNPMDFSTMRERLLRGGYTSSEEFAADALLVFDNCQTFNED
DSEVGKAGHIMRRFFESRWEEFYQ
;
_struct_ref.pdbx_align_begin           1796 
# 
_struct_ref_seq.align_id                      1 
_struct_ref_seq.ref_id                        1 
_struct_ref_seq.pdbx_PDB_id_code              6FGW 
_struct_ref_seq.pdbx_strand_id                A 
_struct_ref_seq.seq_align_beg                 3 
_struct_ref_seq.pdbx_seq_align_beg_ins_code   ? 
_struct_ref_seq.seq_align_end                 106 
_struct_ref_seq.pdbx_seq_align_end_ins_code   ? 
_struct_ref_seq.pdbx_db_accession             Q9UIF9 
_struct_ref_seq.db_align_beg                  1796 
_struct_ref_seq.pdbx_db_align_beg_ins_code    ? 
_struct_ref_seq.db_align_end                  1899 
_struct_ref_seq.pdbx_db_align_end_ins_code    ? 
_struct_ref_seq.pdbx_auth_seq_align_beg       1796 
_struct_ref_seq.pdbx_auth_seq_align_end       1899 
# 
loop_
_struct_ref_seq_dif.align_id 
_struct_ref_seq_dif.pdbx_pdb_id_code 
_struct_ref_seq_dif.mon_id 
_struct_ref_seq_dif.pdbx_pdb_strand_id 
_struct_ref_seq_dif.seq_num 
_struct_ref_seq_dif.pdbx_pdb_ins_code 
_struct_ref_seq_dif.pdbx_seq_db_name 
_struct_ref_seq_dif.pdbx_seq_db_accession_code 
_struct_ref_seq_dif.db_mon_id 
_struct_ref_seq_dif.pdbx_seq_db_seq_num 
_struct_ref_seq_dif.details 
_struct_ref_seq_dif.pdbx_auth_seq_num 
_struct_ref_seq_dif.pdbx_ordinal 
1 6FGW SER A 1 ? UNP Q9UIF9 ? ? 'expression tag' 1794 1 
1 6FGW MET A 2 ? UNP Q9UIF9 ? ? 'expression tag' 1795 2 
# 
_pdbx_struct_assembly.id                   1 
_pdbx_struct_assembly.details              author_and_software_defined_assembly 
_pdbx_struct_assembly.method_details       PISA 
_pdbx_struct_assembly.oligomeric_details   monomeric 
_pdbx_struct_assembly.oligomeric_count     1 
# 
loop_
_pdbx_struct_assembly_prop.biol_id 
_pdbx_struct_assembly_prop.type 
_pdbx_struct_assembly_prop.value 
_pdbx_struct_assembly_prop.details 
1 'ABSA (A^2)' 0    ? 
1 MORE         0    ? 
1 'SSA (A^2)'  6310 ? 
# 
_pdbx_struct_assembly_gen.assembly_id       1 
_pdbx_struct_assembly_gen.oper_expression   1 
_pdbx_struct_assembly_gen.asym_id_list      A,B,C 
# 
_pdbx_struct_assembly_auth_evidence.id                     1 
_pdbx_struct_assembly_auth_evidence.assembly_id            1 
_pdbx_struct_assembly_auth_evidence.experimental_support   'gel filtration' 
_pdbx_struct_assembly_auth_evidence.details                ? 
# 
_pdbx_struct_oper_list.id                   1 
_pdbx_struct_oper_list.type                 'identity operation' 
_pdbx_struct_oper_list.name                 1_555 
_pdbx_struct_oper_list.symmetry_operation   x,y,z 
_pdbx_struct_oper_list.matrix[1][1]         1.0000000000 
_pdbx_struct_oper_list.matrix[1][2]         0.0000000000 
_pdbx_struct_oper_list.matrix[1][3]         0.0000000000 
_pdbx_struct_oper_list.vector[1]            0.0000000000 
_pdbx_struct_oper_list.matrix[2][1]         0.0000000000 
_pdbx_struct_oper_list.matrix[2][2]         1.0000000000 
_pdbx_struct_oper_list.matrix[2][3]         0.0000000000 
_pdbx_struct_oper_list.vector[2]            0.0000000000 
_pdbx_struct_oper_list.matrix[3][1]         0.0000000000 
_pdbx_struct_oper_list.matrix[3][2]         0.0000000000 
_pdbx_struct_oper_list.matrix[3][3]         1.0000000000 
_pdbx_struct_oper_list.vector[3]            0.0000000000 
# 
loop_
_struct_conf.conf_type_id 
_struct_conf.id 
_struct_conf.pdbx_PDB_helix_id 
_struct_conf.beg_label_comp_id 
_struct_conf.beg_label_asym_id 
_struct_conf.beg_label_seq_id 
_struct_conf.pdbx_beg_PDB_ins_code 
_struct_conf.end_label_comp_id 
_struct_conf.end_label_asym_id 
_struct_conf.end_label_seq_id 
_struct_conf.pdbx_end_PDB_ins_code 
_struct_conf.beg_auth_comp_id 
_struct_conf.beg_auth_asym_id 
_struct_conf.beg_auth_seq_id 
_struct_conf.end_auth_comp_id 
_struct_conf.end_auth_asym_id 
_struct_conf.end_auth_seq_id 
_struct_conf.pdbx_PDB_helix_class 
_struct_conf.details 
_struct_conf.pdbx_PDB_helix_length 
HELX_P HELX_P1 AA1 HIS A 3  ? SER A 18  ? HIS A 1796 SER A 1811 1 ? 16 
HELX_P HELX_P2 AA2 HIS A 19 ? LEU A 26  ? HIS A 1812 LEU A 1819 5 ? 8  
HELX_P HELX_P3 AA3 GLY A 36 ? ILE A 41  ? GLY A 1829 ILE A 1834 1 ? 6  
HELX_P HELX_P4 AA4 ASP A 46 ? GLY A 57  ? ASP A 1839 GLY A 1850 1 ? 12 
HELX_P HELX_P5 AA5 SER A 61 ? ASN A 80  ? SER A 1854 ASN A 1873 1 ? 20 
HELX_P HELX_P6 AA6 SER A 84 ? GLU A 103 ? SER A 1877 GLU A 1896 1 ? 20 
# 
_struct_conf_type.id          HELX_P 
_struct_conf_type.criteria    ? 
_struct_conf_type.reference   ? 
# 
_struct_site.id                   AC1 
_struct_site.pdbx_evidence_code   Software 
_struct_site.pdbx_auth_asym_id    A 
_struct_site.pdbx_auth_comp_id    D9Q 
_struct_site.pdbx_auth_seq_id     1901 
_struct_site.pdbx_auth_ins_code   ? 
_struct_site.pdbx_num_residues    5 
_struct_site.details              'binding site for residue D9Q A 1901' 
# 
loop_
_struct_site_gen.id 
_struct_site_gen.site_id 
_struct_site_gen.pdbx_num_res 
_struct_site_gen.label_comp_id 
_struct_site_gen.label_asym_id 
_struct_site_gen.label_seq_id 
_struct_site_gen.pdbx_auth_ins_code 
_struct_site_gen.auth_comp_id 
_struct_site_gen.auth_asym_id 
_struct_site_gen.auth_seq_id 
_struct_site_gen.label_atom_id 
_struct_site_gen.label_alt_id 
_struct_site_gen.symmetry 
_struct_site_gen.details 
1 AC1 5 PRO A 24 ? PRO A 1817 . ? 1_555 ? 
2 AC1 5 TYR A 37 ? TYR A 1830 . ? 1_555 ? 
3 AC1 5 ASN A 80 ? ASN A 1873 . ? 1_555 ? 
4 AC1 5 VAL A 86 ? VAL A 1879 . ? 1_555 ? 
5 AC1 5 HOH C .  ? HOH A 2003 . ? 1_555 ? 
# 
loop_
_pdbx_unobs_or_zero_occ_residues.id 
_pdbx_unobs_or_zero_occ_residues.PDB_model_num 
_pdbx_unobs_or_zero_occ_residues.polymer_flag 
_pdbx_unobs_or_zero_occ_residues.occupancy_flag 
_pdbx_unobs_or_zero_occ_residues.auth_asym_id 
_pdbx_unobs_or_zero_occ_residues.auth_comp_id 
_pdbx_unobs_or_zero_occ_residues.auth_seq_id 
_pdbx_unobs_or_zero_occ_residues.PDB_ins_code 
_pdbx_unobs_or_zero_occ_residues.label_asym_id 
_pdbx_unobs_or_zero_occ_residues.label_comp_id 
_pdbx_unobs_or_zero_occ_residues.label_seq_id 
1 1 Y 1 A SER 1794 ? A SER 1   
2 1 Y 1 A MET 1795 ? A MET 2   
3 1 Y 1 A GLN 1899 ? A GLN 106 
# 
loop_
_chem_comp_atom.comp_id 
_chem_comp_atom.atom_id 
_chem_comp_atom.type_symbol 
_chem_comp_atom.pdbx_aromatic_flag 
_chem_comp_atom.pdbx_stereo_config 
_chem_comp_atom.pdbx_ordinal 
ALA N    N N N 1   
ALA CA   C N S 2   
ALA C    C N N 3   
ALA O    O N N 4   
ALA CB   C N N 5   
ALA OXT  O N N 6   
ALA H    H N N 7   
ALA H2   H N N 8   
ALA HA   H N N 9   
ALA HB1  H N N 10  
ALA HB2  H N N 11  
ALA HB3  H N N 12  
ALA HXT  H N N 13  
ARG N    N N N 14  
ARG CA   C N S 15  
ARG C    C N N 16  
ARG O    O N N 17  
ARG CB   C N N 18  
ARG CG   C N N 19  
ARG CD   C N N 20  
ARG NE   N N N 21  
ARG CZ   C N N 22  
ARG NH1  N N N 23  
ARG NH2  N N N 24  
ARG OXT  O N N 25  
ARG H    H N N 26  
ARG H2   H N N 27  
ARG HA   H N N 28  
ARG HB2  H N N 29  
ARG HB3  H N N 30  
ARG HG2  H N N 31  
ARG HG3  H N N 32  
ARG HD2  H N N 33  
ARG HD3  H N N 34  
ARG HE   H N N 35  
ARG HH11 H N N 36  
ARG HH12 H N N 37  
ARG HH21 H N N 38  
ARG HH22 H N N 39  
ARG HXT  H N N 40  
ASN N    N N N 41  
ASN CA   C N S 42  
ASN C    C N N 43  
ASN O    O N N 44  
ASN CB   C N N 45  
ASN CG   C N N 46  
ASN OD1  O N N 47  
ASN ND2  N N N 48  
ASN OXT  O N N 49  
ASN H    H N N 50  
ASN H2   H N N 51  
ASN HA   H N N 52  
ASN HB2  H N N 53  
ASN HB3  H N N 54  
ASN HD21 H N N 55  
ASN HD22 H N N 56  
ASN HXT  H N N 57  
ASP N    N N N 58  
ASP CA   C N S 59  
ASP C    C N N 60  
ASP O    O N N 61  
ASP CB   C N N 62  
ASP CG   C N N 63  
ASP OD1  O N N 64  
ASP OD2  O N N 65  
ASP OXT  O N N 66  
ASP H    H N N 67  
ASP H2   H N N 68  
ASP HA   H N N 69  
ASP HB2  H N N 70  
ASP HB3  H N N 71  
ASP HD2  H N N 72  
ASP HXT  H N N 73  
CYS N    N N N 74  
CYS CA   C N R 75  
CYS C    C N N 76  
CYS O    O N N 77  
CYS CB   C N N 78  
CYS SG   S N N 79  
CYS OXT  O N N 80  
CYS H    H N N 81  
CYS H2   H N N 82  
CYS HA   H N N 83  
CYS HB2  H N N 84  
CYS HB3  H N N 85  
CYS HG   H N N 86  
CYS HXT  H N N 87  
D9Q C13  C N N 88  
D9Q C15  C N N 89  
D9Q C17  C N N 90  
D9Q C01  C N N 91  
D9Q C03  C N N 92  
D9Q C04  C N N 93  
D9Q C05  C N N 94  
D9Q C06  C N N 95  
D9Q C07  C N N 96  
D9Q C09  C N N 97  
D9Q C12  C N N 98  
D9Q C16  C N N 99  
D9Q C18  C N N 100 
D9Q N02  N N N 101 
D9Q N11  N N N 102 
D9Q N14  N N N 103 
D9Q O08  O N N 104 
D9Q O10  O N N 105 
D9Q H1   H N N 106 
D9Q H2   H N N 107 
D9Q H3   H N N 108 
D9Q H4   H N N 109 
D9Q H5   H N N 110 
D9Q H6   H N N 111 
D9Q H7   H N N 112 
D9Q H8   H N N 113 
D9Q H9   H N N 114 
D9Q H10  H N N 115 
D9Q H11  H N N 116 
D9Q H12  H N N 117 
D9Q H13  H N N 118 
D9Q H14  H N N 119 
D9Q H15  H N N 120 
D9Q H16  H N N 121 
D9Q H17  H N N 122 
D9Q H18  H N N 123 
D9Q H19  H N N 124 
GLN N    N N N 125 
GLN CA   C N S 126 
GLN C    C N N 127 
GLN O    O N N 128 
GLN CB   C N N 129 
GLN CG   C N N 130 
GLN CD   C N N 131 
GLN OE1  O N N 132 
GLN NE2  N N N 133 
GLN OXT  O N N 134 
GLN H    H N N 135 
GLN H2   H N N 136 
GLN HA   H N N 137 
GLN HB2  H N N 138 
GLN HB3  H N N 139 
GLN HG2  H N N 140 
GLN HG3  H N N 141 
GLN HE21 H N N 142 
GLN HE22 H N N 143 
GLN HXT  H N N 144 
GLU N    N N N 145 
GLU CA   C N S 146 
GLU C    C N N 147 
GLU O    O N N 148 
GLU CB   C N N 149 
GLU CG   C N N 150 
GLU CD   C N N 151 
GLU OE1  O N N 152 
GLU OE2  O N N 153 
GLU OXT  O N N 154 
GLU H    H N N 155 
GLU H2   H N N 156 
GLU HA   H N N 157 
GLU HB2  H N N 158 
GLU HB3  H N N 159 
GLU HG2  H N N 160 
GLU HG3  H N N 161 
GLU HE2  H N N 162 
GLU HXT  H N N 163 
GLY N    N N N 164 
GLY CA   C N N 165 
GLY C    C N N 166 
GLY O    O N N 167 
GLY OXT  O N N 168 
GLY H    H N N 169 
GLY H2   H N N 170 
GLY HA2  H N N 171 
GLY HA3  H N N 172 
GLY HXT  H N N 173 
HIS N    N N N 174 
HIS CA   C N S 175 
HIS C    C N N 176 
HIS O    O N N 177 
HIS CB   C N N 178 
HIS CG   C Y N 179 
HIS ND1  N Y N 180 
HIS CD2  C Y N 181 
HIS CE1  C Y N 182 
HIS NE2  N Y N 183 
HIS OXT  O N N 184 
HIS H    H N N 185 
HIS H2   H N N 186 
HIS HA   H N N 187 
HIS HB2  H N N 188 
HIS HB3  H N N 189 
HIS HD1  H N N 190 
HIS HD2  H N N 191 
HIS HE1  H N N 192 
HIS HE2  H N N 193 
HIS HXT  H N N 194 
HOH O    O N N 195 
HOH H1   H N N 196 
HOH H2   H N N 197 
ILE N    N N N 198 
ILE CA   C N S 199 
ILE C    C N N 200 
ILE O    O N N 201 
ILE CB   C N S 202 
ILE CG1  C N N 203 
ILE CG2  C N N 204 
ILE CD1  C N N 205 
ILE OXT  O N N 206 
ILE H    H N N 207 
ILE H2   H N N 208 
ILE HA   H N N 209 
ILE HB   H N N 210 
ILE HG12 H N N 211 
ILE HG13 H N N 212 
ILE HG21 H N N 213 
ILE HG22 H N N 214 
ILE HG23 H N N 215 
ILE HD11 H N N 216 
ILE HD12 H N N 217 
ILE HD13 H N N 218 
ILE HXT  H N N 219 
LEU N    N N N 220 
LEU CA   C N S 221 
LEU C    C N N 222 
LEU O    O N N 223 
LEU CB   C N N 224 
LEU CG   C N N 225 
LEU CD1  C N N 226 
LEU CD2  C N N 227 
LEU OXT  O N N 228 
LEU H    H N N 229 
LEU H2   H N N 230 
LEU HA   H N N 231 
LEU HB2  H N N 232 
LEU HB3  H N N 233 
LEU HG   H N N 234 
LEU HD11 H N N 235 
LEU HD12 H N N 236 
LEU HD13 H N N 237 
LEU HD21 H N N 238 
LEU HD22 H N N 239 
LEU HD23 H N N 240 
LEU HXT  H N N 241 
LYS N    N N N 242 
LYS CA   C N S 243 
LYS C    C N N 244 
LYS O    O N N 245 
LYS CB   C N N 246 
LYS CG   C N N 247 
LYS CD   C N N 248 
LYS CE   C N N 249 
LYS NZ   N N N 250 
LYS OXT  O N N 251 
LYS H    H N N 252 
LYS H2   H N N 253 
LYS HA   H N N 254 
LYS HB2  H N N 255 
LYS HB3  H N N 256 
LYS HG2  H N N 257 
LYS HG3  H N N 258 
LYS HD2  H N N 259 
LYS HD3  H N N 260 
LYS HE2  H N N 261 
LYS HE3  H N N 262 
LYS HZ1  H N N 263 
LYS HZ2  H N N 264 
LYS HZ3  H N N 265 
LYS HXT  H N N 266 
MET N    N N N 267 
MET CA   C N S 268 
MET C    C N N 269 
MET O    O N N 270 
MET CB   C N N 271 
MET CG   C N N 272 
MET SD   S N N 273 
MET CE   C N N 274 
MET OXT  O N N 275 
MET H    H N N 276 
MET H2   H N N 277 
MET HA   H N N 278 
MET HB2  H N N 279 
MET HB3  H N N 280 
MET HG2  H N N 281 
MET HG3  H N N 282 
MET HE1  H N N 283 
MET HE2  H N N 284 
MET HE3  H N N 285 
MET HXT  H N N 286 
PHE N    N N N 287 
PHE CA   C N S 288 
PHE C    C N N 289 
PHE O    O N N 290 
PHE CB   C N N 291 
PHE CG   C Y N 292 
PHE CD1  C Y N 293 
PHE CD2  C Y N 294 
PHE CE1  C Y N 295 
PHE CE2  C Y N 296 
PHE CZ   C Y N 297 
PHE OXT  O N N 298 
PHE H    H N N 299 
PHE H2   H N N 300 
PHE HA   H N N 301 
PHE HB2  H N N 302 
PHE HB3  H N N 303 
PHE HD1  H N N 304 
PHE HD2  H N N 305 
PHE HE1  H N N 306 
PHE HE2  H N N 307 
PHE HZ   H N N 308 
PHE HXT  H N N 309 
PRO N    N N N 310 
PRO CA   C N S 311 
PRO C    C N N 312 
PRO O    O N N 313 
PRO CB   C N N 314 
PRO CG   C N N 315 
PRO CD   C N N 316 
PRO OXT  O N N 317 
PRO H    H N N 318 
PRO HA   H N N 319 
PRO HB2  H N N 320 
PRO HB3  H N N 321 
PRO HG2  H N N 322 
PRO HG3  H N N 323 
PRO HD2  H N N 324 
PRO HD3  H N N 325 
PRO HXT  H N N 326 
SER N    N N N 327 
SER CA   C N S 328 
SER C    C N N 329 
SER O    O N N 330 
SER CB   C N N 331 
SER OG   O N N 332 
SER OXT  O N N 333 
SER H    H N N 334 
SER H2   H N N 335 
SER HA   H N N 336 
SER HB2  H N N 337 
SER HB3  H N N 338 
SER HG   H N N 339 
SER HXT  H N N 340 
THR N    N N N 341 
THR CA   C N S 342 
THR C    C N N 343 
THR O    O N N 344 
THR CB   C N R 345 
THR OG1  O N N 346 
THR CG2  C N N 347 
THR OXT  O N N 348 
THR H    H N N 349 
THR H2   H N N 350 
THR HA   H N N 351 
THR HB   H N N 352 
THR HG1  H N N 353 
THR HG21 H N N 354 
THR HG22 H N N 355 
THR HG23 H N N 356 
THR HXT  H N N 357 
TRP N    N N N 358 
TRP CA   C N S 359 
TRP C    C N N 360 
TRP O    O N N 361 
TRP CB   C N N 362 
TRP CG   C Y N 363 
TRP CD1  C Y N 364 
TRP CD2  C Y N 365 
TRP NE1  N Y N 366 
TRP CE2  C Y N 367 
TRP CE3  C Y N 368 
TRP CZ2  C Y N 369 
TRP CZ3  C Y N 370 
TRP CH2  C Y N 371 
TRP OXT  O N N 372 
TRP H    H N N 373 
TRP H2   H N N 374 
TRP HA   H N N 375 
TRP HB2  H N N 376 
TRP HB3  H N N 377 
TRP HD1  H N N 378 
TRP HE1  H N N 379 
TRP HE3  H N N 380 
TRP HZ2  H N N 381 
TRP HZ3  H N N 382 
TRP HH2  H N N 383 
TRP HXT  H N N 384 
TYR N    N N N 385 
TYR CA   C N S 386 
TYR C    C N N 387 
TYR O    O N N 388 
TYR CB   C N N 389 
TYR CG   C Y N 390 
TYR CD1  C Y N 391 
TYR CD2  C Y N 392 
TYR CE1  C Y N 393 
TYR CE2  C Y N 394 
TYR CZ   C Y N 395 
TYR OH   O N N 396 
TYR OXT  O N N 397 
TYR H    H N N 398 
TYR H2   H N N 399 
TYR HA   H N N 400 
TYR HB2  H N N 401 
TYR HB3  H N N 402 
TYR HD1  H N N 403 
TYR HD2  H N N 404 
TYR HE1  H N N 405 
TYR HE2  H N N 406 
TYR HH   H N N 407 
TYR HXT  H N N 408 
VAL N    N N N 409 
VAL CA   C N S 410 
VAL C    C N N 411 
VAL O    O N N 412 
VAL CB   C N N 413 
VAL CG1  C N N 414 
VAL CG2  C N N 415 
VAL OXT  O N N 416 
VAL H    H N N 417 
VAL H2   H N N 418 
VAL HA   H N N 419 
VAL HB   H N N 420 
VAL HG11 H N N 421 
VAL HG12 H N N 422 
VAL HG13 H N N 423 
VAL HG21 H N N 424 
VAL HG22 H N N 425 
VAL HG23 H N N 426 
VAL HXT  H N N 427 
# 
loop_
_chem_comp_bond.comp_id 
_chem_comp_bond.atom_id_1 
_chem_comp_bond.atom_id_2 
_chem_comp_bond.value_order 
_chem_comp_bond.pdbx_aromatic_flag 
_chem_comp_bond.pdbx_stereo_config 
_chem_comp_bond.pdbx_ordinal 
ALA N   CA   sing N N 1   
ALA N   H    sing N N 2   
ALA N   H2   sing N N 3   
ALA CA  C    sing N N 4   
ALA CA  CB   sing N N 5   
ALA CA  HA   sing N N 6   
ALA C   O    doub N N 7   
ALA C   OXT  sing N N 8   
ALA CB  HB1  sing N N 9   
ALA CB  HB2  sing N N 10  
ALA CB  HB3  sing N N 11  
ALA OXT HXT  sing N N 12  
ARG N   CA   sing N N 13  
ARG N   H    sing N N 14  
ARG N   H2   sing N N 15  
ARG CA  C    sing N N 16  
ARG CA  CB   sing N N 17  
ARG CA  HA   sing N N 18  
ARG C   O    doub N N 19  
ARG C   OXT  sing N N 20  
ARG CB  CG   sing N N 21  
ARG CB  HB2  sing N N 22  
ARG CB  HB3  sing N N 23  
ARG CG  CD   sing N N 24  
ARG CG  HG2  sing N N 25  
ARG CG  HG3  sing N N 26  
ARG CD  NE   sing N N 27  
ARG CD  HD2  sing N N 28  
ARG CD  HD3  sing N N 29  
ARG NE  CZ   sing N N 30  
ARG NE  HE   sing N N 31  
ARG CZ  NH1  sing N N 32  
ARG CZ  NH2  doub N N 33  
ARG NH1 HH11 sing N N 34  
ARG NH1 HH12 sing N N 35  
ARG NH2 HH21 sing N N 36  
ARG NH2 HH22 sing N N 37  
ARG OXT HXT  sing N N 38  
ASN N   CA   sing N N 39  
ASN N   H    sing N N 40  
ASN N   H2   sing N N 41  
ASN CA  C    sing N N 42  
ASN CA  CB   sing N N 43  
ASN CA  HA   sing N N 44  
ASN C   O    doub N N 45  
ASN C   OXT  sing N N 46  
ASN CB  CG   sing N N 47  
ASN CB  HB2  sing N N 48  
ASN CB  HB3  sing N N 49  
ASN CG  OD1  doub N N 50  
ASN CG  ND2  sing N N 51  
ASN ND2 HD21 sing N N 52  
ASN ND2 HD22 sing N N 53  
ASN OXT HXT  sing N N 54  
ASP N   CA   sing N N 55  
ASP N   H    sing N N 56  
ASP N   H2   sing N N 57  
ASP CA  C    sing N N 58  
ASP CA  CB   sing N N 59  
ASP CA  HA   sing N N 60  
ASP C   O    doub N N 61  
ASP C   OXT  sing N N 62  
ASP CB  CG   sing N N 63  
ASP CB  HB2  sing N N 64  
ASP CB  HB3  sing N N 65  
ASP CG  OD1  doub N N 66  
ASP CG  OD2  sing N N 67  
ASP OD2 HD2  sing N N 68  
ASP OXT HXT  sing N N 69  
CYS N   CA   sing N N 70  
CYS N   H    sing N N 71  
CYS N   H2   sing N N 72  
CYS CA  C    sing N N 73  
CYS CA  CB   sing N N 74  
CYS CA  HA   sing N N 75  
CYS C   O    doub N N 76  
CYS C   OXT  sing N N 77  
CYS CB  SG   sing N N 78  
CYS CB  HB2  sing N N 79  
CYS CB  HB3  sing N N 80  
CYS SG  HG   sing N N 81  
CYS OXT HXT  sing N N 82  
D9Q C06 C05  doub N N 83  
D9Q C06 C07  sing N N 84  
D9Q C05 C04  sing N N 85  
D9Q O08 C07  doub N N 86  
D9Q C07 N02  sing N N 87  
D9Q O10 C09  doub N N 88  
D9Q C04 C09  sing N N 89  
D9Q C04 C03  doub N N 90  
D9Q C09 N11  sing N N 91  
D9Q N02 C03  sing N N 92  
D9Q N02 C01  sing N N 93  
D9Q N11 C12  sing N N 94  
D9Q C12 C13  sing N N 95  
D9Q N14 C13  sing N N 96  
D9Q N14 C18  sing N N 97  
D9Q N14 C15  sing N N 98  
D9Q C18 C17  sing N N 99  
D9Q C15 C16  sing N N 100 
D9Q C17 C16  sing N N 101 
D9Q C13 H1   sing N N 102 
D9Q C13 H2   sing N N 103 
D9Q C15 H3   sing N N 104 
D9Q C15 H4   sing N N 105 
D9Q C17 H5   sing N N 106 
D9Q C17 H6   sing N N 107 
D9Q C01 H7   sing N N 108 
D9Q C01 H8   sing N N 109 
D9Q C01 H9   sing N N 110 
D9Q C03 H10  sing N N 111 
D9Q C05 H11  sing N N 112 
D9Q C06 H12  sing N N 113 
D9Q C12 H13  sing N N 114 
D9Q C12 H14  sing N N 115 
D9Q C16 H15  sing N N 116 
D9Q C16 H16  sing N N 117 
D9Q C18 H17  sing N N 118 
D9Q C18 H18  sing N N 119 
D9Q N11 H19  sing N N 120 
GLN N   CA   sing N N 121 
GLN N   H    sing N N 122 
GLN N   H2   sing N N 123 
GLN CA  C    sing N N 124 
GLN CA  CB   sing N N 125 
GLN CA  HA   sing N N 126 
GLN C   O    doub N N 127 
GLN C   OXT  sing N N 128 
GLN CB  CG   sing N N 129 
GLN CB  HB2  sing N N 130 
GLN CB  HB3  sing N N 131 
GLN CG  CD   sing N N 132 
GLN CG  HG2  sing N N 133 
GLN CG  HG3  sing N N 134 
GLN CD  OE1  doub N N 135 
GLN CD  NE2  sing N N 136 
GLN NE2 HE21 sing N N 137 
GLN NE2 HE22 sing N N 138 
GLN OXT HXT  sing N N 139 
GLU N   CA   sing N N 140 
GLU N   H    sing N N 141 
GLU N   H2   sing N N 142 
GLU CA  C    sing N N 143 
GLU CA  CB   sing N N 144 
GLU CA  HA   sing N N 145 
GLU C   O    doub N N 146 
GLU C   OXT  sing N N 147 
GLU CB  CG   sing N N 148 
GLU CB  HB2  sing N N 149 
GLU CB  HB3  sing N N 150 
GLU CG  CD   sing N N 151 
GLU CG  HG2  sing N N 152 
GLU CG  HG3  sing N N 153 
GLU CD  OE1  doub N N 154 
GLU CD  OE2  sing N N 155 
GLU OE2 HE2  sing N N 156 
GLU OXT HXT  sing N N 157 
GLY N   CA   sing N N 158 
GLY N   H    sing N N 159 
GLY N   H2   sing N N 160 
GLY CA  C    sing N N 161 
GLY CA  HA2  sing N N 162 
GLY CA  HA3  sing N N 163 
GLY C   O    doub N N 164 
GLY C   OXT  sing N N 165 
GLY OXT HXT  sing N N 166 
HIS N   CA   sing N N 167 
HIS N   H    sing N N 168 
HIS N   H2   sing N N 169 
HIS CA  C    sing N N 170 
HIS CA  CB   sing N N 171 
HIS CA  HA   sing N N 172 
HIS C   O    doub N N 173 
HIS C   OXT  sing N N 174 
HIS CB  CG   sing N N 175 
HIS CB  HB2  sing N N 176 
HIS CB  HB3  sing N N 177 
HIS CG  ND1  sing Y N 178 
HIS CG  CD2  doub Y N 179 
HIS ND1 CE1  doub Y N 180 
HIS ND1 HD1  sing N N 181 
HIS CD2 NE2  sing Y N 182 
HIS CD2 HD2  sing N N 183 
HIS CE1 NE2  sing Y N 184 
HIS CE1 HE1  sing N N 185 
HIS NE2 HE2  sing N N 186 
HIS OXT HXT  sing N N 187 
HOH O   H1   sing N N 188 
HOH O   H2   sing N N 189 
ILE N   CA   sing N N 190 
ILE N   H    sing N N 191 
ILE N   H2   sing N N 192 
ILE CA  C    sing N N 193 
ILE CA  CB   sing N N 194 
ILE CA  HA   sing N N 195 
ILE C   O    doub N N 196 
ILE C   OXT  sing N N 197 
ILE CB  CG1  sing N N 198 
ILE CB  CG2  sing N N 199 
ILE CB  HB   sing N N 200 
ILE CG1 CD1  sing N N 201 
ILE CG1 HG12 sing N N 202 
ILE CG1 HG13 sing N N 203 
ILE CG2 HG21 sing N N 204 
ILE CG2 HG22 sing N N 205 
ILE CG2 HG23 sing N N 206 
ILE CD1 HD11 sing N N 207 
ILE CD1 HD12 sing N N 208 
ILE CD1 HD13 sing N N 209 
ILE OXT HXT  sing N N 210 
LEU N   CA   sing N N 211 
LEU N   H    sing N N 212 
LEU N   H2   sing N N 213 
LEU CA  C    sing N N 214 
LEU CA  CB   sing N N 215 
LEU CA  HA   sing N N 216 
LEU C   O    doub N N 217 
LEU C   OXT  sing N N 218 
LEU CB  CG   sing N N 219 
LEU CB  HB2  sing N N 220 
LEU CB  HB3  sing N N 221 
LEU CG  CD1  sing N N 222 
LEU CG  CD2  sing N N 223 
LEU CG  HG   sing N N 224 
LEU CD1 HD11 sing N N 225 
LEU CD1 HD12 sing N N 226 
LEU CD1 HD13 sing N N 227 
LEU CD2 HD21 sing N N 228 
LEU CD2 HD22 sing N N 229 
LEU CD2 HD23 sing N N 230 
LEU OXT HXT  sing N N 231 
LYS N   CA   sing N N 232 
LYS N   H    sing N N 233 
LYS N   H2   sing N N 234 
LYS CA  C    sing N N 235 
LYS CA  CB   sing N N 236 
LYS CA  HA   sing N N 237 
LYS C   O    doub N N 238 
LYS C   OXT  sing N N 239 
LYS CB  CG   sing N N 240 
LYS CB  HB2  sing N N 241 
LYS CB  HB3  sing N N 242 
LYS CG  CD   sing N N 243 
LYS CG  HG2  sing N N 244 
LYS CG  HG3  sing N N 245 
LYS CD  CE   sing N N 246 
LYS CD  HD2  sing N N 247 
LYS CD  HD3  sing N N 248 
LYS CE  NZ   sing N N 249 
LYS CE  HE2  sing N N 250 
LYS CE  HE3  sing N N 251 
LYS NZ  HZ1  sing N N 252 
LYS NZ  HZ2  sing N N 253 
LYS NZ  HZ3  sing N N 254 
LYS OXT HXT  sing N N 255 
MET N   CA   sing N N 256 
MET N   H    sing N N 257 
MET N   H2   sing N N 258 
MET CA  C    sing N N 259 
MET CA  CB   sing N N 260 
MET CA  HA   sing N N 261 
MET C   O    doub N N 262 
MET C   OXT  sing N N 263 
MET CB  CG   sing N N 264 
MET CB  HB2  sing N N 265 
MET CB  HB3  sing N N 266 
MET CG  SD   sing N N 267 
MET CG  HG2  sing N N 268 
MET CG  HG3  sing N N 269 
MET SD  CE   sing N N 270 
MET CE  HE1  sing N N 271 
MET CE  HE2  sing N N 272 
MET CE  HE3  sing N N 273 
MET OXT HXT  sing N N 274 
PHE N   CA   sing N N 275 
PHE N   H    sing N N 276 
PHE N   H2   sing N N 277 
PHE CA  C    sing N N 278 
PHE CA  CB   sing N N 279 
PHE CA  HA   sing N N 280 
PHE C   O    doub N N 281 
PHE C   OXT  sing N N 282 
PHE CB  CG   sing N N 283 
PHE CB  HB2  sing N N 284 
PHE CB  HB3  sing N N 285 
PHE CG  CD1  doub Y N 286 
PHE CG  CD2  sing Y N 287 
PHE CD1 CE1  sing Y N 288 
PHE CD1 HD1  sing N N 289 
PHE CD2 CE2  doub Y N 290 
PHE CD2 HD2  sing N N 291 
PHE CE1 CZ   doub Y N 292 
PHE CE1 HE1  sing N N 293 
PHE CE2 CZ   sing Y N 294 
PHE CE2 HE2  sing N N 295 
PHE CZ  HZ   sing N N 296 
PHE OXT HXT  sing N N 297 
PRO N   CA   sing N N 298 
PRO N   CD   sing N N 299 
PRO N   H    sing N N 300 
PRO CA  C    sing N N 301 
PRO CA  CB   sing N N 302 
PRO CA  HA   sing N N 303 
PRO C   O    doub N N 304 
PRO C   OXT  sing N N 305 
PRO CB  CG   sing N N 306 
PRO CB  HB2  sing N N 307 
PRO CB  HB3  sing N N 308 
PRO CG  CD   sing N N 309 
PRO CG  HG2  sing N N 310 
PRO CG  HG3  sing N N 311 
PRO CD  HD2  sing N N 312 
PRO CD  HD3  sing N N 313 
PRO OXT HXT  sing N N 314 
SER N   CA   sing N N 315 
SER N   H    sing N N 316 
SER N   H2   sing N N 317 
SER CA  C    sing N N 318 
SER CA  CB   sing N N 319 
SER CA  HA   sing N N 320 
SER C   O    doub N N 321 
SER C   OXT  sing N N 322 
SER CB  OG   sing N N 323 
SER CB  HB2  sing N N 324 
SER CB  HB3  sing N N 325 
SER OG  HG   sing N N 326 
SER OXT HXT  sing N N 327 
THR N   CA   sing N N 328 
THR N   H    sing N N 329 
THR N   H2   sing N N 330 
THR CA  C    sing N N 331 
THR CA  CB   sing N N 332 
THR CA  HA   sing N N 333 
THR C   O    doub N N 334 
THR C   OXT  sing N N 335 
THR CB  OG1  sing N N 336 
THR CB  CG2  sing N N 337 
THR CB  HB   sing N N 338 
THR OG1 HG1  sing N N 339 
THR CG2 HG21 sing N N 340 
THR CG2 HG22 sing N N 341 
THR CG2 HG23 sing N N 342 
THR OXT HXT  sing N N 343 
TRP N   CA   sing N N 344 
TRP N   H    sing N N 345 
TRP N   H2   sing N N 346 
TRP CA  C    sing N N 347 
TRP CA  CB   sing N N 348 
TRP CA  HA   sing N N 349 
TRP C   O    doub N N 350 
TRP C   OXT  sing N N 351 
TRP CB  CG   sing N N 352 
TRP CB  HB2  sing N N 353 
TRP CB  HB3  sing N N 354 
TRP CG  CD1  doub Y N 355 
TRP CG  CD2  sing Y N 356 
TRP CD1 NE1  sing Y N 357 
TRP CD1 HD1  sing N N 358 
TRP CD2 CE2  doub Y N 359 
TRP CD2 CE3  sing Y N 360 
TRP NE1 CE2  sing Y N 361 
TRP NE1 HE1  sing N N 362 
TRP CE2 CZ2  sing Y N 363 
TRP CE3 CZ3  doub Y N 364 
TRP CE3 HE3  sing N N 365 
TRP CZ2 CH2  doub Y N 366 
TRP CZ2 HZ2  sing N N 367 
TRP CZ3 CH2  sing Y N 368 
TRP CZ3 HZ3  sing N N 369 
TRP CH2 HH2  sing N N 370 
TRP OXT HXT  sing N N 371 
TYR N   CA   sing N N 372 
TYR N   H    sing N N 373 
TYR N   H2   sing N N 374 
TYR CA  C    sing N N 375 
TYR CA  CB   sing N N 376 
TYR CA  HA   sing N N 377 
TYR C   O    doub N N 378 
TYR C   OXT  sing N N 379 
TYR CB  CG   sing N N 380 
TYR CB  HB2  sing N N 381 
TYR CB  HB3  sing N N 382 
TYR CG  CD1  doub Y N 383 
TYR CG  CD2  sing Y N 384 
TYR CD1 CE1  sing Y N 385 
TYR CD1 HD1  sing N N 386 
TYR CD2 CE2  doub Y N 387 
TYR CD2 HD2  sing N N 388 
TYR CE1 CZ   doub Y N 389 
TYR CE1 HE1  sing N N 390 
TYR CE2 CZ   sing Y N 391 
TYR CE2 HE2  sing N N 392 
TYR CZ  OH   sing N N 393 
TYR OH  HH   sing N N 394 
TYR OXT HXT  sing N N 395 
VAL N   CA   sing N N 396 
VAL N   H    sing N N 397 
VAL N   H2   sing N N 398 
VAL CA  C    sing N N 399 
VAL CA  CB   sing N N 400 
VAL CA  HA   sing N N 401 
VAL C   O    doub N N 402 
VAL C   OXT  sing N N 403 
VAL CB  CG1  sing N N 404 
VAL CB  CG2  sing N N 405 
VAL CB  HB   sing N N 406 
VAL CG1 HG11 sing N N 407 
VAL CG1 HG12 sing N N 408 
VAL CG1 HG13 sing N N 409 
VAL CG2 HG21 sing N N 410 
VAL CG2 HG22 sing N N 411 
VAL CG2 HG23 sing N N 412 
VAL OXT HXT  sing N N 413 
# 
_pdbx_audit_support.funding_organization   'Swiss National Science Foundation' 
_pdbx_audit_support.country                Switzerland 
_pdbx_audit_support.grant_number           31003A_169007 
_pdbx_audit_support.ordinal                1 
# 
_pdbx_entity_instance_feature.ordinal        1 
_pdbx_entity_instance_feature.comp_id        D9Q 
_pdbx_entity_instance_feature.asym_id        ? 
_pdbx_entity_instance_feature.seq_num        ? 
_pdbx_entity_instance_feature.auth_comp_id   D9Q 
_pdbx_entity_instance_feature.auth_asym_id   ? 
_pdbx_entity_instance_feature.auth_seq_num   ? 
_pdbx_entity_instance_feature.feature_type   'SUBJECT OF INVESTIGATION' 
_pdbx_entity_instance_feature.details        ? 
# 
_pdbx_initial_refinement_model.id               1 
_pdbx_initial_refinement_model.entity_id_list   ? 
_pdbx_initial_refinement_model.type             'experimental model' 
_pdbx_initial_refinement_model.source_name      PDB 
_pdbx_initial_refinement_model.accession_code   5MGJ 
_pdbx_initial_refinement_model.details          ? 
# 
_atom_sites.entry_id                    6FGW 
_atom_sites.fract_transf_matrix[1][1]   0.00460474 
_atom_sites.fract_transf_matrix[1][2]   -0.01113564 
_atom_sites.fract_transf_matrix[1][3]   -0.00174779 
_atom_sites.fract_transf_matrix[2][1]   0.00872228 
_atom_sites.fract_transf_matrix[2][2]   -0.00174532 
_atom_sites.fract_transf_matrix[2][3]   -0.00831595 
_atom_sites.fract_transf_matrix[3][1]   0.02130332 
_atom_sites.fract_transf_matrix[3][2]   0.00548279 
_atom_sites.fract_transf_matrix[3][3]   0.02119353 
_atom_sites.fract_transf_vector[1]      -0.144760 
_atom_sites.fract_transf_vector[2]      0.364846 
_atom_sites.fract_transf_vector[3]      -0.493439 
# 
loop_
_atom_type.symbol 
C 
N 
O 
S 
# 
loop_
_atom_site.group_PDB 
_atom_site.id 
_atom_site.type_symbol 
_atom_site.label_atom_id 
_atom_site.label_alt_id 
_atom_site.label_comp_id 
_atom_site.label_asym_id 
_atom_site.label_entity_id 
_atom_site.label_seq_id 
_atom_site.pdbx_PDB_ins_code 
_atom_site.Cartn_x 
_atom_site.Cartn_y 
_atom_site.Cartn_z 
_atom_site.occupancy 
_atom_site.B_iso_or_equiv 
_atom_site.pdbx_formal_charge 
_atom_site.auth_seq_id 
_atom_site.auth_comp_id 
_atom_site.auth_asym_id 
_atom_site.auth_atom_id 
_atom_site.pdbx_PDB_model_num 
ATOM   1   N N   . HIS A 1 3   ? -11.955 1.364   16.845  1.00 112.09 ? 1796 HIS A N   1 
ATOM   2   C CA  . HIS A 1 3   ? -11.395 1.209   18.182  1.00 116.65 ? 1796 HIS A CA  1 
ATOM   3   C C   . HIS A 1 3   ? -9.881  1.393   18.170  1.00 109.81 ? 1796 HIS A C   1 
ATOM   4   O O   . HIS A 1 3   ? -9.328  1.988   17.244  1.00 103.86 ? 1796 HIS A O   1 
ATOM   5   C CB  . HIS A 1 3   ? -11.767 -0.159  18.767  1.00 116.44 ? 1796 HIS A CB  1 
ATOM   6   C CG  . HIS A 1 3   ? -11.638 -1.291  17.794  1.00 119.27 ? 1796 HIS A CG  1 
ATOM   7   N ND1 . HIS A 1 3   ? -12.527 -1.492  16.761  1.00 113.35 ? 1796 HIS A ND1 1 
ATOM   8   C CD2 . HIS A 1 3   ? -10.729 -2.292  17.709  1.00 115.40 ? 1796 HIS A CD2 1 
ATOM   9   C CE1 . HIS A 1 3   ? -12.168 -2.562  16.074  1.00 108.41 ? 1796 HIS A CE1 1 
ATOM   10  N NE2 . HIS A 1 3   ? -11.080 -3.067  16.630  1.00 118.19 ? 1796 HIS A NE2 1 
ATOM   11  N N   . SER A 1 4   ? -9.211  0.878   19.204  1.00 114.51 ? 1797 SER A N   1 
ATOM   12  C CA  . SER A 1 4   ? -7.770  1.069   19.331  1.00 114.73 ? 1797 SER A CA  1 
ATOM   13  C C   . SER A 1 4   ? -6.986  0.361   18.231  1.00 116.28 ? 1797 SER A C   1 
ATOM   14  O O   . SER A 1 4   ? -5.803  0.664   18.043  1.00 110.69 ? 1797 SER A O   1 
ATOM   15  C CB  . SER A 1 4   ? -7.294  0.593   20.704  1.00 107.80 ? 1797 SER A CB  1 
ATOM   16  O OG  . SER A 1 4   ? -7.631  -0.765  20.921  1.00 108.76 ? 1797 SER A OG  1 
ATOM   17  N N   . ASP A 1 5   ? -7.608  -0.576  17.510  1.00 113.33 ? 1798 ASP A N   1 
ATOM   18  C CA  . ASP A 1 5   ? -6.933  -1.201  16.377  1.00 112.68 ? 1798 ASP A CA  1 
ATOM   19  C C   . ASP A 1 5   ? -6.679  -0.191  15.267  1.00 107.30 ? 1798 ASP A C   1 
ATOM   20  O O   . ASP A 1 5   ? -5.576  -0.118  14.713  1.00 105.70 ? 1798 ASP A O   1 
ATOM   21  C CB  . ASP A 1 5   ? -7.760  -2.374  15.842  1.00 108.64 ? 1798 ASP A CB  1 
ATOM   22  C CG  . ASP A 1 5   ? -7.541  -3.653  16.628  1.00 109.33 ? 1798 ASP A CG  1 
ATOM   23  O OD1 . ASP A 1 5   ? -6.369  -4.034  16.827  1.00 109.60 ? 1798 ASP A OD1 1 
ATOM   24  O OD2 . ASP A 1 5   ? -8.540  -4.273  17.050  1.00 109.65 ? 1798 ASP A OD2 1 
ATOM   25  N N   . LEU A 1 6   ? -7.692  0.607   14.933  1.00 103.69 ? 1799 LEU A N   1 
ATOM   26  C CA  . LEU A 1 6   ? -7.621  1.484   13.772  1.00 97.73  ? 1799 LEU A CA  1 
ATOM   27  C C   . LEU A 1 6   ? -6.918  2.806   14.050  1.00 96.17  ? 1799 LEU A C   1 
ATOM   28  O O   . LEU A 1 6   ? -6.675  3.564   13.105  1.00 90.92  ? 1799 LEU A O   1 
ATOM   29  C CB  . LEU A 1 6   ? -9.028  1.752   13.233  1.00 90.06  ? 1799 LEU A CB  1 
ATOM   30  C CG  . LEU A 1 6   ? -9.787  0.525   12.726  1.00 94.67  ? 1799 LEU A CG  1 
ATOM   31  C CD1 . LEU A 1 6   ? -10.694 -0.045  13.808  1.00 100.71 ? 1799 LEU A CD1 1 
ATOM   32  C CD2 . LEU A 1 6   ? -10.582 0.876   11.485  1.00 89.39  ? 1799 LEU A CD2 1 
ATOM   33  N N   . THR A 1 7   ? -6.593  3.107   15.309  1.00 93.14  ? 1800 THR A N   1 
ATOM   34  C CA  . THR A 1 7   ? -5.830  4.320   15.587  1.00 89.31  ? 1800 THR A CA  1 
ATOM   35  C C   . THR A 1 7   ? -4.394  4.193   15.097  1.00 92.94  ? 1800 THR A C   1 
ATOM   36  O O   . THR A 1 7   ? -3.800  5.185   14.656  1.00 89.31  ? 1800 THR A O   1 
ATOM   37  C CB  . THR A 1 7   ? -5.863  4.645   17.083  1.00 94.01  ? 1800 THR A CB  1 
ATOM   38  O OG1 . THR A 1 7   ? -5.675  3.447   17.850  1.00 101.77 ? 1800 THR A OG1 1 
ATOM   39  C CG2 . THR A 1 7   ? -7.191  5.285   17.462  1.00 88.39  ? 1800 THR A CG2 1 
ATOM   40  N N   . PHE A 1 8   ? -3.827  2.983   15.153  1.00 91.92  ? 1801 PHE A N   1 
ATOM   41  C CA  . PHE A 1 8   ? -2.474  2.779   14.654  1.00 89.80  ? 1801 PHE A CA  1 
ATOM   42  C C   . PHE A 1 8   ? -2.454  2.664   13.137  1.00 85.52  ? 1801 PHE A C   1 
ATOM   43  O O   . PHE A 1 8   ? -1.447  3.007   12.509  1.00 83.70  ? 1801 PHE A O   1 
ATOM   44  C CB  . PHE A 1 8   ? -1.843  1.538   15.304  1.00 91.17  ? 1801 PHE A CB  1 
ATOM   45  C CG  . PHE A 1 8   ? -0.358  1.425   15.078  1.00 94.88  ? 1801 PHE A CG  1 
ATOM   46  C CD1 . PHE A 1 8   ? 0.455   2.534   15.222  1.00 101.11 ? 1801 PHE A CD1 1 
ATOM   47  C CD2 . PHE A 1 8   ? 0.228   0.213   14.751  1.00 99.02  ? 1801 PHE A CD2 1 
ATOM   48  C CE1 . PHE A 1 8   ? 1.818   2.452   15.012  1.00 96.92  ? 1801 PHE A CE1 1 
ATOM   49  C CE2 . PHE A 1 8   ? 1.598   0.123   14.539  1.00 93.81  ? 1801 PHE A CE2 1 
ATOM   50  C CZ  . PHE A 1 8   ? 2.392   1.246   14.671  1.00 88.99  ? 1801 PHE A CZ  1 
ATOM   51  N N   . CYS A 1 9   ? -3.557  2.204   12.532  1.00 83.36  ? 1802 CYS A N   1 
ATOM   52  C CA  . CYS A 1 9   ? -3.654  2.202   11.076  1.00 79.86  ? 1802 CYS A CA  1 
ATOM   53  C C   . CYS A 1 9   ? -3.516  3.611   10.521  1.00 75.83  ? 1802 CYS A C   1 
ATOM   54  O O   . CYS A 1 9   ? -2.971  3.802   9.428   1.00 76.08  ? 1802 CYS A O   1 
ATOM   55  C CB  . CYS A 1 9   ? -4.978  1.572   10.635  1.00 79.74  ? 1802 CYS A CB  1 
ATOM   56  S SG  . CYS A 1 9   ? -5.258  -0.109  11.243  1.00 82.56  ? 1802 CYS A SG  1 
ATOM   57  N N   . GLU A 1 10  ? -3.987  4.608   11.270  1.00 75.90  ? 1803 GLU A N   1 
ATOM   58  C CA  . GLU A 1 10  ? -3.766  5.994   10.887  1.00 70.08  ? 1803 GLU A CA  1 
ATOM   59  C C   . GLU A 1 10  ? -2.298  6.380   11.029  1.00 69.67  ? 1803 GLU A C   1 
ATOM   60  O O   . GLU A 1 10  ? -1.776  7.153   10.220  1.00 64.47  ? 1803 GLU A O   1 
ATOM   61  C CB  . GLU A 1 10  ? -4.657  6.908   11.728  1.00 67.69  ? 1803 GLU A CB  1 
ATOM   62  C CG  . GLU A 1 10  ? -4.440  8.390   11.490  1.00 62.54  ? 1803 GLU A CG  1 
ATOM   63  C CD  . GLU A 1 10  ? -4.568  8.784   10.032  1.00 67.35  ? 1803 GLU A CD  1 
ATOM   64  O OE1 . GLU A 1 10  ? -3.598  9.344   9.481   1.00 63.64  ? 1803 GLU A OE1 1 
ATOM   65  O OE2 . GLU A 1 10  ? -5.638  8.537   9.434   1.00 72.91  ? 1803 GLU A OE2 1 
ATOM   66  N N   . ILE A 1 11  ? -1.612  5.843   12.044  1.00 73.92  ? 1804 ILE A N   1 
ATOM   67  C CA  . ILE A 1 11  ? -0.195  6.154   12.229  1.00 73.76  ? 1804 ILE A CA  1 
ATOM   68  C C   . ILE A 1 11  ? 0.634   5.548   11.102  1.00 70.73  ? 1804 ILE A C   1 
ATOM   69  O O   . ILE A 1 11  ? 1.496   6.216   10.517  1.00 66.51  ? 1804 ILE A O   1 
ATOM   70  C CB  . ILE A 1 11  ? 0.293   5.667   13.606  1.00 70.47  ? 1804 ILE A CB  1 
ATOM   71  C CG1 . ILE A 1 11  ? -0.536  6.296   14.724  1.00 70.02  ? 1804 ILE A CG1 1 
ATOM   72  C CG2 . ILE A 1 11  ? 1.769   5.994   13.796  1.00 72.61  ? 1804 ILE A CG2 1 
ATOM   73  C CD1 . ILE A 1 11  ? -0.058  5.943   16.115  1.00 76.06  ? 1804 ILE A CD1 1 
ATOM   74  N N   . ILE A 1 12  ? 0.390   4.275   10.781  1.00 72.36  ? 1805 ILE A N   1 
ATOM   75  C CA  . ILE A 1 12  ? 1.170   3.612   9.741   1.00 69.17  ? 1805 ILE A CA  1 
ATOM   76  C C   . ILE A 1 12  ? 0.882   4.228   8.378   1.00 67.30  ? 1805 ILE A C   1 
ATOM   77  O O   . ILE A 1 12  ? 1.801   4.474   7.589   1.00 63.26  ? 1805 ILE A O   1 
ATOM   78  C CB  . ILE A 1 12  ? 0.898   2.098   9.739   1.00 65.79  ? 1805 ILE A CB  1 
ATOM   79  C CG1 . ILE A 1 12  ? 1.058   1.519   11.143  1.00 78.63  ? 1805 ILE A CG1 1 
ATOM   80  C CG2 . ILE A 1 12  ? 1.837   1.390   8.773   1.00 70.62  ? 1805 ILE A CG2 1 
ATOM   81  C CD1 . ILE A 1 12  ? 0.791   0.035   11.208  1.00 79.47  ? 1805 ILE A CD1 1 
ATOM   82  N N   . LEU A 1 13  ? -0.395  4.482   8.078   1.00 65.34  ? 1806 LEU A N   1 
ATOM   83  C CA  . LEU A 1 13  ? -0.749  5.067   6.789   1.00 60.49  ? 1806 LEU A CA  1 
ATOM   84  C C   . LEU A 1 13  ? -0.150  6.459   6.636   1.00 63.96  ? 1806 LEU A C   1 
ATOM   85  O O   . LEU A 1 13  ? 0.411   6.793   5.588   1.00 63.09  ? 1806 LEU A O   1 
ATOM   86  C CB  . LEU A 1 13  ? -2.270  5.105   6.631   1.00 62.83  ? 1806 LEU A CB  1 
ATOM   87  C CG  . LEU A 1 13  ? -2.827  5.672   5.323   1.00 59.73  ? 1806 LEU A CG  1 
ATOM   88  C CD1 . LEU A 1 13  ? -2.231  4.959   4.119   1.00 56.21  ? 1806 LEU A CD1 1 
ATOM   89  C CD2 . LEU A 1 13  ? -4.340  5.569   5.310   1.00 59.10  ? 1806 LEU A CD2 1 
ATOM   90  N N   . MET A 1 14  ? -0.256  7.284   7.681   1.00 61.62  ? 1807 MET A N   1 
ATOM   91  C CA  . MET A 1 14  ? 0.364   8.605   7.651   1.00 59.13  ? 1807 MET A CA  1 
ATOM   92  C C   . MET A 1 14  ? 1.873   8.499   7.465   1.00 63.36  ? 1807 MET A C   1 
ATOM   93  O O   . MET A 1 14  ? 2.459   9.204   6.636   1.00 60.65  ? 1807 MET A O   1 
ATOM   94  C CB  . MET A 1 14  ? 0.036   9.365   8.936   1.00 66.86  ? 1807 MET A CB  1 
ATOM   95  C CG  . MET A 1 14  ? 0.929   10.565  9.197   1.00 72.20  ? 1807 MET A CG  1 
ATOM   96  S SD  . MET A 1 14  ? 0.887   11.064  10.927  1.00 81.48  ? 1807 MET A SD  1 
ATOM   97  C CE  . MET A 1 14  ? 1.418   9.548   11.723  1.00 69.79  ? 1807 MET A CE  1 
ATOM   98  N N   . GLU A 1 15  ? 2.519   7.619   8.234   1.00 64.49  ? 1808 GLU A N   1 
ATOM   99  C CA  . GLU A 1 15  ? 3.956   7.427   8.081   1.00 59.09  ? 1808 GLU A CA  1 
ATOM   100 C C   . GLU A 1 15  ? 4.300   6.804   6.735   1.00 54.99  ? 1808 GLU A C   1 
ATOM   101 O O   . GLU A 1 15  ? 5.352   7.109   6.165   1.00 52.79  ? 1808 GLU A O   1 
ATOM   102 C CB  . GLU A 1 15  ? 4.499   6.568   9.222   1.00 63.53  ? 1808 GLU A CB  1 
ATOM   103 C CG  . GLU A 1 15  ? 4.558   7.287   10.559  1.00 70.69  ? 1808 GLU A CG  1 
ATOM   104 C CD  . GLU A 1 15  ? 5.020   6.382   11.682  1.00 75.34  ? 1808 GLU A CD  1 
ATOM   105 O OE1 . GLU A 1 15  ? 4.891   5.147   11.541  1.00 78.03  ? 1808 GLU A OE1 1 
ATOM   106 O OE2 . GLU A 1 15  ? 5.515   6.903   12.704  1.00 74.23  ? 1808 GLU A OE2 1 
ATOM   107 N N   . MET A 1 16  ? 3.432   5.934   6.211   1.00 61.13  ? 1809 MET A N   1 
ATOM   108 C CA  . MET A 1 16  ? 3.667   5.388   4.879   1.00 52.61  ? 1809 MET A CA  1 
ATOM   109 C C   . MET A 1 16  ? 3.473   6.450   3.807   1.00 55.07  ? 1809 MET A C   1 
ATOM   110 O O   . MET A 1 16  ? 4.211   6.478   2.820   1.00 52.97  ? 1809 MET A O   1 
ATOM   111 C CB  . MET A 1 16  ? 2.754   4.190   4.617   1.00 55.27  ? 1809 MET A CB  1 
ATOM   112 C CG  . MET A 1 16  ? 3.265   2.880   5.196   1.00 57.92  ? 1809 MET A CG  1 
ATOM   113 S SD  . MET A 1 16  ? 2.324   1.449   4.630   1.00 62.78  ? 1809 MET A SD  1 
ATOM   114 C CE  . MET A 1 16  ? 0.699   1.824   5.280   1.00 56.97  ? 1809 MET A CE  1 
ATOM   115 N N   . GLU A 1 17  ? 2.487   7.335   3.985   1.00 58.20  ? 1810 GLU A N   1 
ATOM   116 C CA  . GLU A 1 17  ? 2.246   8.380   2.993   1.00 57.47  ? 1810 GLU A CA  1 
ATOM   117 C C   . GLU A 1 17  ? 3.438   9.322   2.872   1.00 60.67  ? 1810 GLU A C   1 
ATOM   118 O O   . GLU A 1 17  ? 3.832   9.700   1.762   1.00 55.84  ? 1810 GLU A O   1 
ATOM   119 C CB  . GLU A 1 17  ? 0.984   9.166   3.350   1.00 54.38  ? 1810 GLU A CB  1 
ATOM   120 C CG  . GLU A 1 17  ? -0.318  8.450   3.033   1.00 57.01  ? 1810 GLU A CG  1 
ATOM   121 C CD  . GLU A 1 17  ? -1.518  9.124   3.668   1.00 58.50  ? 1810 GLU A CD  1 
ATOM   122 O OE1 . GLU A 1 17  ? -1.323  9.913   4.617   1.00 58.03  ? 1810 GLU A OE1 1 
ATOM   123 O OE2 . GLU A 1 17  ? -2.655  8.868   3.219   1.00 60.43  ? 1810 GLU A OE2 1 
ATOM   124 N N   . SER A 1 18  ? 4.026   9.710   4.002   1.00 53.85  ? 1811 SER A N   1 
ATOM   125 C CA  . SER A 1 18  ? 5.136   10.654  4.021   1.00 52.57  ? 1811 SER A CA  1 
ATOM   126 C C   . SER A 1 18  ? 6.496   9.988   3.850   1.00 49.93  ? 1811 SER A C   1 
ATOM   127 O O   . SER A 1 18  ? 7.513   10.689  3.841   1.00 50.42  ? 1811 SER A O   1 
ATOM   128 C CB  . SER A 1 18  ? 5.117   11.455  5.326   1.00 53.27  ? 1811 SER A CB  1 
ATOM   129 O OG  . SER A 1 18  ? 5.057   10.593  6.448   1.00 60.03  ? 1811 SER A OG  1 
ATOM   130 N N   . HIS A 1 19  ? 6.539   8.664   3.719   1.00 48.59  ? 1812 HIS A N   1 
ATOM   131 C CA  . HIS A 1 19  ? 7.805   7.970   3.522   1.00 46.28  ? 1812 HIS A CA  1 
ATOM   132 C C   . HIS A 1 19  ? 8.437   8.392   2.200   1.00 50.59  ? 1812 HIS A C   1 
ATOM   133 O O   . HIS A 1 19  ? 7.746   8.723   1.232   1.00 54.13  ? 1812 HIS A O   1 
ATOM   134 C CB  . HIS A 1 19  ? 7.581   6.457   3.546   1.00 48.29  ? 1812 HIS A CB  1 
ATOM   135 C CG  . HIS A 1 19  ? 8.827   5.658   3.778   1.00 46.38  ? 1812 HIS A CG  1 
ATOM   136 N ND1 . HIS A 1 19  ? 9.823   5.537   2.833   1.00 52.70  ? 1812 HIS A ND1 1 
ATOM   137 C CD2 . HIS A 1 19  ? 9.230   4.925   4.843   1.00 44.68  ? 1812 HIS A CD2 1 
ATOM   138 C CE1 . HIS A 1 19  ? 10.790  4.773   3.308   1.00 47.43  ? 1812 HIS A CE1 1 
ATOM   139 N NE2 . HIS A 1 19  ? 10.454  4.388   4.526   1.00 52.93  ? 1812 HIS A NE2 1 
ATOM   140 N N   . ASP A 1 20  ? 9.774   8.388   2.168   1.00 55.23  ? 1813 ASP A N   1 
ATOM   141 C CA  . ASP A 1 20  ? 10.489  8.820   0.971   1.00 52.45  ? 1813 ASP A CA  1 
ATOM   142 C C   . ASP A 1 20  ? 10.176  7.927   -0.225  1.00 56.25  ? 1813 ASP A C   1 
ATOM   143 O O   . ASP A 1 20  ? 10.022  8.415   -1.350  1.00 57.19  ? 1813 ASP A O   1 
ATOM   144 C CB  . ASP A 1 20  ? 11.996  8.844   1.234   1.00 58.89  ? 1813 ASP A CB  1 
ATOM   145 C CG  . ASP A 1 20  ? 12.429  10.047  2.048   1.00 64.32  ? 1813 ASP A CG  1 
ATOM   146 O OD1 . ASP A 1 20  ? 11.685  11.051  2.072   1.00 68.46  ? 1813 ASP A OD1 1 
ATOM   147 O OD2 . ASP A 1 20  ? 13.520  9.993   2.657   1.00 58.50  ? 1813 ASP A OD2 1 
ATOM   148 N N   . ALA A 1 21  ? 10.077  6.619   -0.001  1.00 53.72  ? 1814 ALA A N   1 
ATOM   149 C CA  . ALA A 1 21  ? 9.864   5.657   -1.074  1.00 55.75  ? 1814 ALA A CA  1 
ATOM   150 C C   . ALA A 1 21  ? 8.392   5.436   -1.396  1.00 61.13  ? 1814 ALA A C   1 
ATOM   151 O O   . ALA A 1 21  ? 8.064   4.485   -2.114  1.00 51.99  ? 1814 ALA A O   1 
ATOM   152 C CB  . ALA A 1 21  ? 10.522  4.321   -0.717  1.00 44.45  ? 1814 ALA A CB  1 
ATOM   153 N N   . ALA A 1 22  ? 7.503   6.288   -0.894  1.00 58.71  ? 1815 ALA A N   1 
ATOM   154 C CA  . ALA A 1 22  ? 6.071   6.114   -1.095  1.00 51.15  ? 1815 ALA A CA  1 
ATOM   155 C C   . ALA A 1 22  ? 5.571   6.688   -2.412  1.00 53.80  ? 1815 ALA A C   1 
ATOM   156 O O   . ALA A 1 22  ? 4.369   6.600   -2.685  1.00 55.46  ? 1815 ALA A O   1 
ATOM   157 C CB  . ALA A 1 22  ? 5.299   6.758   0.052   1.00 51.28  ? 1815 ALA A CB  1 
ATOM   158 N N   . TRP A 1 23  ? 6.451   7.261   -3.233  1.00 52.39  ? 1816 TRP A N   1 
ATOM   159 C CA  . TRP A 1 23  ? 5.992   7.932   -4.443  1.00 59.79  ? 1816 TRP A CA  1 
ATOM   160 C C   . TRP A 1 23  ? 5.278   7.033   -5.455  1.00 60.41  ? 1816 TRP A C   1 
ATOM   161 O O   . TRP A 1 23  ? 4.384   7.545   -6.146  1.00 59.34  ? 1816 TRP A O   1 
ATOM   162 C CB  . TRP A 1 23  ? 7.170   8.667   -5.107  1.00 54.90  ? 1816 TRP A CB  1 
ATOM   163 C CG  . TRP A 1 23  ? 8.292   7.787   -5.554  1.00 55.24  ? 1816 TRP A CG  1 
ATOM   164 C CD1 . TRP A 1 23  ? 9.414   7.465   -4.848  1.00 51.88  ? 1816 TRP A CD1 1 
ATOM   165 C CD2 . TRP A 1 23  ? 8.408   7.124   -6.818  1.00 57.75  ? 1816 TRP A CD2 1 
ATOM   166 N NE1 . TRP A 1 23  ? 10.219  6.636   -5.592  1.00 52.73  ? 1816 TRP A NE1 1 
ATOM   167 C CE2 . TRP A 1 23  ? 9.622   6.409   -6.804  1.00 57.24  ? 1816 TRP A CE2 1 
ATOM   168 C CE3 . TRP A 1 23  ? 7.598   7.055   -7.954  1.00 55.51  ? 1816 TRP A CE3 1 
ATOM   169 C CZ2 . TRP A 1 23  ? 10.048  5.641   -7.886  1.00 61.86  ? 1816 TRP A CZ2 1 
ATOM   170 C CZ3 . TRP A 1 23  ? 8.023   6.291   -9.028  1.00 59.27  ? 1816 TRP A CZ3 1 
ATOM   171 C CH2 . TRP A 1 23  ? 9.237   5.596   -8.986  1.00 60.26  ? 1816 TRP A CH2 1 
ATOM   172 N N   . PRO A 1 24  ? 5.592   5.734   -5.606  1.00 56.78  ? 1817 PRO A N   1 
ATOM   173 C CA  . PRO A 1 24  ? 4.835   4.934   -6.584  1.00 51.63  ? 1817 PRO A CA  1 
ATOM   174 C C   . PRO A 1 24  ? 3.430   4.584   -6.134  1.00 54.33  ? 1817 PRO A C   1 
ATOM   175 O O   . PRO A 1 24  ? 2.618   4.178   -6.976  1.00 54.79  ? 1817 PRO A O   1 
ATOM   176 C CB  . PRO A 1 24  ? 5.688   3.664   -6.745  1.00 50.01  ? 1817 PRO A CB  1 
ATOM   177 C CG  . PRO A 1 24  ? 7.003   3.982   -6.131  1.00 58.24  ? 1817 PRO A CG  1 
ATOM   178 C CD  . PRO A 1 24  ? 6.688   4.935   -5.032  1.00 60.23  ? 1817 PRO A CD  1 
ATOM   179 N N   . PHE A 1 25  ? 3.107   4.732   -4.848  1.00 57.57  ? 1818 PHE A N   1 
ATOM   180 C CA  . PHE A 1 25  ? 1.863   4.204   -4.299  1.00 54.69  ? 1818 PHE A CA  1 
ATOM   181 C C   . PHE A 1 25  ? 0.981   5.285   -3.685  1.00 58.09  ? 1818 PHE A C   1 
ATOM   182 O O   . PHE A 1 25  ? 0.056   4.964   -2.931  1.00 57.18  ? 1818 PHE A O   1 
ATOM   183 C CB  . PHE A 1 25  ? 2.169   3.117   -3.268  1.00 58.80  ? 1818 PHE A CB  1 
ATOM   184 C CG  . PHE A 1 25  ? 3.312   2.222   -3.661  1.00 55.90  ? 1818 PHE A CG  1 
ATOM   185 C CD1 . PHE A 1 25  ? 3.113   1.163   -4.532  1.00 55.02  ? 1818 PHE A CD1 1 
ATOM   186 C CD2 . PHE A 1 25  ? 4.589   2.448   -3.169  1.00 48.96  ? 1818 PHE A CD2 1 
ATOM   187 C CE1 . PHE A 1 25  ? 4.161   0.346   -4.902  1.00 54.20  ? 1818 PHE A CE1 1 
ATOM   188 C CE2 . PHE A 1 25  ? 5.640   1.632   -3.535  1.00 50.17  ? 1818 PHE A CE2 1 
ATOM   189 C CZ  . PHE A 1 25  ? 5.425   0.582   -4.403  1.00 56.00  ? 1818 PHE A CZ  1 
ATOM   190 N N   . LEU A 1 26  ? 1.234   6.559   -3.995  1.00 58.85  ? 1819 LEU A N   1 
ATOM   191 C CA  . LEU A 1 26  ? 0.399   7.627   -3.454  1.00 58.18  ? 1819 LEU A CA  1 
ATOM   192 C C   . LEU A 1 26  ? -0.940  7.717   -4.175  1.00 65.19  ? 1819 LEU A C   1 
ATOM   193 O O   . LEU A 1 26  ? -1.964  8.012   -3.549  1.00 65.38  ? 1819 LEU A O   1 
ATOM   194 C CB  . LEU A 1 26  ? 1.134   8.965   -3.531  1.00 59.90  ? 1819 LEU A CB  1 
ATOM   195 C CG  . LEU A 1 26  ? 2.287   9.164   -2.546  1.00 54.52  ? 1819 LEU A CG  1 
ATOM   196 C CD1 . LEU A 1 26  ? 3.006   10.475  -2.817  1.00 42.54  ? 1819 LEU A CD1 1 
ATOM   197 C CD2 . LEU A 1 26  ? 1.777   9.118   -1.115  1.00 55.11  ? 1819 LEU A CD2 1 
ATOM   198 N N   . GLU A 1 27  ? -0.954  7.471   -5.479  1.00 66.17  ? 1820 GLU A N   1 
ATOM   199 C CA  . GLU A 1 27  ? -2.147  7.546   -6.303  1.00 63.70  ? 1820 GLU A CA  1 
ATOM   200 C C   . GLU A 1 27  ? -2.355  6.234   -7.047  1.00 60.15  ? 1820 GLU A C   1 
ATOM   201 O O   . GLU A 1 27  ? -1.404  5.465   -7.243  1.00 57.73  ? 1820 GLU A O   1 
ATOM   202 C CB  . GLU A 1 27  ? -2.044  8.708   -7.303  1.00 66.75  ? 1820 GLU A CB  1 
ATOM   203 C CG  . GLU A 1 27  ? -2.020  10.080  -6.648  1.00 68.40  ? 1820 GLU A CG  1 
ATOM   204 C CD  . GLU A 1 27  ? -3.287  10.375  -5.864  1.00 78.53  ? 1820 GLU A CD  1 
ATOM   205 O OE1 . GLU A 1 27  ? -4.376  9.946   -6.301  1.00 87.62  ? 1820 GLU A OE1 1 
ATOM   206 O OE2 . GLU A 1 27  ? -3.193  11.036  -4.807  1.00 67.96  ? 1820 GLU A OE2 1 
ATOM   207 N N   . PRO A 1 28  ? -3.586  5.932   -7.463  1.00 58.16  ? 1821 PRO A N   1 
ATOM   208 C CA  . PRO A 1 28  ? -3.827  4.689   -8.201  1.00 54.44  ? 1821 PRO A CA  1 
ATOM   209 C C   . PRO A 1 28  ? -3.069  4.673   -9.519  1.00 47.80  ? 1821 PRO A C   1 
ATOM   210 O O   . PRO A 1 28  ? -2.881  5.705   -10.167 1.00 59.27  ? 1821 PRO A O   1 
ATOM   211 C CB  . PRO A 1 28  ? -5.343  4.691   -8.428  1.00 48.77  ? 1821 PRO A CB  1 
ATOM   212 C CG  . PRO A 1 28  ? -5.885  5.612   -7.387  1.00 51.98  ? 1821 PRO A CG  1 
ATOM   213 C CD  . PRO A 1 28  ? -4.839  6.667   -7.207  1.00 59.60  ? 1821 PRO A CD  1 
ATOM   214 N N   . VAL A 1 29  ? -2.622  3.475   -9.906  1.00 50.47  ? 1822 VAL A N   1 
ATOM   215 C CA  . VAL A 1 29  ? -1.891  3.319   -11.157 1.00 55.91  ? 1822 VAL A CA  1 
ATOM   216 C C   . VAL A 1 29  ? -2.791  3.708   -12.317 1.00 57.06  ? 1822 VAL A C   1 
ATOM   217 O O   . VAL A 1 29  ? -3.958  3.299   -12.386 1.00 54.16  ? 1822 VAL A O   1 
ATOM   218 C CB  . VAL A 1 29  ? -1.378  1.878   -11.299 1.00 58.28  ? 1822 VAL A CB  1 
ATOM   219 C CG1 . VAL A 1 29  ? -0.609  1.708   -12.601 1.00 49.50  ? 1822 VAL A CG1 1 
ATOM   220 C CG2 . VAL A 1 29  ? -0.507  1.507   -10.107 1.00 51.12  ? 1822 VAL A CG2 1 
ATOM   221 N N   . ASN A 1 30  ? -2.255  4.511   -13.234 1.00 62.41  ? 1823 ASN A N   1 
ATOM   222 C CA  . ASN A 1 30  ? -2.997  4.969   -14.401 1.00 59.81  ? 1823 ASN A CA  1 
ATOM   223 C C   . ASN A 1 30  ? -2.839  3.957   -15.529 1.00 54.44  ? 1823 ASN A C   1 
ATOM   224 O O   . ASN A 1 30  ? -1.776  3.894   -16.162 1.00 53.72  ? 1823 ASN A O   1 
ATOM   225 C CB  . ASN A 1 30  ? -2.509  6.353   -14.835 1.00 63.63  ? 1823 ASN A CB  1 
ATOM   226 C CG  . ASN A 1 30  ? -3.497  7.066   -15.737 1.00 56.83  ? 1823 ASN A CG  1 
ATOM   227 O OD1 . ASN A 1 30  ? -4.100  6.459   -16.622 1.00 62.37  ? 1823 ASN A OD1 1 
ATOM   228 N ND2 . ASN A 1 30  ? -3.673  8.362   -15.509 1.00 58.69  ? 1823 ASN A ND2 1 
ATOM   229 N N   . PRO A 1 31  ? -3.865  3.150   -15.812 1.00 53.06  ? 1824 PRO A N   1 
ATOM   230 C CA  . PRO A 1 31  ? -3.711  2.101   -16.830 1.00 54.28  ? 1824 PRO A CA  1 
ATOM   231 C C   . PRO A 1 31  ? -3.538  2.641   -18.238 1.00 54.43  ? 1824 PRO A C   1 
ATOM   232 O O   . PRO A 1 31  ? -2.964  1.943   -19.082 1.00 56.58  ? 1824 PRO A O   1 
ATOM   233 C CB  . PRO A 1 31  ? -5.006  1.288   -16.696 1.00 52.81  ? 1824 PRO A CB  1 
ATOM   234 C CG  . PRO A 1 31  ? -5.998  2.264   -16.160 1.00 53.39  ? 1824 PRO A CG  1 
ATOM   235 C CD  . PRO A 1 31  ? -5.228  3.178   -15.247 1.00 49.29  ? 1824 PRO A CD  1 
ATOM   236 N N   . ARG A 1 32  ? -4.018  3.856   -18.520 1.00 55.65  ? 1825 ARG A N   1 
ATOM   237 C CA  . ARG A 1 32  ? -3.767  4.459   -19.824 1.00 51.25  ? 1825 ARG A CA  1 
ATOM   238 C C   . ARG A 1 32  ? -2.286  4.748   -20.027 1.00 51.32  ? 1825 ARG A C   1 
ATOM   239 O O   . ARG A 1 32  ? -1.815  4.805   -21.169 1.00 56.41  ? 1825 ARG A O   1 
ATOM   240 C CB  . ARG A 1 32  ? -4.570  5.751   -19.977 1.00 51.40  ? 1825 ARG A CB  1 
ATOM   241 C CG  . ARG A 1 32  ? -6.079  5.585   -19.930 1.00 55.80  ? 1825 ARG A CG  1 
ATOM   242 C CD  . ARG A 1 32  ? -6.755  6.947   -19.973 1.00 55.28  ? 1825 ARG A CD  1 
ATOM   243 N NE  . ARG A 1 32  ? -8.211  6.857   -19.935 1.00 57.65  ? 1825 ARG A NE  1 
ATOM   244 C CZ  . ARG A 1 32  ? -9.019  7.905   -19.808 1.00 60.31  ? 1825 ARG A CZ  1 
ATOM   245 N NH1 . ARG A 1 32  ? -8.512  9.126   -19.701 1.00 58.05  ? 1825 ARG A NH1 1 
ATOM   246 N NH2 . ARG A 1 32  ? -10.334 7.734   -19.782 1.00 59.70  ? 1825 ARG A NH2 1 
ATOM   247 N N   . LEU A 1 33  ? -1.542  4.933   -18.937 1.00 62.60  ? 1826 LEU A N   1 
ATOM   248 C CA  . LEU A 1 33  ? -0.140  5.319   -19.003 1.00 55.40  ? 1826 LEU A CA  1 
ATOM   249 C C   . LEU A 1 33  ? 0.821   4.173   -18.730 1.00 55.81  ? 1826 LEU A C   1 
ATOM   250 O O   . LEU A 1 33  ? 1.983   4.251   -19.144 1.00 55.83  ? 1826 LEU A O   1 
ATOM   251 C CB  . LEU A 1 33  ? 0.135   6.450   -18.008 1.00 54.34  ? 1826 LEU A CB  1 
ATOM   252 C CG  . LEU A 1 33  ? -0.587  7.759   -18.319 1.00 54.50  ? 1826 LEU A CG  1 
ATOM   253 C CD1 . LEU A 1 33  ? -0.530  8.715   -17.136 1.00 58.80  ? 1826 LEU A CD1 1 
ATOM   254 C CD2 . LEU A 1 33  ? 0.028   8.388   -19.554 1.00 54.88  ? 1826 LEU A CD2 1 
ATOM   255 N N   . VAL A 1 34  ? 0.378   3.126   -18.044 1.00 56.98  ? 1827 VAL A N   1 
ATOM   256 C CA  . VAL A 1 34  ? 1.220   1.984   -17.710 1.00 55.49  ? 1827 VAL A CA  1 
ATOM   257 C C   . VAL A 1 34  ? 0.752   0.808   -18.559 1.00 57.69  ? 1827 VAL A C   1 
ATOM   258 O O   . VAL A 1 34  ? -0.315  0.235   -18.308 1.00 60.20  ? 1827 VAL A O   1 
ATOM   259 C CB  . VAL A 1 34  ? 1.166   1.655   -16.213 1.00 59.86  ? 1827 VAL A CB  1 
ATOM   260 C CG1 . VAL A 1 34  ? 2.110   0.514   -15.891 1.00 51.64  ? 1827 VAL A CG1 1 
ATOM   261 C CG2 . VAL A 1 34  ? 1.518   2.885   -15.387 1.00 56.36  ? 1827 VAL A CG2 1 
ATOM   262 N N   . SER A 1 35  ? 1.548   0.451   -19.565 1.00 52.36  ? 1828 SER A N   1 
ATOM   263 C CA  . SER A 1 35  ? 1.161   -0.599  -20.498 1.00 51.15  ? 1828 SER A CA  1 
ATOM   264 C C   . SER A 1 35  ? 1.129   -1.956  -19.803 1.00 53.68  ? 1828 SER A C   1 
ATOM   265 O O   . SER A 1 35  ? 2.111   -2.369  -19.178 1.00 65.00  ? 1828 SER A O   1 
ATOM   266 C CB  . SER A 1 35  ? 2.127   -0.635  -21.682 1.00 60.31  ? 1828 SER A CB  1 
ATOM   267 O OG  . SER A 1 35  ? 2.074   0.573   -22.421 1.00 79.09  ? 1828 SER A OG  1 
ATOM   268 N N   . GLY A 1 36  ? -0.007  -2.644  -19.911 1.00 56.54  ? 1829 GLY A N   1 
ATOM   269 C CA  . GLY A 1 36  ? -0.156  -3.986  -19.394 1.00 52.97  ? 1829 GLY A CA  1 
ATOM   270 C C   . GLY A 1 36  ? -0.642  -4.086  -17.965 1.00 53.24  ? 1829 GLY A C   1 
ATOM   271 O O   . GLY A 1 36  ? -0.840  -5.204  -17.476 1.00 54.72  ? 1829 GLY A O   1 
ATOM   272 N N   . TYR A 1 37  ? -0.849  -2.958  -17.281 1.00 51.62  ? 1830 TYR A N   1 
ATOM   273 C CA  . TYR A 1 37  ? -1.228  -3.022  -15.874 1.00 54.76  ? 1830 TYR A CA  1 
ATOM   274 C C   . TYR A 1 37  ? -2.676  -3.461  -15.697 1.00 54.70  ? 1830 TYR A C   1 
ATOM   275 O O   . TYR A 1 37  ? -3.006  -4.109  -14.697 1.00 51.76  ? 1830 TYR A O   1 
ATOM   276 C CB  . TYR A 1 37  ? -0.993  -1.668  -15.201 1.00 49.80  ? 1830 TYR A CB  1 
ATOM   277 C CG  . TYR A 1 37  ? -0.954  -1.745  -13.692 1.00 54.31  ? 1830 TYR A CG  1 
ATOM   278 C CD1 . TYR A 1 37  ? -2.114  -1.619  -12.939 1.00 51.53  ? 1830 TYR A CD1 1 
ATOM   279 C CD2 . TYR A 1 37  ? 0.244   -1.951  -13.019 1.00 56.17  ? 1830 TYR A CD2 1 
ATOM   280 C CE1 . TYR A 1 37  ? -2.082  -1.693  -11.559 1.00 50.73  ? 1830 TYR A CE1 1 
ATOM   281 C CE2 . TYR A 1 37  ? 0.287   -2.026  -11.639 1.00 54.14  ? 1830 TYR A CE2 1 
ATOM   282 C CZ  . TYR A 1 37  ? -0.880  -1.896  -10.913 1.00 55.99  ? 1830 TYR A CZ  1 
ATOM   283 O OH  . TYR A 1 37  ? -0.844  -1.970  -9.539  1.00 50.84  ? 1830 TYR A OH  1 
ATOM   284 N N   . ARG A 1 38  ? -3.547  -3.129  -16.651 1.00 60.71  ? 1831 ARG A N   1 
ATOM   285 C CA  . ARG A 1 38  ? -4.956  -3.487  -16.520 1.00 52.66  ? 1831 ARG A CA  1 
ATOM   286 C C   . ARG A 1 38  ? -5.161  -4.993  -16.623 1.00 54.35  ? 1831 ARG A C   1 
ATOM   287 O O   . ARG A 1 38  ? -6.091  -5.536  -16.017 1.00 52.74  ? 1831 ARG A O   1 
ATOM   288 C CB  . ARG A 1 38  ? -5.781  -2.767  -17.589 1.00 59.70  ? 1831 ARG A CB  1 
ATOM   289 C CG  . ARG A 1 38  ? -7.287  -2.846  -17.374 1.00 69.58  ? 1831 ARG A CG  1 
ATOM   290 C CD  . ARG A 1 38  ? -8.062  -2.356  -18.589 1.00 59.49  ? 1831 ARG A CD  1 
ATOM   291 N NE  . ARG A 1 38  ? -7.786  -0.955  -18.903 1.00 64.31  ? 1831 ARG A NE  1 
ATOM   292 C CZ  . ARG A 1 38  ? -8.439  0.073   -18.370 1.00 65.22  ? 1831 ARG A CZ  1 
ATOM   293 N NH1 . ARG A 1 38  ? -9.407  -0.138  -17.488 1.00 60.95  ? 1831 ARG A NH1 1 
ATOM   294 N NH2 . ARG A 1 38  ? -8.122  1.314   -18.717 1.00 61.60  ? 1831 ARG A NH2 1 
ATOM   295 N N   . ARG A 1 39  ? -4.301  -5.678  -17.371 1.00 53.19  ? 1832 ARG A N   1 
ATOM   296 C CA  . ARG A 1 39  ? -4.458  -7.102  -17.628 1.00 51.22  ? 1832 ARG A CA  1 
ATOM   297 C C   . ARG A 1 39  ? -3.768  -7.984  -16.599 1.00 57.21  ? 1832 ARG A C   1 
ATOM   298 O O   . ARG A 1 39  ? -4.142  -9.150  -16.441 1.00 52.62  ? 1832 ARG A O   1 
ATOM   299 C CB  . ARG A 1 39  ? -3.930  -7.418  -19.034 1.00 51.62  ? 1832 ARG A CB  1 
ATOM   300 C CG  . ARG A 1 39  ? -4.115  -8.850  -19.509 1.00 57.73  ? 1832 ARG A CG  1 
ATOM   301 C CD  . ARG A 1 39  ? -3.477  -9.045  -20.884 1.00 60.38  ? 1832 ARG A CD  1 
ATOM   302 N NE  . ARG A 1 39  ? -2.233  -8.289  -21.018 1.00 58.43  ? 1832 ARG A NE  1 
ATOM   303 C CZ  . ARG A 1 39  ? -1.051  -8.705  -20.575 1.00 66.17  ? 1832 ARG A CZ  1 
ATOM   304 N NH1 . ARG A 1 39  ? -0.942  -9.876  -19.963 1.00 66.04  ? 1832 ARG A NH1 1 
ATOM   305 N NH2 . ARG A 1 39  ? 0.023   -7.945  -20.740 1.00 59.82  ? 1832 ARG A NH2 1 
ATOM   306 N N   . ILE A 1 40  ? -2.779  -7.451  -15.878 1.00 60.12  ? 1833 ILE A N   1 
ATOM   307 C CA  . ILE A 1 40  ? -1.972  -8.250  -14.974 1.00 49.94  ? 1833 ILE A CA  1 
ATOM   308 C C   . ILE A 1 40  ? -2.476  -8.148  -13.531 1.00 53.52  ? 1833 ILE A C   1 
ATOM   309 O O   . ILE A 1 40  ? -2.506  -9.149  -12.821 1.00 52.95  ? 1833 ILE A O   1 
ATOM   310 C CB  . ILE A 1 40  ? -0.489  -7.838  -15.078 1.00 51.62  ? 1833 ILE A CB  1 
ATOM   311 C CG1 . ILE A 1 40  ? 0.063   -8.189  -16.459 1.00 52.28  ? 1833 ILE A CG1 1 
ATOM   312 C CG2 . ILE A 1 40  ? 0.335   -8.498  -13.989 1.00 54.86  ? 1833 ILE A CG2 1 
ATOM   313 C CD1 . ILE A 1 40  ? 1.523   -7.821  -16.654 1.00 42.08  ? 1833 ILE A CD1 1 
ATOM   314 N N   . ILE A 1 41  ? -2.874  -6.961  -13.095 1.00 47.40  ? 1834 ILE A N   1 
ATOM   315 C CA  . ILE A 1 41  ? -3.284  -6.722  -11.711 1.00 51.45  ? 1834 ILE A CA  1 
ATOM   316 C C   . ILE A 1 41  ? -4.804  -6.767  -11.652 1.00 49.85  ? 1834 ILE A C   1 
ATOM   317 O O   . ILE A 1 41  ? -5.484  -5.873  -12.168 1.00 56.42  ? 1834 ILE A O   1 
ATOM   318 C CB  . ILE A 1 41  ? -2.746  -5.384  -11.185 1.00 55.18  ? 1834 ILE A CB  1 
ATOM   319 C CG1 . ILE A 1 41  ? -1.216  -5.370  -11.251 1.00 52.84  ? 1834 ILE A CG1 1 
ATOM   320 C CG2 . ILE A 1 41  ? -3.230  -5.147  -9.776  1.00 49.10  ? 1834 ILE A CG2 1 
ATOM   321 C CD1 . ILE A 1 41  ? -0.556  -6.553  -10.573 1.00 51.10  ? 1834 ILE A CD1 1 
ATOM   322 N N   . LYS A 1 42  ? -5.340  -7.812  -11.017 1.00 49.29  ? 1835 LYS A N   1 
ATOM   323 C CA  . LYS A 1 42  ? -6.788  -7.969  -10.933 1.00 52.47  ? 1835 LYS A CA  1 
ATOM   324 C C   . LYS A 1 42  ? -7.406  -6.942  -9.991  1.00 50.61  ? 1835 LYS A C   1 
ATOM   325 O O   . LYS A 1 42  ? -8.386  -6.275  -10.342 1.00 63.55  ? 1835 LYS A O   1 
ATOM   326 C CB  . LYS A 1 42  ? -7.135  -9.387  -10.478 1.00 49.47  ? 1835 LYS A CB  1 
ATOM   327 C CG  . LYS A 1 42  ? -7.406  -10.361 -11.612 1.00 61.11  ? 1835 LYS A CG  1 
ATOM   328 C CD  . LYS A 1 42  ? -8.341  -11.476 -11.161 1.00 76.14  ? 1835 LYS A CD  1 
ATOM   329 C CE  . LYS A 1 42  ? -9.660  -10.913 -10.644 1.00 75.02  ? 1835 LYS A CE  1 
ATOM   330 N NZ  . LYS A 1 42  ? -10.587 -11.976 -10.165 1.00 77.35  ? 1835 LYS A NZ  1 
ATOM   331 N N   . ASN A 1 43  ? -6.853  -6.807  -8.785  1.00 56.16  ? 1836 ASN A N   1 
ATOM   332 C CA  . ASN A 1 43  ? -7.406  -5.946  -7.740  1.00 60.03  ? 1836 ASN A CA  1 
ATOM   333 C C   . ASN A 1 43  ? -6.368  -4.907  -7.362  1.00 55.09  ? 1836 ASN A C   1 
ATOM   334 O O   . ASN A 1 43  ? -5.619  -5.083  -6.381  1.00 53.05  ? 1836 ASN A O   1 
ATOM   335 C CB  . ASN A 1 43  ? -7.840  -6.766  -6.526  1.00 56.20  ? 1836 ASN A CB  1 
ATOM   336 C CG  . ASN A 1 43  ? -8.750  -7.921  -6.897  1.00 60.31  ? 1836 ASN A CG  1 
ATOM   337 O OD1 . ASN A 1 43  ? -8.386  -9.089  -6.742  1.00 59.90  ? 1836 ASN A OD1 1 
ATOM   338 N ND2 . ASN A 1 43  ? -9.941  -7.603  -7.393  1.00 59.01  ? 1836 ASN A ND2 1 
ATOM   339 N N   . PRO A 1 44  ? -6.274  -3.802  -8.100  1.00 55.34  ? 1837 PRO A N   1 
ATOM   340 C CA  . PRO A 1 44  ? -5.319  -2.752  -7.751  1.00 53.04  ? 1837 PRO A CA  1 
ATOM   341 C C   . PRO A 1 44  ? -5.684  -2.080  -6.433  1.00 55.11  ? 1837 PRO A C   1 
ATOM   342 O O   . PRO A 1 44  ? -6.831  -2.110  -5.982  1.00 61.42  ? 1837 PRO A O   1 
ATOM   343 C CB  . PRO A 1 44  ? -5.412  -1.770  -8.925  1.00 51.05  ? 1837 PRO A CB  1 
ATOM   344 C CG  . PRO A 1 44  ? -6.754  -2.027  -9.528  1.00 56.06  ? 1837 PRO A CG  1 
ATOM   345 C CD  . PRO A 1 44  ? -7.005  -3.495  -9.346  1.00 56.44  ? 1837 PRO A CD  1 
ATOM   346 N N   . MET A 1 45  ? -4.677  -1.465  -5.816  1.00 52.08  ? 1838 MET A N   1 
ATOM   347 C CA  . MET A 1 45  ? -4.833  -0.847  -4.508  1.00 57.52  ? 1838 MET A CA  1 
ATOM   348 C C   . MET A 1 45  ? -3.649  0.078   -4.263  1.00 54.02  ? 1838 MET A C   1 
ATOM   349 O O   . MET A 1 45  ? -2.521  -0.242  -4.643  1.00 53.40  ? 1838 MET A O   1 
ATOM   350 C CB  . MET A 1 45  ? -4.929  -1.907  -3.402  1.00 53.56  ? 1838 MET A CB  1 
ATOM   351 C CG  . MET A 1 45  ? -5.025  -1.352  -1.990  1.00 54.24  ? 1838 MET A CG  1 
ATOM   352 S SD  . MET A 1 45  ? -6.400  -0.207  -1.772  1.00 63.64  ? 1838 MET A SD  1 
ATOM   353 C CE  . MET A 1 45  ? -7.783  -1.243  -2.246  1.00 57.52  ? 1838 MET A CE  1 
ATOM   354 N N   . ASP A 1 46  ? -3.917  1.222   -3.637  1.00 52.76  ? 1839 ASP A N   1 
ATOM   355 C CA  . ASP A 1 46  ? -2.879  2.205   -3.355  1.00 55.20  ? 1839 ASP A CA  1 
ATOM   356 C C   . ASP A 1 46  ? -3.188  2.887   -2.029  1.00 60.66  ? 1839 ASP A C   1 
ATOM   357 O O   . ASP A 1 46  ? -4.220  2.632   -1.400  1.00 63.42  ? 1839 ASP A O   1 
ATOM   358 C CB  . ASP A 1 46  ? -2.761  3.230   -4.486  1.00 52.96  ? 1839 ASP A CB  1 
ATOM   359 C CG  . ASP A 1 46  ? -4.009  4.077   -4.638  1.00 60.56  ? 1839 ASP A CG  1 
ATOM   360 O OD1 . ASP A 1 46  ? -5.096  3.505   -4.869  1.00 64.55  ? 1839 ASP A OD1 1 
ATOM   361 O OD2 . ASP A 1 46  ? -3.905  5.314   -4.507  1.00 64.84  ? 1839 ASP A OD2 1 
ATOM   362 N N   . PHE A 1 47  ? -2.277  3.771   -1.609  1.00 55.99  ? 1840 PHE A N   1 
ATOM   363 C CA  . PHE A 1 47  ? -2.406  4.408   -0.301  1.00 61.40  ? 1840 PHE A CA  1 
ATOM   364 C C   . PHE A 1 47  ? -3.604  5.348   -0.247  1.00 61.54  ? 1840 PHE A C   1 
ATOM   365 O O   . PHE A 1 47  ? -4.300  5.414   0.773   1.00 56.04  ? 1840 PHE A O   1 
ATOM   366 C CB  . PHE A 1 47  ? -1.123  5.163   0.047   1.00 59.48  ? 1840 PHE A CB  1 
ATOM   367 C CG  . PHE A 1 47  ? 0.056   4.271   0.309   1.00 58.37  ? 1840 PHE A CG  1 
ATOM   368 C CD1 . PHE A 1 47  ? -0.115  3.004   0.842   1.00 60.29  ? 1840 PHE A CD1 1 
ATOM   369 C CD2 . PHE A 1 47  ? 1.341   4.703   0.021   1.00 55.61  ? 1840 PHE A CD2 1 
ATOM   370 C CE1 . PHE A 1 47  ? 0.974   2.185   1.084   1.00 59.94  ? 1840 PHE A CE1 1 
ATOM   371 C CE2 . PHE A 1 47  ? 2.432   3.891   0.259   1.00 60.55  ? 1840 PHE A CE2 1 
ATOM   372 C CZ  . PHE A 1 47  ? 2.248   2.629   0.791   1.00 59.80  ? 1840 PHE A CZ  1 
ATOM   373 N N   . SER A 1 48  ? -3.856  6.092   -1.328  1.00 64.42  ? 1841 SER A N   1 
ATOM   374 C CA  . SER A 1 48  ? -4.964  7.043   -1.321  1.00 62.87  ? 1841 SER A CA  1 
ATOM   375 C C   . SER A 1 48  ? -6.299  6.328   -1.176  1.00 64.39  ? 1841 SER A C   1 
ATOM   376 O O   . SER A 1 48  ? -7.187  6.798   -0.456  1.00 61.87  ? 1841 SER A O   1 
ATOM   377 C CB  . SER A 1 48  ? -4.950  7.889   -2.593  1.00 51.49  ? 1841 SER A CB  1 
ATOM   378 O OG  . SER A 1 48  ? -5.413  7.146   -3.707  1.00 67.44  ? 1841 SER A OG  1 
ATOM   379 N N   . THR A 1 49  ? -6.461  5.189   -1.854  1.00 59.04  ? 1842 THR A N   1 
ATOM   380 C CA  . THR A 1 49  ? -7.684  4.408   -1.708  1.00 64.62  ? 1842 THR A CA  1 
ATOM   381 C C   . THR A 1 49  ? -7.857  3.933   -0.272  1.00 63.15  ? 1842 THR A C   1 
ATOM   382 O O   . THR A 1 49  ? -8.967  3.967   0.274   1.00 64.29  ? 1842 THR A O   1 
ATOM   383 C CB  . THR A 1 49  ? -7.665  3.221   -2.673  1.00 61.44  ? 1842 THR A CB  1 
ATOM   384 O OG1 . THR A 1 49  ? -7.523  3.700   -4.016  1.00 59.43  ? 1842 THR A OG1 1 
ATOM   385 C CG2 . THR A 1 49  ? -8.949  2.418   -2.562  1.00 51.64  ? 1842 THR A CG2 1 
ATOM   386 N N   . MET A 1 50  ? -6.765  3.495   0.359   1.00 58.83  ? 1843 MET A N   1 
ATOM   387 C CA  . MET A 1 50  ? -6.818  3.146   1.773   1.00 62.19  ? 1843 MET A CA  1 
ATOM   388 C C   . MET A 1 50  ? -7.079  4.372   2.638   1.00 65.54  ? 1843 MET A C   1 
ATOM   389 O O   . MET A 1 50  ? -7.658  4.254   3.723   1.00 63.09  ? 1843 MET A O   1 
ATOM   390 C CB  . MET A 1 50  ? -5.516  2.461   2.192   1.00 57.87  ? 1843 MET A CB  1 
ATOM   391 C CG  . MET A 1 50  ? -5.259  1.131   1.503   1.00 62.20  ? 1843 MET A CG  1 
ATOM   392 S SD  . MET A 1 50  ? -3.529  0.623   1.559   1.00 58.18  ? 1843 MET A SD  1 
ATOM   393 C CE  . MET A 1 50  ? -3.235  0.572   3.324   1.00 55.46  ? 1843 MET A CE  1 
ATOM   394 N N   . ARG A 1 51  ? -6.670  5.553   2.172   1.00 64.25  ? 1844 ARG A N   1 
ATOM   395 C CA  . ARG A 1 51  ? -6.888  6.772   2.944   1.00 62.42  ? 1844 ARG A CA  1 
ATOM   396 C C   . ARG A 1 51  ? -8.368  7.130   2.997   1.00 67.66  ? 1844 ARG A C   1 
ATOM   397 O O   . ARG A 1 51  ? -8.911  7.408   4.073   1.00 62.33  ? 1844 ARG A O   1 
ATOM   398 C CB  . ARG A 1 51  ? -6.068  7.918   2.349   1.00 62.05  ? 1844 ARG A CB  1 
ATOM   399 C CG  . ARG A 1 51  ? -6.416  9.294   2.898   1.00 61.94  ? 1844 ARG A CG  1 
ATOM   400 C CD  . ARG A 1 51  ? -6.265  9.358   4.411   1.00 63.73  ? 1844 ARG A CD  1 
ATOM   401 N NE  . ARG A 1 51  ? -4.880  9.190   4.841   1.00 64.49  ? 1844 ARG A NE  1 
ATOM   402 C CZ  . ARG A 1 51  ? -4.513  8.990   6.102   1.00 60.39  ? 1844 ARG A CZ  1 
ATOM   403 N NH1 . ARG A 1 51  ? -5.432  8.926   7.057   1.00 57.62  ? 1844 ARG A NH1 1 
ATOM   404 N NH2 . ARG A 1 51  ? -3.232  8.847   6.410   1.00 52.94  ? 1844 ARG A NH2 1 
ATOM   405 N N   . GLU A 1 52  ? -9.040  7.123   1.844   1.00 67.62  ? 1845 GLU A N   1 
ATOM   406 C CA  . GLU A 1 52  ? -10.442 7.524   1.819   1.00 62.30  ? 1845 GLU A CA  1 
ATOM   407 C C   . GLU A 1 52  ? -11.344 6.488   2.476   1.00 64.82  ? 1845 GLU A C   1 
ATOM   408 O O   . GLU A 1 52  ? -12.361 6.851   3.078   1.00 68.99  ? 1845 GLU A O   1 
ATOM   409 C CB  . GLU A 1 52  ? -10.886 7.799   0.381   1.00 61.72  ? 1845 GLU A CB  1 
ATOM   410 C CG  . GLU A 1 52  ? -10.318 6.844   -0.649  1.00 70.44  ? 1845 GLU A CG  1 
ATOM   411 C CD  . GLU A 1 52  ? -10.607 7.285   -2.072  1.00 67.36  ? 1845 GLU A CD  1 
ATOM   412 O OE1 . GLU A 1 52  ? -11.376 6.590   -2.768  1.00 77.15  ? 1845 GLU A OE1 1 
ATOM   413 O OE2 . GLU A 1 52  ? -10.068 8.331   -2.490  1.00 65.33  ? 1845 GLU A OE2 1 
ATOM   414 N N   . ARG A 1 53  ? -10.999 5.201   2.379   1.00 66.31  ? 1846 ARG A N   1 
ATOM   415 C CA  . ARG A 1 53  ? -11.802 4.190   3.057   1.00 73.85  ? 1846 ARG A CA  1 
ATOM   416 C C   . ARG A 1 53  ? -11.623 4.269   4.567   1.00 70.05  ? 1846 ARG A C   1 
ATOM   417 O O   . ARG A 1 53  ? -12.586 4.083   5.322   1.00 73.13  ? 1846 ARG A O   1 
ATOM   418 C CB  . ARG A 1 53  ? -11.448 2.792   2.547   1.00 73.45  ? 1846 ARG A CB  1 
ATOM   419 C CG  . ARG A 1 53  ? -12.164 1.685   3.310   1.00 80.91  ? 1846 ARG A CG  1 
ATOM   420 C CD  . ARG A 1 53  ? -11.898 0.307   2.727   1.00 82.38  ? 1846 ARG A CD  1 
ATOM   421 N NE  . ARG A 1 53  ? -12.455 -0.748  3.571   1.00 84.98  ? 1846 ARG A NE  1 
ATOM   422 C CZ  . ARG A 1 53  ? -12.417 -2.044  3.279   1.00 85.74  ? 1846 ARG A CZ  1 
ATOM   423 N NH1 . ARG A 1 53  ? -11.850 -2.461  2.155   1.00 86.47  ? 1846 ARG A NH1 1 
ATOM   424 N NH2 . ARG A 1 53  ? -12.952 -2.928  4.112   1.00 87.46  ? 1846 ARG A NH2 1 
ATOM   425 N N   . LEU A 1 54  ? -10.402 4.548   5.027   1.00 73.62  ? 1847 LEU A N   1 
ATOM   426 C CA  . LEU A 1 54  ? -10.162 4.656   6.463   1.00 71.48  ? 1847 LEU A CA  1 
ATOM   427 C C   . LEU A 1 54  ? -10.874 5.868   7.052   1.00 69.10  ? 1847 LEU A C   1 
ATOM   428 O O   . LEU A 1 54  ? -11.391 5.806   8.173   1.00 72.19  ? 1847 LEU A O   1 
ATOM   429 C CB  . LEU A 1 54  ? -8.661  4.725   6.740   1.00 66.66  ? 1847 LEU A CB  1 
ATOM   430 C CG  . LEU A 1 54  ? -8.230  4.717   8.207   1.00 64.51  ? 1847 LEU A CG  1 
ATOM   431 C CD1 . LEU A 1 54  ? -8.708  3.450   8.897   1.00 73.81  ? 1847 LEU A CD1 1 
ATOM   432 C CD2 . LEU A 1 54  ? -6.720  4.859   8.321   1.00 63.00  ? 1847 LEU A CD2 1 
ATOM   433 N N   . LEU A 1 55  ? -10.912 6.977   6.310   1.00 70.76  ? 1848 LEU A N   1 
ATOM   434 C CA  . LEU A 1 55  ? -11.619 8.163   6.787   1.00 73.01  ? 1848 LEU A CA  1 
ATOM   435 C C   . LEU A 1 55  ? -13.122 7.923   6.843   1.00 79.70  ? 1848 LEU A C   1 
ATOM   436 O O   . LEU A 1 55  ? -13.783 8.305   7.816   1.00 92.90  ? 1848 LEU A O   1 
ATOM   437 C CB  . LEU A 1 55  ? -11.298 9.360   5.893   1.00 65.55  ? 1848 LEU A CB  1 
ATOM   438 C CG  . LEU A 1 55  ? -9.857  9.873   5.928   1.00 65.69  ? 1848 LEU A CG  1 
ATOM   439 C CD1 . LEU A 1 55  ? -9.637  10.912  4.842   1.00 61.33  ? 1848 LEU A CD1 1 
ATOM   440 C CD2 . LEU A 1 55  ? -9.529  10.445  7.297   1.00 64.01  ? 1848 LEU A CD2 1 
ATOM   441 N N   . ARG A 1 56  ? -13.682 7.295   5.806   1.00 74.94  ? 1849 ARG A N   1 
ATOM   442 C CA  . ARG A 1 56  ? -15.101 6.964   5.809   1.00 75.89  ? 1849 ARG A CA  1 
ATOM   443 C C   . ARG A 1 56  ? -15.443 5.935   6.881   1.00 78.25  ? 1849 ARG A C   1 
ATOM   444 O O   . ARG A 1 56  ? -16.600 5.868   7.315   1.00 81.18  ? 1849 ARG A O   1 
ATOM   445 C CB  . ARG A 1 56  ? -15.515 6.454   4.425   1.00 74.27  ? 1849 ARG A CB  1 
ATOM   446 C CG  . ARG A 1 56  ? -17.016 6.310   4.222   1.00 75.85  ? 1849 ARG A CG  1 
ATOM   447 C CD  . ARG A 1 56  ? -17.345 5.858   2.808   1.00 84.55  ? 1849 ARG A CD  1 
ATOM   448 N NE  . ARG A 1 56  ? -16.692 4.598   2.471   1.00 97.71  ? 1849 ARG A NE  1 
ATOM   449 C CZ  . ARG A 1 56  ? -17.210 3.399   2.720   1.00 96.58  ? 1849 ARG A CZ  1 
ATOM   450 N NH1 . ARG A 1 56  ? -18.391 3.296   3.312   1.00 96.72  ? 1849 ARG A NH1 1 
ATOM   451 N NH2 . ARG A 1 56  ? -16.545 2.304   2.379   1.00 85.79  ? 1849 ARG A NH2 1 
ATOM   452 N N   . GLY A 1 57  ? -14.465 5.150   7.328   1.00 82.58  ? 1850 GLY A N   1 
ATOM   453 C CA  . GLY A 1 57  ? -14.676 4.142   8.345   1.00 82.78  ? 1850 GLY A CA  1 
ATOM   454 C C   . GLY A 1 57  ? -14.872 2.734   7.831   1.00 86.65  ? 1850 GLY A C   1 
ATOM   455 O O   . GLY A 1 57  ? -15.288 1.865   8.607   1.00 85.08  ? 1850 GLY A O   1 
ATOM   456 N N   . GLY A 1 58  ? -14.564 2.475   6.563   1.00 81.84  ? 1851 GLY A N   1 
ATOM   457 C CA  . GLY A 1 58  ? -14.869 1.202   5.939   1.00 82.59  ? 1851 GLY A CA  1 
ATOM   458 C C   . GLY A 1 58  ? -13.998 0.035   6.357   1.00 82.38  ? 1851 GLY A C   1 
ATOM   459 O O   . GLY A 1 58  ? -14.069 -1.036  5.748   1.00 86.94  ? 1851 GLY A O   1 
ATOM   460 N N   . TYR A 1 59  ? -13.171 0.217   7.382   1.00 74.63  ? 1852 TYR A N   1 
ATOM   461 C CA  . TYR A 1 59  ? -12.345 -0.857  7.923   1.00 82.63  ? 1852 TYR A CA  1 
ATOM   462 C C   . TYR A 1 59  ? -12.946 -1.320  9.243   1.00 87.08  ? 1852 TYR A C   1 
ATOM   463 O O   . TYR A 1 59  ? -13.104 -0.521  10.173  1.00 86.90  ? 1852 TYR A O   1 
ATOM   464 C CB  . TYR A 1 59  ? -10.896 -0.403  8.112   1.00 80.07  ? 1852 TYR A CB  1 
ATOM   465 C CG  . TYR A 1 59  ? -10.134 -0.246  6.815   1.00 78.71  ? 1852 TYR A CG  1 
ATOM   466 C CD1 . TYR A 1 59  ? -9.811  -1.353  6.042   1.00 78.08  ? 1852 TYR A CD1 1 
ATOM   467 C CD2 . TYR A 1 59  ? -9.734  1.006   6.367   1.00 75.63  ? 1852 TYR A CD2 1 
ATOM   468 C CE1 . TYR A 1 59  ? -9.116  -1.218  4.856   1.00 74.79  ? 1852 TYR A CE1 1 
ATOM   469 C CE2 . TYR A 1 59  ? -9.036  1.151   5.182   1.00 73.05  ? 1852 TYR A CE2 1 
ATOM   470 C CZ  . TYR A 1 59  ? -8.730  0.036   4.430   1.00 71.08  ? 1852 TYR A CZ  1 
ATOM   471 O OH  . TYR A 1 59  ? -8.036  0.173   3.251   1.00 65.18  ? 1852 TYR A OH  1 
ATOM   472 N N   . THR A 1 60  ? -13.289 -2.608  9.318   1.00 88.21  ? 1853 THR A N   1 
ATOM   473 C CA  . THR A 1 60  ? -13.915 -3.140  10.525  1.00 85.72  ? 1853 THR A CA  1 
ATOM   474 C C   . THR A 1 60  ? -12.876 -3.516  11.574  1.00 91.06  ? 1853 THR A C   1 
ATOM   475 O O   . THR A 1 60  ? -13.078 -3.268  12.768  1.00 101.47 ? 1853 THR A O   1 
ATOM   476 C CB  . THR A 1 60  ? -14.781 -4.351  10.177  1.00 87.50  ? 1853 THR A CB  1 
ATOM   477 O OG1 . THR A 1 60  ? -13.940 -5.473  9.886   1.00 98.37  ? 1853 THR A OG1 1 
ATOM   478 C CG2 . THR A 1 60  ? -15.647 -4.051  8.963   1.00 77.87  ? 1853 THR A CG2 1 
ATOM   479 N N   . SER A 1 61  ? -11.766 -4.117  11.151  1.00 86.52  ? 1854 SER A N   1 
ATOM   480 C CA  . SER A 1 61  ? -10.677 -4.465  12.049  1.00 93.37  ? 1854 SER A CA  1 
ATOM   481 C C   . SER A 1 61  ? -9.359  -4.080  11.394  1.00 89.88  ? 1854 SER A C   1 
ATOM   482 O O   . SER A 1 61  ? -9.312  -3.673  10.230  1.00 87.52  ? 1854 SER A O   1 
ATOM   483 C CB  . SER A 1 61  ? -10.685 -5.958  12.403  1.00 91.02  ? 1854 SER A CB  1 
ATOM   484 O OG  . SER A 1 61  ? -10.237 -6.743  11.311  1.00 95.49  ? 1854 SER A OG  1 
ATOM   485 N N   . SER A 1 62  ? -8.275  -4.215  12.161  1.00 90.44  ? 1855 SER A N   1 
ATOM   486 C CA  . SER A 1 62  ? -6.958  -3.872  11.637  1.00 90.92  ? 1855 SER A CA  1 
ATOM   487 C C   . SER A 1 62  ? -6.504  -4.859  10.570  1.00 89.40  ? 1855 SER A C   1 
ATOM   488 O O   . SER A 1 62  ? -5.699  -4.504  9.701   1.00 86.48  ? 1855 SER A O   1 
ATOM   489 C CB  . SER A 1 62  ? -5.936  -3.817  12.771  1.00 90.67  ? 1855 SER A CB  1 
ATOM   490 O OG  . SER A 1 62  ? -5.661  -5.113  13.273  1.00 94.00  ? 1855 SER A OG  1 
ATOM   491 N N   . GLU A 1 63  ? -7.007  -6.095  10.616  1.00 89.72  ? 1856 GLU A N   1 
ATOM   492 C CA  . GLU A 1 63  ? -6.566  -7.109  9.664   1.00 84.23  ? 1856 GLU A CA  1 
ATOM   493 C C   . GLU A 1 63  ? -7.022  -6.788  8.247   1.00 76.73  ? 1856 GLU A C   1 
ATOM   494 O O   . GLU A 1 63  ? -6.342  -7.156  7.282   1.00 76.80  ? 1856 GLU A O   1 
ATOM   495 C CB  . GLU A 1 63  ? -7.068  -8.489  10.092  1.00 84.55  ? 1856 GLU A CB  1 
ATOM   496 C CG  . GLU A 1 63  ? -6.299  -9.099  11.262  1.00 92.12  ? 1856 GLU A CG  1 
ATOM   497 C CD  . GLU A 1 63  ? -6.517  -8.354  12.567  1.00 98.38  ? 1856 GLU A CD  1 
ATOM   498 O OE1 . GLU A 1 63  ? -7.663  -7.929  12.825  1.00 99.48  ? 1856 GLU A OE1 1 
ATOM   499 O OE2 . GLU A 1 63  ? -5.542  -8.189  13.330  1.00 98.70  ? 1856 GLU A OE2 1 
ATOM   500 N N   . GLU A 1 64  ? -8.163  -6.112  8.097   1.00 78.71  ? 1857 GLU A N   1 
ATOM   501 C CA  . GLU A 1 64  ? -8.565  -5.642  6.776   1.00 80.62  ? 1857 GLU A CA  1 
ATOM   502 C C   . GLU A 1 64  ? -7.595  -4.592  6.254   1.00 77.10  ? 1857 GLU A C   1 
ATOM   503 O O   . GLU A 1 64  ? -7.268  -4.573  5.061   1.00 69.59  ? 1857 GLU A O   1 
ATOM   504 C CB  . GLU A 1 64  ? -9.984  -5.075  6.819   1.00 79.96  ? 1857 GLU A CB  1 
ATOM   505 C CG  . GLU A 1 64  ? -11.075 -6.103  7.060   1.00 79.30  ? 1857 GLU A CG  1 
ATOM   506 C CD  . GLU A 1 64  ? -12.459 -5.543  6.787   1.00 91.10  ? 1857 GLU A CD  1 
ATOM   507 O OE1 . GLU A 1 64  ? -13.441 -6.314  6.846   1.00 102.75 ? 1857 GLU A OE1 1 
ATOM   508 O OE2 . GLU A 1 64  ? -12.563 -4.331  6.509   1.00 87.65  ? 1857 GLU A OE2 1 
ATOM   509 N N   . PHE A 1 65  ? -7.124  -3.709  7.139   1.00 78.68  ? 1858 PHE A N   1 
ATOM   510 C CA  . PHE A 1 65  ? -6.192  -2.667  6.729   1.00 74.19  ? 1858 PHE A CA  1 
ATOM   511 C C   . PHE A 1 65  ? -4.881  -3.264  6.240   1.00 74.25  ? 1858 PHE A C   1 
ATOM   512 O O   . PHE A 1 65  ? -4.308  -2.797  5.250   1.00 73.16  ? 1858 PHE A O   1 
ATOM   513 C CB  . PHE A 1 65  ? -5.953  -1.703  7.893   1.00 78.11  ? 1858 PHE A CB  1 
ATOM   514 C CG  . PHE A 1 65  ? -4.974  -0.607  7.590   1.00 75.05  ? 1858 PHE A CG  1 
ATOM   515 C CD1 . PHE A 1 65  ? -5.350  0.485   6.825   1.00 68.34  ? 1858 PHE A CD1 1 
ATOM   516 C CD2 . PHE A 1 65  ? -3.678  -0.664  8.077   1.00 70.92  ? 1858 PHE A CD2 1 
ATOM   517 C CE1 . PHE A 1 65  ? -4.450  1.497   6.546   1.00 71.96  ? 1858 PHE A CE1 1 
ATOM   518 C CE2 . PHE A 1 65  ? -2.774  0.344   7.801   1.00 69.04  ? 1858 PHE A CE2 1 
ATOM   519 C CZ  . PHE A 1 65  ? -3.160  1.426   7.035   1.00 70.58  ? 1858 PHE A CZ  1 
ATOM   520 N N   . ALA A 1 66  ? -4.395  -4.305  6.919   1.00 73.55  ? 1859 ALA A N   1 
ATOM   521 C CA  . ALA A 1 66  ? -3.160  -4.949  6.488   1.00 72.21  ? 1859 ALA A CA  1 
ATOM   522 C C   . ALA A 1 66  ? -3.345  -5.681  5.166   1.00 65.51  ? 1859 ALA A C   1 
ATOM   523 O O   . ALA A 1 66  ? -2.410  -5.744  4.360   1.00 62.46  ? 1859 ALA A O   1 
ATOM   524 C CB  . ALA A 1 66  ? -2.661  -5.910  7.569   1.00 72.93  ? 1859 ALA A CB  1 
ATOM   525 N N   . ALA A 1 67  ? -4.535  -6.236  4.928   1.00 64.42  ? 1860 ALA A N   1 
ATOM   526 C CA  . ALA A 1 67  ? -4.784  -6.945  3.678   1.00 60.37  ? 1860 ALA A CA  1 
ATOM   527 C C   . ALA A 1 67  ? -4.682  -6.006  2.484   1.00 65.24  ? 1860 ALA A C   1 
ATOM   528 O O   . ALA A 1 67  ? -4.105  -6.365  1.450   1.00 70.88  ? 1860 ALA A O   1 
ATOM   529 C CB  . ALA A 1 67  ? -6.155  -7.621  3.722   1.00 66.20  ? 1860 ALA A CB  1 
ATOM   530 N N   . ASP A 1 68  ? -5.233  -4.796  2.606   1.00 63.62  ? 1861 ASP A N   1 
ATOM   531 C CA  . ASP A 1 68  ? -5.094  -3.811  1.538   1.00 62.69  ? 1861 ASP A CA  1 
ATOM   532 C C   . ASP A 1 68  ? -3.646  -3.369  1.381   1.00 60.95  ? 1861 ASP A C   1 
ATOM   533 O O   . ASP A 1 68  ? -3.177  -3.146  0.260   1.00 54.82  ? 1861 ASP A O   1 
ATOM   534 C CB  . ASP A 1 68  ? -5.995  -2.606  1.809   1.00 60.94  ? 1861 ASP A CB  1 
ATOM   535 C CG  . ASP A 1 68  ? -7.344  -2.721  1.126   1.00 69.32  ? 1861 ASP A CG  1 
ATOM   536 O OD1 . ASP A 1 68  ? -7.452  -3.487  0.146   1.00 74.60  ? 1861 ASP A OD1 1 
ATOM   537 O OD2 . ASP A 1 68  ? -8.293  -2.037  1.564   1.00 73.42  ? 1861 ASP A OD2 1 
ATOM   538 N N   . ALA A 1 69  ? -2.921  -3.240  2.495   1.00 58.53  ? 1862 ALA A N   1 
ATOM   539 C CA  . ALA A 1 69  ? -1.528  -2.812  2.428   1.00 56.39  ? 1862 ALA A CA  1 
ATOM   540 C C   . ALA A 1 69  ? -0.662  -3.862  1.744   1.00 56.35  ? 1862 ALA A C   1 
ATOM   541 O O   . ALA A 1 69  ? 0.138   -3.540  0.858   1.00 54.19  ? 1862 ALA A O   1 
ATOM   542 C CB  . ALA A 1 69  ? -1.006  -2.511  3.831   1.00 53.96  ? 1862 ALA A CB  1 
ATOM   543 N N   . LEU A 1 70  ? -0.813  -5.129  2.140   1.00 58.62  ? 1863 LEU A N   1 
ATOM   544 C CA  . LEU A 1 70  ? -0.052  -6.195  1.497   1.00 57.52  ? 1863 LEU A CA  1 
ATOM   545 C C   . LEU A 1 70  ? -0.452  -6.364  0.037   1.00 55.74  ? 1863 LEU A C   1 
ATOM   546 O O   . LEU A 1 70  ? 0.359   -6.820  -0.777  1.00 51.80  ? 1863 LEU A O   1 
ATOM   547 C CB  . LEU A 1 70  ? -0.236  -7.508  2.259   1.00 54.45  ? 1863 LEU A CB  1 
ATOM   548 C CG  . LEU A 1 70  ? 0.211   -7.512  3.723   1.00 63.82  ? 1863 LEU A CG  1 
ATOM   549 C CD1 . LEU A 1 70  ? -0.028  -8.873  4.362   1.00 59.85  ? 1863 LEU A CD1 1 
ATOM   550 C CD2 . LEU A 1 70  ? 1.672   -7.103  3.844   1.00 51.39  ? 1863 LEU A CD2 1 
ATOM   551 N N   . LEU A 1 71  ? -1.689  -6.001  -0.312  1.00 56.71  ? 1864 LEU A N   1 
ATOM   552 C CA  . LEU A 1 71  ? -2.111  -6.041  -1.707  1.00 54.35  ? 1864 LEU A CA  1 
ATOM   553 C C   . LEU A 1 71  ? -1.358  -5.023  -2.552  1.00 56.45  ? 1864 LEU A C   1 
ATOM   554 O O   . LEU A 1 71  ? -1.113  -5.266  -3.738  1.00 53.71  ? 1864 LEU A O   1 
ATOM   555 C CB  . LEU A 1 71  ? -3.619  -5.805  -1.803  1.00 56.80  ? 1864 LEU A CB  1 
ATOM   556 C CG  . LEU A 1 71  ? -4.247  -5.771  -3.198  1.00 50.22  ? 1864 LEU A CG  1 
ATOM   557 C CD1 . LEU A 1 71  ? -3.940  -7.050  -3.967  1.00 48.24  ? 1864 LEU A CD1 1 
ATOM   558 C CD2 . LEU A 1 71  ? -5.746  -5.549  -3.097  1.00 55.56  ? 1864 LEU A CD2 1 
ATOM   559 N N   . VAL A 1 72  ? -0.978  -3.885  -1.963  1.00 58.23  ? 1865 VAL A N   1 
ATOM   560 C CA  . VAL A 1 72  ? -0.220  -2.879  -2.703  1.00 57.08  ? 1865 VAL A CA  1 
ATOM   561 C C   . VAL A 1 72  ? 1.148   -3.428  -3.090  1.00 55.12  ? 1865 VAL A C   1 
ATOM   562 O O   . VAL A 1 72  ? 1.590   -3.297  -4.239  1.00 51.39  ? 1865 VAL A O   1 
ATOM   563 C CB  . VAL A 1 72  ? -0.091  -1.586  -1.876  1.00 47.34  ? 1865 VAL A CB  1 
ATOM   564 C CG1 . VAL A 1 72  ? 0.654   -0.522  -2.664  1.00 42.05  ? 1865 VAL A CG1 1 
ATOM   565 C CG2 . VAL A 1 72  ? -1.459  -1.083  -1.462  1.00 50.61  ? 1865 VAL A CG2 1 
ATOM   566 N N   . PHE A 1 73  ? 1.834   -4.060  -2.137  1.00 49.13  ? 1866 PHE A N   1 
ATOM   567 C CA  . PHE A 1 73  ? 3.165   -4.590  -2.396  1.00 48.46  ? 1866 PHE A CA  1 
ATOM   568 C C   . PHE A 1 73  ? 3.131   -5.914  -3.147  1.00 53.16  ? 1866 PHE A C   1 
ATOM   569 O O   . PHE A 1 73  ? 4.101   -6.246  -3.836  1.00 47.26  ? 1866 PHE A O   1 
ATOM   570 C CB  . PHE A 1 73  ? 3.926   -4.742  -1.077  1.00 45.06  ? 1866 PHE A CB  1 
ATOM   571 C CG  . PHE A 1 73  ? 3.797   -3.552  -0.169  1.00 47.43  ? 1866 PHE A CG  1 
ATOM   572 C CD1 . PHE A 1 73  ? 4.228   -2.303  -0.582  1.00 41.03  ? 1866 PHE A CD1 1 
ATOM   573 C CD2 . PHE A 1 73  ? 3.234   -3.678  1.089   1.00 48.11  ? 1866 PHE A CD2 1 
ATOM   574 C CE1 . PHE A 1 73  ? 4.105   -1.200  0.245   1.00 44.63  ? 1866 PHE A CE1 1 
ATOM   575 C CE2 . PHE A 1 73  ? 3.108   -2.579  1.923   1.00 45.03  ? 1866 PHE A CE2 1 
ATOM   576 C CZ  . PHE A 1 73  ? 3.546   -1.338  1.500   1.00 45.07  ? 1866 PHE A CZ  1 
ATOM   577 N N   . ASP A 1 74  ? 2.043   -6.677  -3.030  1.00 56.25  ? 1867 ASP A N   1 
ATOM   578 C CA  . ASP A 1 74  ? 1.888   -7.860  -3.869  1.00 48.29  ? 1867 ASP A CA  1 
ATOM   579 C C   . ASP A 1 74  ? 1.722   -7.466  -5.330  1.00 49.73  ? 1867 ASP A C   1 
ATOM   580 O O   . ASP A 1 74  ? 2.352   -8.051  -6.220  1.00 49.47  ? 1867 ASP A O   1 
ATOM   581 C CB  . ASP A 1 74  ? 0.696   -8.694  -3.393  1.00 50.33  ? 1867 ASP A CB  1 
ATOM   582 C CG  . ASP A 1 74  ? 1.007   -9.501  -2.146  1.00 50.39  ? 1867 ASP A CG  1 
ATOM   583 O OD1 . ASP A 1 74  ? 2.169   -9.929  -1.981  1.00 49.94  ? 1867 ASP A OD1 1 
ATOM   584 O OD2 . ASP A 1 74  ? 0.085   -9.709  -1.332  1.00 55.65  ? 1867 ASP A OD2 1 
ATOM   585 N N   . ASN A 1 75  ? 0.878   -6.464  -5.597  1.00 51.01  ? 1868 ASN A N   1 
ATOM   586 C CA  . ASN A 1 75  ? 0.726   -5.967  -6.960  1.00 52.96  ? 1868 ASN A CA  1 
ATOM   587 C C   . ASN A 1 75  ? 2.026   -5.366  -7.473  1.00 51.25  ? 1868 ASN A C   1 
ATOM   588 O O   . ASN A 1 75  ? 2.375   -5.526  -8.649  1.00 52.19  ? 1868 ASN A O   1 
ATOM   589 C CB  . ASN A 1 75  ? -0.400  -4.933  -7.022  1.00 51.41  ? 1868 ASN A CB  1 
ATOM   590 C CG  . ASN A 1 75  ? -1.757  -5.522  -6.689  1.00 48.28  ? 1868 ASN A CG  1 
ATOM   591 O OD1 . ASN A 1 75  ? -2.027  -6.688  -6.973  1.00 59.38  ? 1868 ASN A OD1 1 
ATOM   592 N ND2 . ASN A 1 75  ? -2.620  -4.715  -6.084  1.00 48.87  ? 1868 ASN A ND2 1 
ATOM   593 N N   . CYS A 1 76  ? 2.759   -4.669  -6.602  1.00 52.75  ? 1869 CYS A N   1 
ATOM   594 C CA  . CYS A 1 76  ? 4.027   -4.073  -7.007  1.00 52.04  ? 1869 CYS A CA  1 
ATOM   595 C C   . CYS A 1 76  ? 5.042   -5.143  -7.390  1.00 54.27  ? 1869 CYS A C   1 
ATOM   596 O O   . CYS A 1 76  ? 5.740   -5.017  -8.402  1.00 50.97  ? 1869 CYS A O   1 
ATOM   597 C CB  . CYS A 1 76  ? 4.571   -3.192  -5.883  1.00 50.55  ? 1869 CYS A CB  1 
ATOM   598 S SG  . CYS A 1 76  ? 6.172   -2.430  -6.239  1.00 50.98  ? 1869 CYS A SG  1 
ATOM   599 N N   . GLN A 1 77  ? 5.133   -6.208  -6.590  1.00 52.70  ? 1870 GLN A N   1 
ATOM   600 C CA  . GLN A 1 77  ? 6.059   -7.288  -6.908  1.00 50.89  ? 1870 GLN A CA  1 
ATOM   601 C C   . GLN A 1 77  ? 5.590   -8.097  -8.110  1.00 50.15  ? 1870 GLN A C   1 
ATOM   602 O O   . GLN A 1 77  ? 6.417   -8.654  -8.839  1.00 53.61  ? 1870 GLN A O   1 
ATOM   603 C CB  . GLN A 1 77  ? 6.239   -8.202  -5.697  1.00 46.76  ? 1870 GLN A CB  1 
ATOM   604 C CG  . GLN A 1 77  ? 6.929   -7.542  -4.515  1.00 52.09  ? 1870 GLN A CG  1 
ATOM   605 C CD  . GLN A 1 77  ? 7.046   -8.469  -3.325  1.00 53.84  ? 1870 GLN A CD  1 
ATOM   606 O OE1 . GLN A 1 77  ? 6.126   -8.579  -2.513  1.00 54.96  ? 1870 GLN A OE1 1 
ATOM   607 N NE2 . GLN A 1 77  ? 8.181   -9.148  -3.217  1.00 54.60  ? 1870 GLN A NE2 1 
ATOM   608 N N   . THR A 1 78  ? 4.276   -8.173  -8.335  1.00 54.18  ? 1871 THR A N   1 
ATOM   609 C CA  . THR A 1 78  ? 3.766   -8.959  -9.453  1.00 51.38  ? 1871 THR A CA  1 
ATOM   610 C C   . THR A 1 78  ? 4.021   -8.260  -10.783 1.00 48.79  ? 1871 THR A C   1 
ATOM   611 O O   . THR A 1 78  ? 4.395   -8.908  -11.767 1.00 51.35  ? 1871 THR A O   1 
ATOM   612 C CB  . THR A 1 78  ? 2.272   -9.230  -9.269  1.00 47.29  ? 1871 THR A CB  1 
ATOM   613 O OG1 . THR A 1 78  ? 2.053   -9.858  -7.999  1.00 55.72  ? 1871 THR A OG1 1 
ATOM   614 C CG2 . THR A 1 78  ? 1.748   -10.138 -10.370 1.00 49.39  ? 1871 THR A CG2 1 
ATOM   615 N N   . PHE A 1 79  ? 3.838   -6.941  -10.828 1.00 44.93  ? 1872 PHE A N   1 
ATOM   616 C CA  . PHE A 1 79  ? 3.939   -6.207  -12.084 1.00 49.68  ? 1872 PHE A CA  1 
ATOM   617 C C   . PHE A 1 79  ? 5.361   -5.758  -12.395 1.00 53.11  ? 1872 PHE A C   1 
ATOM   618 O O   . PHE A 1 79  ? 5.782   -5.808  -13.557 1.00 51.71  ? 1872 PHE A O   1 
ATOM   619 C CB  . PHE A 1 79  ? 3.013   -4.988  -12.059 1.00 46.29  ? 1872 PHE A CB  1 
ATOM   620 C CG  . PHE A 1 79  ? 2.983   -4.230  -13.356 1.00 52.24  ? 1872 PHE A CG  1 
ATOM   621 C CD1 . PHE A 1 79  ? 2.179   -4.655  -14.399 1.00 53.89  ? 1872 PHE A CD1 1 
ATOM   622 C CD2 . PHE A 1 79  ? 3.767   -3.103  -13.538 1.00 48.50  ? 1872 PHE A CD2 1 
ATOM   623 C CE1 . PHE A 1 79  ? 2.152   -3.969  -15.596 1.00 44.39  ? 1872 PHE A CE1 1 
ATOM   624 C CE2 . PHE A 1 79  ? 3.745   -2.412  -14.734 1.00 55.93  ? 1872 PHE A CE2 1 
ATOM   625 C CZ  . PHE A 1 79  ? 2.935   -2.846  -15.765 1.00 49.57  ? 1872 PHE A CZ  1 
ATOM   626 N N   . ASN A 1 80  ? 6.108   -5.316  -11.392 1.00 55.70  ? 1873 ASN A N   1 
ATOM   627 C CA  . ASN A 1 80  ? 7.413   -4.711  -11.612 1.00 52.20  ? 1873 ASN A CA  1 
ATOM   628 C C   . ASN A 1 80  ? 8.536   -5.689  -11.294 1.00 52.98  ? 1873 ASN A C   1 
ATOM   629 O O   . ASN A 1 80  ? 8.388   -6.594  -10.470 1.00 53.55  ? 1873 ASN A O   1 
ATOM   630 C CB  . ASN A 1 80  ? 7.581   -3.451  -10.759 1.00 46.26  ? 1873 ASN A CB  1 
ATOM   631 C CG  . ASN A 1 80  ? 6.487   -2.434  -11.001 1.00 48.24  ? 1873 ASN A CG  1 
ATOM   632 O OD1 . ASN A 1 80  ? 6.640   -1.524  -11.815 1.00 46.63  ? 1873 ASN A OD1 1 
ATOM   633 N ND2 . ASN A 1 80  ? 5.373   -2.586  -10.295 1.00 46.00  ? 1873 ASN A ND2 1 
ATOM   634 N N   . GLU A 1 81  ? 9.668   -5.491  -11.965 1.00 55.89  ? 1874 GLU A N   1 
ATOM   635 C CA  . GLU A 1 81  ? 10.873  -6.231  -11.636 1.00 57.37  ? 1874 GLU A CA  1 
ATOM   636 C C   . GLU A 1 81  ? 11.399  -5.795  -10.271 1.00 54.14  ? 1874 GLU A C   1 
ATOM   637 O O   . GLU A 1 81  ? 11.141  -4.684  -9.800  1.00 53.17  ? 1874 GLU A O   1 
ATOM   638 C CB  . GLU A 1 81  ? 11.947  -6.010  -12.701 1.00 55.40  ? 1874 GLU A CB  1 
ATOM   639 C CG  . GLU A 1 81  ? 11.479  -6.220  -14.134 1.00 57.47  ? 1874 GLU A CG  1 
ATOM   640 C CD  . GLU A 1 81  ? 12.042  -7.482  -14.755 1.00 71.58  ? 1874 GLU A CD  1 
ATOM   641 O OE1 . GLU A 1 81  ? 12.169  -8.498  -14.039 1.00 73.12  ? 1874 GLU A OE1 1 
ATOM   642 O OE2 . GLU A 1 81  ? 12.366  -7.455  -15.962 1.00 84.68  ? 1874 GLU A OE2 1 
ATOM   643 N N   . ASP A 1 82  ? 12.150  -6.694  -9.632  1.00 54.55  ? 1875 ASP A N   1 
ATOM   644 C CA  . ASP A 1 82  ? 12.723  -6.368  -8.331  1.00 52.01  ? 1875 ASP A CA  1 
ATOM   645 C C   . ASP A 1 82  ? 13.787  -5.284  -8.440  1.00 52.08  ? 1875 ASP A C   1 
ATOM   646 O O   . ASP A 1 82  ? 13.934  -4.471  -7.521  1.00 54.37  ? 1875 ASP A O   1 
ATOM   647 C CB  . ASP A 1 82  ? 13.304  -7.624  -7.683  1.00 43.90  ? 1875 ASP A CB  1 
ATOM   648 C CG  . ASP A 1 82  ? 12.234  -8.605  -7.251  1.00 43.58  ? 1875 ASP A CG  1 
ATOM   649 O OD1 . ASP A 1 82  ? 11.209  -8.160  -6.693  1.00 45.44  ? 1875 ASP A OD1 1 
ATOM   650 O OD2 . ASP A 1 82  ? 12.414  -9.822  -7.471  1.00 42.38  ? 1875 ASP A OD2 1 
ATOM   651 N N   . ASP A 1 83  ? 14.527  -5.249  -9.546  1.00 56.74  ? 1876 ASP A N   1 
ATOM   652 C CA  . ASP A 1 83  ? 15.584  -4.266  -9.745  1.00 63.29  ? 1876 ASP A CA  1 
ATOM   653 C C   . ASP A 1 83  ? 15.104  -3.015  -10.473 1.00 61.14  ? 1876 ASP A C   1 
ATOM   654 O O   . ASP A 1 83  ? 15.932  -2.189  -10.871 1.00 67.86  ? 1876 ASP A O   1 
ATOM   655 C CB  . ASP A 1 83  ? 16.756  -4.896  -10.505 1.00 60.12  ? 1876 ASP A CB  1 
ATOM   656 C CG  . ASP A 1 83  ? 16.350  -5.458  -11.853 1.00 58.96  ? 1876 ASP A CG  1 
ATOM   657 O OD1 . ASP A 1 83  ? 15.143  -5.440  -12.175 1.00 60.90  ? 1876 ASP A OD1 1 
ATOM   658 O OD2 . ASP A 1 83  ? 17.243  -5.920  -12.594 1.00 63.24  ? 1876 ASP A OD2 1 
ATOM   659 N N   . SER A 1 84  ? 13.795  -2.858  -10.659 1.00 60.36  ? 1877 SER A N   1 
ATOM   660 C CA  . SER A 1 84  ? 13.271  -1.671  -11.313 1.00 55.69  ? 1877 SER A CA  1 
ATOM   661 C C   . SER A 1 84  ? 13.163  -0.520  -10.316 1.00 53.42  ? 1877 SER A C   1 
ATOM   662 O O   . SER A 1 84  ? 13.278  -0.697  -9.101  1.00 51.98  ? 1877 SER A O   1 
ATOM   663 C CB  . SER A 1 84  ? 11.907  -1.956  -11.940 1.00 51.52  ? 1877 SER A CB  1 
ATOM   664 O OG  . SER A 1 84  ? 10.893  -2.011  -10.951 1.00 51.75  ? 1877 SER A OG  1 
ATOM   665 N N   . GLU A 1 85  ? 12.931  0.681   -10.851 1.00 54.13  ? 1878 GLU A N   1 
ATOM   666 C CA  . GLU A 1 85  ? 12.819  1.856   -9.992  1.00 50.42  ? 1878 GLU A CA  1 
ATOM   667 C C   . GLU A 1 85  ? 11.548  1.807   -9.154  1.00 55.36  ? 1878 GLU A C   1 
ATOM   668 O O   . GLU A 1 85  ? 11.551  2.213   -7.985  1.00 53.59  ? 1878 GLU A O   1 
ATOM   669 C CB  . GLU A 1 85  ? 12.865  3.128   -10.838 1.00 47.18  ? 1878 GLU A CB  1 
ATOM   670 C CG  . GLU A 1 85  ? 13.359  4.352   -10.088 1.00 58.68  ? 1878 GLU A CG  1 
ATOM   671 C CD  . GLU A 1 85  ? 14.678  4.103   -9.377  1.00 70.58  ? 1878 GLU A CD  1 
ATOM   672 O OE1 . GLU A 1 85  ? 14.696  4.135   -8.128  1.00 67.77  ? 1878 GLU A OE1 1 
ATOM   673 O OE2 . GLU A 1 85  ? 15.691  3.864   -10.066 1.00 65.13  ? 1878 GLU A OE2 1 
ATOM   674 N N   . VAL A 1 86  ? 10.453  1.309   -9.731  1.00 57.89  ? 1879 VAL A N   1 
ATOM   675 C CA  . VAL A 1 86  ? 9.223   1.142   -8.964  1.00 53.63  ? 1879 VAL A CA  1 
ATOM   676 C C   . VAL A 1 86  ? 9.345   -0.046  -8.017  1.00 52.29  ? 1879 VAL A C   1 
ATOM   677 O O   . VAL A 1 86  ? 8.875   0.003   -6.872  1.00 49.19  ? 1879 VAL A O   1 
ATOM   678 C CB  . VAL A 1 86  ? 8.020   0.994   -9.914  1.00 55.01  ? 1879 VAL A CB  1 
ATOM   679 C CG1 . VAL A 1 86  ? 6.758   0.644   -9.136  1.00 41.32  ? 1879 VAL A CG1 1 
ATOM   680 C CG2 . VAL A 1 86  ? 7.818   2.272   -10.716 1.00 49.32  ? 1879 VAL A CG2 1 
ATOM   681 N N   . GLY A 1 87  ? 9.984   -1.126  -8.470  1.00 54.47  ? 1880 GLY A N   1 
ATOM   682 C CA  . GLY A 1 87  ? 10.122  -2.300  -7.625  1.00 54.22  ? 1880 GLY A CA  1 
ATOM   683 C C   . GLY A 1 87  ? 11.032  -2.064  -6.434  1.00 55.05  ? 1880 GLY A C   1 
ATOM   684 O O   . GLY A 1 87  ? 10.782  -2.580  -5.342  1.00 54.49  ? 1880 GLY A O   1 
ATOM   685 N N   . LYS A 1 88  ? 12.101  -1.286  -6.629  1.00 51.67  ? 1881 LYS A N   1 
ATOM   686 C CA  . LYS A 1 88  ? 13.009  -0.994  -5.524  1.00 51.43  ? 1881 LYS A CA  1 
ATOM   687 C C   . LYS A 1 88  ? 12.300  -0.224  -4.417  1.00 52.16  ? 1881 LYS A C   1 
ATOM   688 O O   . LYS A 1 88  ? 12.504  -0.499  -3.229  1.00 53.28  ? 1881 LYS A O   1 
ATOM   689 C CB  . LYS A 1 88  ? 14.225  -0.214  -6.027  1.00 49.22  ? 1881 LYS A CB  1 
ATOM   690 C CG  . LYS A 1 88  ? 15.320  -1.082  -6.629  1.00 49.99  ? 1881 LYS A CG  1 
ATOM   691 C CD  . LYS A 1 88  ? 16.576  -0.281  -6.944  1.00 58.00  ? 1881 LYS A CD  1 
ATOM   692 C CE  . LYS A 1 88  ? 16.373  0.637   -8.139  1.00 59.34  ? 1881 LYS A CE  1 
ATOM   693 N NZ  . LYS A 1 88  ? 17.629  1.355   -8.495  1.00 61.60  ? 1881 LYS A NZ  1 
ATOM   694 N N   . ALA A 1 89  ? 11.456  0.741   -4.789  1.00 45.31  ? 1882 ALA A N   1 
ATOM   695 C CA  . ALA A 1 89  ? 10.708  1.485   -3.784  1.00 44.37  ? 1882 ALA A CA  1 
ATOM   696 C C   . ALA A 1 89  ? 9.648   0.616   -3.121  1.00 52.67  ? 1882 ALA A C   1 
ATOM   697 O O   . ALA A 1 89  ? 9.288   0.854   -1.961  1.00 52.72  ? 1882 ALA A O   1 
ATOM   698 C CB  . ALA A 1 89  ? 10.068  2.722   -4.416  1.00 42.28  ? 1882 ALA A CB  1 
ATOM   699 N N   . GLY A 1 90  ? 9.146   -0.395  -3.833  1.00 52.24  ? 1883 GLY A N   1 
ATOM   700 C CA  . GLY A 1 90  ? 8.143   -1.270  -3.252  1.00 50.89  ? 1883 GLY A CA  1 
ATOM   701 C C   . GLY A 1 90  ? 8.686   -2.104  -2.108  1.00 51.06  ? 1883 GLY A C   1 
ATOM   702 O O   . GLY A 1 90  ? 8.012   -2.295  -1.093  1.00 50.12  ? 1883 GLY A O   1 
ATOM   703 N N   . HIS A 1 91  ? 9.912   -2.612  -2.255  1.00 55.39  ? 1884 HIS A N   1 
ATOM   704 C CA  . HIS A 1 91  ? 10.514  -3.398  -1.183  1.00 42.52  ? 1884 HIS A CA  1 
ATOM   705 C C   . HIS A 1 91  ? 10.820  -2.533  0.032   1.00 51.03  ? 1884 HIS A C   1 
ATOM   706 O O   . HIS A 1 91  ? 10.686  -2.988  1.175   1.00 48.82  ? 1884 HIS A O   1 
ATOM   707 C CB  . HIS A 1 91  ? 11.780  -4.091  -1.687  1.00 39.55  ? 1884 HIS A CB  1 
ATOM   708 C CG  . HIS A 1 91  ? 11.519  -5.171  -2.689  1.00 43.96  ? 1884 HIS A CG  1 
ATOM   709 N ND1 . HIS A 1 91  ? 10.695  -6.246  -2.428  1.00 47.41  ? 1884 HIS A ND1 1 
ATOM   710 C CD2 . HIS A 1 91  ? 11.976  -5.349  -3.951  1.00 43.63  ? 1884 HIS A CD2 1 
ATOM   711 C CE1 . HIS A 1 91  ? 10.653  -7.035  -3.485  1.00 52.13  ? 1884 HIS A CE1 1 
ATOM   712 N NE2 . HIS A 1 91  ? 11.424  -6.514  -4.425  1.00 46.65  ? 1884 HIS A NE2 1 
ATOM   713 N N   . ILE A 1 92  ? 11.235  -1.284  -0.191  1.00 51.66  ? 1885 ILE A N   1 
ATOM   714 C CA  . ILE A 1 92  ? 11.479  -0.374  0.924   1.00 48.72  ? 1885 ILE A CA  1 
ATOM   715 C C   . ILE A 1 92  ? 10.180  -0.081  1.661   1.00 52.03  ? 1885 ILE A C   1 
ATOM   716 O O   . ILE A 1 92  ? 10.133  -0.083  2.897   1.00 59.16  ? 1885 ILE A O   1 
ATOM   717 C CB  . ILE A 1 92  ? 12.154  0.917   0.424   1.00 46.38  ? 1885 ILE A CB  1 
ATOM   718 C CG1 . ILE A 1 92  ? 13.495  0.595   -0.239  1.00 45.68  ? 1885 ILE A CG1 1 
ATOM   719 C CG2 . ILE A 1 92  ? 12.346  1.902   1.565   1.00 42.97  ? 1885 ILE A CG2 1 
ATOM   720 C CD1 . ILE A 1 92  ? 14.178  1.796   -0.865  1.00 43.50  ? 1885 ILE A CD1 1 
ATOM   721 N N   . MET A 1 93  ? 9.100   0.166   0.913   1.00 51.70  ? 1886 MET A N   1 
ATOM   722 C CA  . MET A 1 93  ? 7.811   0.427   1.544   1.00 53.87  ? 1886 MET A CA  1 
ATOM   723 C C   . MET A 1 93  ? 7.229   -0.827  2.180   1.00 53.06  ? 1886 MET A C   1 
ATOM   724 O O   . MET A 1 93  ? 6.547   -0.738  3.207   1.00 55.99  ? 1886 MET A O   1 
ATOM   725 C CB  . MET A 1 93  ? 6.829   1.007   0.526   1.00 50.96  ? 1886 MET A CB  1 
ATOM   726 C CG  . MET A 1 93  ? 7.122   2.439   0.133   1.00 53.90  ? 1886 MET A CG  1 
ATOM   727 S SD  . MET A 1 93  ? 7.345   3.509   1.566   1.00 51.04  ? 1886 MET A SD  1 
ATOM   728 C CE  . MET A 1 93  ? 5.772   3.313   2.401   1.00 52.59  ? 1886 MET A CE  1 
ATOM   729 N N   . ARG A 1 94  ? 7.482   -1.997  1.591   1.00 48.50  ? 1887 ARG A N   1 
ATOM   730 C CA  . ARG A 1 94  ? 6.958   -3.233  2.160   1.00 48.98  ? 1887 ARG A CA  1 
ATOM   731 C C   . ARG A 1 94  ? 7.692   -3.596  3.445   1.00 52.57  ? 1887 ARG A C   1 
ATOM   732 O O   . ARG A 1 94  ? 7.067   -3.971  4.444   1.00 54.47  ? 1887 ARG A O   1 
ATOM   733 C CB  . ARG A 1 94  ? 7.056   -4.364  1.136   1.00 47.67  ? 1887 ARG A CB  1 
ATOM   734 C CG  . ARG A 1 94  ? 6.476   -5.681  1.620   1.00 50.06  ? 1887 ARG A CG  1 
ATOM   735 C CD  . ARG A 1 94  ? 6.704   -6.785  0.604   1.00 45.24  ? 1887 ARG A CD  1 
ATOM   736 N NE  . ARG A 1 94  ? 8.087   -6.806  0.139   1.00 49.90  ? 1887 ARG A NE  1 
ATOM   737 C CZ  . ARG A 1 94  ? 9.095   -7.346  0.816   1.00 54.73  ? 1887 ARG A CZ  1 
ATOM   738 N NH1 . ARG A 1 94  ? 8.879   -7.913  1.996   1.00 53.10  ? 1887 ARG A NH1 1 
ATOM   739 N NH2 . ARG A 1 94  ? 10.321  -7.317  0.315   1.00 52.48  ? 1887 ARG A NH2 1 
ATOM   740 N N   . ARG A 1 95  ? 9.023   -3.484  3.441   1.00 51.69  ? 1888 ARG A N   1 
ATOM   741 C CA  . ARG A 1 95  ? 9.789   -3.783  4.647   1.00 52.59  ? 1888 ARG A CA  1 
ATOM   742 C C   . ARG A 1 95  ? 9.511   -2.774  5.752   1.00 59.95  ? 1888 ARG A C   1 
ATOM   743 O O   . ARG A 1 95  ? 9.563   -3.123  6.937   1.00 62.42  ? 1888 ARG A O   1 
ATOM   744 C CB  . ARG A 1 95  ? 11.284  -3.823  4.331   1.00 44.17  ? 1888 ARG A CB  1 
ATOM   745 C CG  . ARG A 1 95  ? 11.719  -5.041  3.538   1.00 46.45  ? 1888 ARG A CG  1 
ATOM   746 C CD  . ARG A 1 95  ? 13.234  -5.146  3.475   1.00 42.00  ? 1888 ARG A CD  1 
ATOM   747 N NE  . ARG A 1 95  ? 13.838  -3.988  2.824   1.00 41.28  ? 1888 ARG A NE  1 
ATOM   748 C CZ  . ARG A 1 95  ? 14.173  -3.942  1.538   1.00 44.84  ? 1888 ARG A CZ  1 
ATOM   749 N NH1 . ARG A 1 95  ? 13.966  -4.996  0.760   1.00 39.75  ? 1888 ARG A NH1 1 
ATOM   750 N NH2 . ARG A 1 95  ? 14.716  -2.844  1.030   1.00 49.94  ? 1888 ARG A NH2 1 
ATOM   751 N N   . PHE A 1 96  ? 9.219   -1.523  5.388   1.00 61.35  ? 1889 PHE A N   1 
ATOM   752 C CA  . PHE A 1 96  ? 8.840   -0.535  6.393   1.00 56.63  ? 1889 PHE A CA  1 
ATOM   753 C C   . PHE A 1 96  ? 7.507   -0.891  7.036   1.00 58.70  ? 1889 PHE A C   1 
ATOM   754 O O   . PHE A 1 96  ? 7.319   -0.694  8.241   1.00 60.48  ? 1889 PHE A O   1 
ATOM   755 C CB  . PHE A 1 96  ? 8.778   0.859   5.764   1.00 55.29  ? 1889 PHE A CB  1 
ATOM   756 C CG  . PHE A 1 96  ? 8.290   1.930   6.703   1.00 60.06  ? 1889 PHE A CG  1 
ATOM   757 C CD1 . PHE A 1 96  ? 9.174   2.590   7.541   1.00 58.38  ? 1889 PHE A CD1 1 
ATOM   758 C CD2 . PHE A 1 96  ? 6.948   2.282   6.743   1.00 56.84  ? 1889 PHE A CD2 1 
ATOM   759 C CE1 . PHE A 1 96  ? 8.730   3.575   8.404   1.00 57.15  ? 1889 PHE A CE1 1 
ATOM   760 C CE2 . PHE A 1 96  ? 6.500   3.264   7.606   1.00 58.65  ? 1889 PHE A CE2 1 
ATOM   761 C CZ  . PHE A 1 96  ? 7.392   3.912   8.435   1.00 64.14  ? 1889 PHE A CZ  1 
ATOM   762 N N   . PHE A 1 97  ? 6.570   -1.421  6.247   1.00 60.32  ? 1890 PHE A N   1 
ATOM   763 C CA  . PHE A 1 97  ? 5.245   -1.724  6.776   1.00 59.80  ? 1890 PHE A CA  1 
ATOM   764 C C   . PHE A 1 97  ? 5.278   -2.942  7.691   1.00 64.36  ? 1890 PHE A C   1 
ATOM   765 O O   . PHE A 1 97  ? 4.731   -2.911  8.799   1.00 71.10  ? 1890 PHE A O   1 
ATOM   766 C CB  . PHE A 1 97  ? 4.255   -1.935  5.631   1.00 53.34  ? 1890 PHE A CB  1 
ATOM   767 C CG  . PHE A 1 97  ? 2.909   -2.424  6.081   1.00 54.81  ? 1890 PHE A CG  1 
ATOM   768 C CD1 . PHE A 1 97  ? 2.005   -1.557  6.673   1.00 57.00  ? 1890 PHE A CD1 1 
ATOM   769 C CD2 . PHE A 1 97  ? 2.552   -3.753  5.925   1.00 56.44  ? 1890 PHE A CD2 1 
ATOM   770 C CE1 . PHE A 1 97  ? 0.767   -2.007  7.094   1.00 61.42  ? 1890 PHE A CE1 1 
ATOM   771 C CE2 . PHE A 1 97  ? 1.317   -4.207  6.342   1.00 62.23  ? 1890 PHE A CE2 1 
ATOM   772 C CZ  . PHE A 1 97  ? 0.424   -3.334  6.929   1.00 66.16  ? 1890 PHE A CZ  1 
ATOM   773 N N   . GLU A 1 98  ? 5.916   -4.028  7.242   1.00 64.29  ? 1891 GLU A N   1 
ATOM   774 C CA  . GLU A 1 98  ? 5.927   -5.255  8.031   1.00 62.99  ? 1891 GLU A CA  1 
ATOM   775 C C   . GLU A 1 98  ? 6.641   -5.066  9.364   1.00 70.22  ? 1891 GLU A C   1 
ATOM   776 O O   . GLU A 1 98  ? 6.270   -5.700  10.358  1.00 74.97  ? 1891 GLU A O   1 
ATOM   777 C CB  . GLU A 1 98  ? 6.574   -6.389  7.236   1.00 57.15  ? 1891 GLU A CB  1 
ATOM   778 C CG  . GLU A 1 98  ? 5.741   -6.873  6.062   1.00 65.95  ? 1891 GLU A CG  1 
ATOM   779 C CD  . GLU A 1 98  ? 6.392   -8.019  5.312   1.00 72.85  ? 1891 GLU A CD  1 
ATOM   780 O OE1 . GLU A 1 98  ? 7.511   -8.418  5.693   1.00 81.74  ? 1891 GLU A OE1 1 
ATOM   781 O OE2 . GLU A 1 98  ? 5.784   -8.521  4.342   1.00 67.12  ? 1891 GLU A OE2 1 
ATOM   782 N N   . SER A 1 99  ? 7.660   -4.206  9.409   1.00 68.67  ? 1892 SER A N   1 
ATOM   783 C CA  . SER A 1 99  ? 8.327   -3.930  10.677  1.00 67.50  ? 1892 SER A CA  1 
ATOM   784 C C   . SER A 1 99  ? 7.473   -3.027  11.557  1.00 71.11  ? 1892 SER A C   1 
ATOM   785 O O   . SER A 1 99  ? 7.345   -3.266  12.762  1.00 76.19  ? 1892 SER A O   1 
ATOM   786 C CB  . SER A 1 99  ? 9.699   -3.302  10.431  1.00 66.04  ? 1892 SER A CB  1 
ATOM   787 O OG  . SER A 1 99  ? 9.581   -1.932  10.096  1.00 69.50  ? 1892 SER A OG  1 
ATOM   788 N N   . ARG A 1 100 ? 6.875   -1.987  10.968  1.00 72.18  ? 1893 ARG A N   1 
ATOM   789 C CA  . ARG A 1 100 ? 6.023   -1.087  11.736  1.00 73.45  ? 1893 ARG A CA  1 
ATOM   790 C C   . ARG A 1 100 ? 4.741   -1.775  12.188  1.00 74.27  ? 1893 ARG A C   1 
ATOM   791 O O   . ARG A 1 100 ? 4.215   -1.455  13.260  1.00 80.62  ? 1893 ARG A O   1 
ATOM   792 C CB  . ARG A 1 100 ? 5.699   0.155   10.904  1.00 71.41  ? 1893 ARG A CB  1 
ATOM   793 C CG  . ARG A 1 100 ? 5.397   1.401   11.720  1.00 72.67  ? 1893 ARG A CG  1 
ATOM   794 C CD  . ARG A 1 100 ? 6.610   1.850   12.525  1.00 75.92  ? 1893 ARG A CD  1 
ATOM   795 N NE  . ARG A 1 100 ? 6.490   3.237   12.968  1.00 80.08  ? 1893 ARG A NE  1 
ATOM   796 C CZ  . ARG A 1 100 ? 5.870   3.618   14.080  1.00 83.65  ? 1893 ARG A CZ  1 
ATOM   797 N NH1 . ARG A 1 100 ? 5.304   2.716   14.870  1.00 79.33  ? 1893 ARG A NH1 1 
ATOM   798 N NH2 . ARG A 1 100 ? 5.811   4.904   14.402  1.00 87.68  ? 1893 ARG A NH2 1 
ATOM   799 N N   . TRP A 1 101 ? 4.220   -2.707  11.383  1.00 72.58  ? 1894 TRP A N   1 
ATOM   800 C CA  . TRP A 1 101 ? 3.087   -3.522  11.805  1.00 77.90  ? 1894 TRP A CA  1 
ATOM   801 C C   . TRP A 1 101 ? 3.480   -4.503  12.901  1.00 80.52  ? 1894 TRP A C   1 
ATOM   802 O O   . TRP A 1 101 ? 2.621   -4.935  13.676  1.00 85.88  ? 1894 TRP A O   1 
ATOM   803 C CB  . TRP A 1 101 ? 2.509   -4.273  10.601  1.00 74.69  ? 1894 TRP A CB  1 
ATOM   804 C CG  . TRP A 1 101 ? 1.211   -4.969  10.864  1.00 76.94  ? 1894 TRP A CG  1 
ATOM   805 C CD1 . TRP A 1 101 ? 1.031   -6.287  11.169  1.00 82.03  ? 1894 TRP A CD1 1 
ATOM   806 C CD2 . TRP A 1 101 ? -0.094  -4.382  10.840  1.00 76.28  ? 1894 TRP A CD2 1 
ATOM   807 N NE1 . TRP A 1 101 ? -0.305  -6.556  11.336  1.00 83.41  ? 1894 TRP A NE1 1 
ATOM   808 C CE2 . TRP A 1 101 ? -1.018  -5.402  11.140  1.00 79.04  ? 1894 TRP A CE2 1 
ATOM   809 C CE3 . TRP A 1 101 ? -0.571  -3.092  10.593  1.00 74.33  ? 1894 TRP A CE3 1 
ATOM   810 C CZ2 . TRP A 1 101 ? -2.390  -5.171  11.202  1.00 81.19  ? 1894 TRP A CZ2 1 
ATOM   811 C CZ3 . TRP A 1 101 ? -1.931  -2.865  10.656  1.00 78.04  ? 1894 TRP A CZ3 1 
ATOM   812 C CH2 . TRP A 1 101 ? -2.825  -3.898  10.957  1.00 82.12  ? 1894 TRP A CH2 1 
ATOM   813 N N   . GLU A 1 102 ? 4.765   -4.846  12.986  1.00 81.24  ? 1895 GLU A N   1 
ATOM   814 C CA  . GLU A 1 102 ? 5.244   -5.749  14.021  1.00 85.45  ? 1895 GLU A CA  1 
ATOM   815 C C   . GLU A 1 102 ? 5.334   -5.063  15.381  1.00 87.79  ? 1895 GLU A C   1 
ATOM   816 O O   . GLU A 1 102 ? 5.193   -5.724  16.416  1.00 87.66  ? 1895 GLU A O   1 
ATOM   817 C CB  . GLU A 1 102 ? 6.607   -6.312  13.610  1.00 87.85  ? 1895 GLU A CB  1 
ATOM   818 C CG  . GLU A 1 102 ? 7.263   -7.238  14.623  1.00 98.06  ? 1895 GLU A CG  1 
ATOM   819 C CD  . GLU A 1 102 ? 8.672   -7.629  14.218  1.00 95.08  ? 1895 GLU A CD  1 
ATOM   820 O OE1 . GLU A 1 102 ? 9.283   -6.899  13.410  1.00 81.95  ? 1895 GLU A OE1 1 
ATOM   821 O OE2 . GLU A 1 102 ? 9.166   -8.669  14.702  1.00 96.58  ? 1895 GLU A OE2 1 
ATOM   822 N N   . GLU A 1 103 ? 5.550   -3.745  15.403  1.00 85.45  ? 1896 GLU A N   1 
ATOM   823 C CA  . GLU A 1 103 ? 5.734   -3.017  16.657  1.00 85.60  ? 1896 GLU A CA  1 
ATOM   824 C C   . GLU A 1 103 ? 4.438   -2.814  17.432  1.00 92.53  ? 1896 GLU A C   1 
ATOM   825 O O   . GLU A 1 103 ? 4.453   -2.114  18.454  1.00 102.69 ? 1896 GLU A O   1 
ATOM   826 C CB  . GLU A 1 103 ? 6.394   -1.659  16.391  1.00 84.07  ? 1896 GLU A CB  1 
ATOM   827 C CG  . GLU A 1 103 ? 7.676   -1.737  15.562  1.00 85.34  ? 1896 GLU A CG  1 
ATOM   828 C CD  . GLU A 1 103 ? 8.375   -0.400  15.409  1.00 86.85  ? 1896 GLU A CD  1 
ATOM   829 O OE1 . GLU A 1 103 ? 8.142   0.494   16.246  1.00 100.17 ? 1896 GLU A OE1 1 
ATOM   830 O OE2 . GLU A 1 103 ? 9.156   -0.245  14.448  1.00 83.17  ? 1896 GLU A OE2 1 
ATOM   831 N N   . PHE A 1 104 ? 3.331   -3.409  16.992  1.00 90.23  ? 1897 PHE A N   1 
ATOM   832 C CA  . PHE A 1 104 ? 2.066   -3.261  17.700  1.00 96.66  ? 1897 PHE A CA  1 
ATOM   833 C C   . PHE A 1 104 ? 1.394   -4.615  17.872  1.00 100.78 ? 1897 PHE A C   1 
ATOM   834 O O   . PHE A 1 104 ? 0.654   -4.827  18.835  1.00 104.78 ? 1897 PHE A O   1 
ATOM   835 C CB  . PHE A 1 104 ? 1.136   -2.298  16.955  1.00 96.90  ? 1897 PHE A CB  1 
ATOM   836 C CG  . PHE A 1 104 ? 0.232   -1.494  17.859  1.00 105.34 ? 1897 PHE A CG  1 
ATOM   837 C CD1 . PHE A 1 104 ? 0.764   -0.698  18.866  1.00 100.74 ? 1897 PHE A CD1 1 
ATOM   838 C CD2 . PHE A 1 104 ? -1.146  -1.508  17.685  1.00 108.10 ? 1897 PHE A CD2 1 
ATOM   839 C CE1 . PHE A 1 104 ? -0.063  0.056   19.694  1.00 97.70  ? 1897 PHE A CE1 1 
ATOM   840 C CE2 . PHE A 1 104 ? -1.976  -0.753  18.515  1.00 112.20 ? 1897 PHE A CE2 1 
ATOM   841 C CZ  . PHE A 1 104 ? -1.429  0.021   19.519  1.00 99.96  ? 1897 PHE A CZ  1 
ATOM   842 N N   . TYR A 1 105 ? 1.641   -5.527  16.939  1.00 103.43 ? 1898 TYR A N   1 
ATOM   843 C CA  . TYR A 1 105 ? 1.004   -6.831  16.957  1.00 98.64  ? 1898 TYR A CA  1 
ATOM   844 C C   . TYR A 1 105 ? 2.063   -7.923  16.864  1.00 93.79  ? 1898 TYR A C   1 
ATOM   845 O O   . TYR A 1 105 ? 2.862   -8.103  17.783  1.00 95.58  ? 1898 TYR A O   1 
ATOM   846 C CB  . TYR A 1 105 ? -0.003  -6.949  15.805  1.00 97.67  ? 1898 TYR A CB  1 
ATOM   847 C CG  . TYR A 1 105 ? -0.923  -5.747  15.671  1.00 102.15 ? 1898 TYR A CG  1 
ATOM   848 C CD1 . TYR A 1 105 ? -2.085  -5.647  16.427  1.00 108.10 ? 1898 TYR A CD1 1 
ATOM   849 C CD2 . TYR A 1 105 ? -0.633  -4.717  14.782  1.00 97.20  ? 1898 TYR A CD2 1 
ATOM   850 C CE1 . TYR A 1 105 ? -2.928  -4.552  16.307  1.00 107.92 ? 1898 TYR A CE1 1 
ATOM   851 C CE2 . TYR A 1 105 ? -1.470  -3.620  14.655  1.00 101.14 ? 1898 TYR A CE2 1 
ATOM   852 C CZ  . TYR A 1 105 ? -2.614  -3.542  15.420  1.00 104.80 ? 1898 TYR A CZ  1 
ATOM   853 O OH  . TYR A 1 105 ? -3.451  -2.456  15.300  1.00 104.15 ? 1898 TYR A OH  1 
HETATM 854 C C13 . D9Q B 2 .   ? 3.922   7.985   -10.416 1.00 69.07  ? 1901 D9Q A C13 1 
HETATM 855 C C15 . D9Q B 2 .   ? 5.459   9.558   -10.854 1.00 79.56  ? 1901 D9Q A C15 1 
HETATM 856 C C17 . D9Q B 2 .   ? 4.270   11.281  -10.054 1.00 86.59  ? 1901 D9Q A C17 1 
HETATM 857 C C01 . D9Q B 2 .   ? 2.728   1.222   -8.214  1.00 44.32  ? 1901 D9Q A C01 1 
HETATM 858 C C03 . D9Q B 2 .   ? 3.623   2.845   -9.964  1.00 44.92  ? 1901 D9Q A C03 1 
HETATM 859 C C04 . D9Q B 2 .   ? 4.191   3.094   -11.361 1.00 43.71  ? 1901 D9Q A C04 1 
HETATM 860 C C05 . D9Q B 2 .   ? 4.389   1.953   -12.301 1.00 41.47  ? 1901 D9Q A C05 1 
HETATM 861 C C06 . D9Q B 2 .   ? 4.033   0.569   -11.874 1.00 40.51  ? 1901 D9Q A C06 1 
HETATM 862 C C07 . D9Q B 2 .   ? 3.465   0.325   -10.477 1.00 41.58  ? 1901 D9Q A C07 1 
HETATM 863 C C09 . D9Q B 2 .   ? 4.554   4.509   -11.799 1.00 55.62  ? 1901 D9Q A C09 1 
HETATM 864 C C12 . D9Q B 2 .   ? 4.576   6.981   -11.362 1.00 72.92  ? 1901 D9Q A C12 1 
HETATM 865 C C16 . D9Q B 2 .   ? 5.473   10.955  -10.198 1.00 84.81  ? 1901 D9Q A C16 1 
HETATM 866 C C18 . D9Q B 2 .   ? 3.429   9.899   -10.017 1.00 74.37  ? 1901 D9Q A C18 1 
HETATM 867 N N02 . D9Q B 2 .   ? 3.268   1.464   -9.540  1.00 46.63  ? 1901 D9Q A N02 1 
HETATM 868 N N11 . D9Q B 2 .   ? 4.236   5.635   -10.943 1.00 61.86  ? 1901 D9Q A N11 1 
HETATM 869 N N14 . D9Q B 2 .   ? 4.016   9.107   -10.824 1.00 75.98  ? 1901 D9Q A N14 1 
HETATM 870 O O08 . D9Q B 2 .   ? 3.181   -0.774  -10.137 1.00 44.45  ? 1901 D9Q A O08 1 
HETATM 871 O O10 . D9Q B 2 .   ? 5.097   4.686   -12.836 1.00 56.97  ? 1901 D9Q A O10 1 
HETATM 872 O O   . HOH C 3 .   ? 0.393   3.379   -7.175  1.00 54.90  ? 2001 HOH A O   1 
HETATM 873 O O   . HOH C 3 .   ? -3.326  9.116   0.886   1.00 48.94  ? 2002 HOH A O   1 
HETATM 874 O O   . HOH C 3 .   ? 1.743   -2.129  -8.589  1.00 50.56  ? 2003 HOH A O   1 
HETATM 875 O O   . HOH C 3 .   ? 1.510   -1.341  -5.824  1.00 53.77  ? 2004 HOH A O   1 
HETATM 876 O O   . HOH C 3 .   ? 8.611   -1.163  -13.389 1.00 43.73  ? 2005 HOH A O   1 
HETATM 877 O O   . HOH C 3 .   ? -2.495  -1.081  -7.333  1.00 51.11  ? 2006 HOH A O   1 
HETATM 878 O O   . HOH C 3 .   ? -2.866  12.233  4.029   1.00 54.64  ? 2007 HOH A O   1 
HETATM 879 O O   . HOH C 3 .   ? -0.244  0.742   -6.260  1.00 48.31  ? 2008 HOH A O   1 
HETATM 880 O O   . HOH C 3 .   ? -3.348  -4.314  -19.881 1.00 52.53  ? 2009 HOH A O   1 
HETATM 881 O O   . HOH C 3 .   ? -11.198 2.494   -17.840 1.00 53.90  ? 2010 HOH A O   1 
HETATM 882 O O   . HOH C 3 .   ? 10.120  -3.246  -14.351 1.00 55.45  ? 2011 HOH A O   1 
HETATM 883 O O   . HOH C 3 .   ? 14.788  -0.878  3.714   1.00 39.51  ? 2012 HOH A O   1 
HETATM 884 O O   . HOH C 3 .   ? 0.734   6.144   -13.167 1.00 52.57  ? 2013 HOH A O   1 
# 
